data_4QEM
# 
_entry.id   4QEM 
# 
_audit_conform.dict_name       mmcif_pdbx.dic 
_audit_conform.dict_version    5.381 
_audit_conform.dict_location   http://mmcif.pdb.org/dictionaries/ascii/mmcif_pdbx.dic 
# 
loop_
_database_2.database_id 
_database_2.database_code 
_database_2.pdbx_database_accession 
_database_2.pdbx_DOI 
PDB   4QEM         pdb_00004qem 10.2210/pdb4qem/pdb 
RCSB  RCSB085957   ?            ?                   
WWPDB D_1000085957 ?            ?                   
# 
loop_
_pdbx_database_related.db_name 
_pdbx_database_related.db_id 
_pdbx_database_related.details 
_pdbx_database_related.content_type 
PDB 4EIX . unspecified 
PDB 4QER . unspecified 
PDB 4QF7 . unspecified 
PDB 4QF8 . unspecified 
PDB 4QGD . unspecified 
# 
_pdbx_database_status.status_code                     REL 
_pdbx_database_status.entry_id                        4QEM 
_pdbx_database_status.recvd_initial_deposition_date   2014-05-17 
_pdbx_database_status.deposit_site                    RCSB 
_pdbx_database_status.process_site                    PDBJ 
_pdbx_database_status.methods_development_category    ? 
_pdbx_database_status.status_code_sf                  REL 
_pdbx_database_status.status_code_mr                  ? 
_pdbx_database_status.SG_entry                        ? 
_pdbx_database_status.status_code_cs                  ? 
_pdbx_database_status.pdb_format_compatible           Y 
_pdbx_database_status.status_code_nmr_data            ? 
# 
loop_
_audit_author.name 
_audit_author.pdbx_ordinal 
'Shukla, P.K.' 1 
'Tiwari, P.'   2 
'Sinha, M.'    3 
'Kaur, P.'     4 
'Sharma, S.'   5 
'Singh, T.P.'  6 
# 
_citation.id                        primary 
_citation.title                     'Structures and binding studies of the complexes of phospholipase A2 with five inhibitors' 
_citation.journal_abbrev            Biochim.Biophys.Acta 
_citation.journal_volume            1854 
_citation.page_first                269 
_citation.page_last                 277 
_citation.year                      2015 
_citation.journal_id_ASTM           BBACAQ 
_citation.country                   NE 
_citation.journal_id_ISSN           0006-3002 
_citation.journal_id_CSD            0113 
_citation.book_publisher            ? 
_citation.pdbx_database_id_PubMed   25541253 
_citation.pdbx_database_id_DOI      10.1016/j.bbapap.2014.12.017 
# 
loop_
_citation_author.citation_id 
_citation_author.name 
_citation_author.ordinal 
_citation_author.identifier_ORCID 
primary 'Shukla, P.K.' 1 ? 
primary 'Gautam, L.'   2 ? 
primary 'Sinha, M.'    3 ? 
primary 'Kaur, P.'     4 ? 
primary 'Sharma, S.'   5 ? 
primary 'Singh, T.P.'  6 ? 
# 
_cell.entry_id           4QEM 
_cell.length_a           52.290 
_cell.length_b           52.290 
_cell.length_c           47.250 
_cell.angle_alpha        90.00 
_cell.angle_beta         90.00 
_cell.angle_gamma        90.00 
_cell.Z_PDB              4 
_cell.pdbx_unique_axis   ? 
_cell.length_a_esd       ? 
_cell.length_b_esd       ? 
_cell.length_c_esd       ? 
_cell.angle_alpha_esd    ? 
_cell.angle_beta_esd     ? 
_cell.angle_gamma_esd    ? 
# 
_symmetry.entry_id                         4QEM 
_symmetry.space_group_name_H-M             'P 43' 
_symmetry.pdbx_full_space_group_name_H-M   ? 
_symmetry.cell_setting                     ? 
_symmetry.Int_Tables_number                78 
_symmetry.space_group_name_Hall            ? 
# 
loop_
_entity.id 
_entity.type 
_entity.src_method 
_entity.pdbx_description 
_entity.formula_weight 
_entity.pdbx_number_of_molecules 
_entity.pdbx_ec 
_entity.pdbx_mutation 
_entity.pdbx_fragment 
_entity.details 
1 polymer     nat 'Phospholipase A2 VRV-PL-VIIIa' 13629.767 1   3.1.1.4 ? ? ? 
2 non-polymer syn 'SULFATE ION'                   96.063    1   ?       ? ? ? 
3 non-polymer syn 
;4'-HYDROXYCINNAMIC ACID
;
164.158   1   ?       ? ? ? 
4 water       nat water                           18.015    272 ?       ? ? ? 
# 
_entity_poly.entity_id                      1 
_entity_poly.type                           'polypeptide(L)' 
_entity_poly.nstd_linkage                   no 
_entity_poly.nstd_monomer                   no 
_entity_poly.pdbx_seq_one_letter_code       
;SLLEFGKMILEETGKLAIPSYSSYGCYCGWGGKGTPKDATDRCCFVHDCCYGNLPDCNPKSDRYKYKRVNGAIVCEKGTS
CENRICECDKAAAICFRQNLNTYSKKYMLYPDFLCKGELKC
;
_entity_poly.pdbx_seq_one_letter_code_can   
;SLLEFGKMILEETGKLAIPSYSSYGCYCGWGGKGTPKDATDRCCFVHDCCYGNLPDCNPKSDRYKYKRVNGAIVCEKGTS
CENRICECDKAAAICFRQNLNTYSKKYMLYPDFLCKGELKC
;
_entity_poly.pdbx_strand_id                 A 
_entity_poly.pdbx_target_identifier         ? 
# 
loop_
_entity_poly_seq.entity_id 
_entity_poly_seq.num 
_entity_poly_seq.mon_id 
_entity_poly_seq.hetero 
1 1   SER n 
1 2   LEU n 
1 3   LEU n 
1 4   GLU n 
1 5   PHE n 
1 6   GLY n 
1 7   LYS n 
1 8   MET n 
1 9   ILE n 
1 10  LEU n 
1 11  GLU n 
1 12  GLU n 
1 13  THR n 
1 14  GLY n 
1 15  LYS n 
1 16  LEU n 
1 17  ALA n 
1 18  ILE n 
1 19  PRO n 
1 20  SER n 
1 21  TYR n 
1 22  SER n 
1 23  SER n 
1 24  TYR n 
1 25  GLY n 
1 26  CYS n 
1 27  TYR n 
1 28  CYS n 
1 29  GLY n 
1 30  TRP n 
1 31  GLY n 
1 32  GLY n 
1 33  LYS n 
1 34  GLY n 
1 35  THR n 
1 36  PRO n 
1 37  LYS n 
1 38  ASP n 
1 39  ALA n 
1 40  THR n 
1 41  ASP n 
1 42  ARG n 
1 43  CYS n 
1 44  CYS n 
1 45  PHE n 
1 46  VAL n 
1 47  HIS n 
1 48  ASP n 
1 49  CYS n 
1 50  CYS n 
1 51  TYR n 
1 52  GLY n 
1 53  ASN n 
1 54  LEU n 
1 55  PRO n 
1 56  ASP n 
1 57  CYS n 
1 58  ASN n 
1 59  PRO n 
1 60  LYS n 
1 61  SER n 
1 62  ASP n 
1 63  ARG n 
1 64  TYR n 
1 65  LYS n 
1 66  TYR n 
1 67  LYS n 
1 68  ARG n 
1 69  VAL n 
1 70  ASN n 
1 71  GLY n 
1 72  ALA n 
1 73  ILE n 
1 74  VAL n 
1 75  CYS n 
1 76  GLU n 
1 77  LYS n 
1 78  GLY n 
1 79  THR n 
1 80  SER n 
1 81  CYS n 
1 82  GLU n 
1 83  ASN n 
1 84  ARG n 
1 85  ILE n 
1 86  CYS n 
1 87  GLU n 
1 88  CYS n 
1 89  ASP n 
1 90  LYS n 
1 91  ALA n 
1 92  ALA n 
1 93  ALA n 
1 94  ILE n 
1 95  CYS n 
1 96  PHE n 
1 97  ARG n 
1 98  GLN n 
1 99  ASN n 
1 100 LEU n 
1 101 ASN n 
1 102 THR n 
1 103 TYR n 
1 104 SER n 
1 105 LYS n 
1 106 LYS n 
1 107 TYR n 
1 108 MET n 
1 109 LEU n 
1 110 TYR n 
1 111 PRO n 
1 112 ASP n 
1 113 PHE n 
1 114 LEU n 
1 115 CYS n 
1 116 LYS n 
1 117 GLY n 
1 118 GLU n 
1 119 LEU n 
1 120 LYS n 
1 121 CYS n 
# 
_entity_src_nat.entity_id                  1 
_entity_src_nat.pdbx_src_id                1 
_entity_src_nat.pdbx_alt_source_flag       sample 
_entity_src_nat.pdbx_beg_seq_num           ? 
_entity_src_nat.pdbx_end_seq_num           ? 
_entity_src_nat.common_name                ? 
_entity_src_nat.pdbx_organism_scientific   'Daboia russellii pulchella' 
_entity_src_nat.pdbx_ncbi_taxonomy_id      97228 
_entity_src_nat.genus                      ? 
_entity_src_nat.species                    ? 
_entity_src_nat.strain                     ? 
_entity_src_nat.tissue                     ? 
_entity_src_nat.tissue_fraction            ? 
_entity_src_nat.pdbx_secretion             ? 
_entity_src_nat.pdbx_fragment              ? 
_entity_src_nat.pdbx_variant               ? 
_entity_src_nat.pdbx_cell_line             ? 
_entity_src_nat.pdbx_atcc                  ? 
_entity_src_nat.pdbx_cellular_location     ? 
_entity_src_nat.pdbx_organ                 ? 
_entity_src_nat.pdbx_organelle             ? 
_entity_src_nat.pdbx_cell                  ? 
_entity_src_nat.pdbx_plasmid_name          ? 
_entity_src_nat.pdbx_plasmid_details       ? 
_entity_src_nat.details                    ? 
# 
_struct_ref.id                         1 
_struct_ref.db_name                    UNP 
_struct_ref.db_code                    D0VX11_9SAUR 
_struct_ref.pdbx_db_accession          D0VX11 
_struct_ref.entity_id                  1 
_struct_ref.pdbx_seq_one_letter_code   
;SLLEFGKMILEETGKLAIPSYSSYGCYCGWGGKGTPKDATDRCCFVHDCCYGNLPDCNPKSDRYKYKRVNGAIVCEKGTS
CENRICECDKAAAICFRQNLNTYSKKYMLYPDFLCKGELKC
;
_struct_ref.pdbx_align_begin           1 
_struct_ref.pdbx_db_isoform            ? 
# 
_struct_ref_seq.align_id                      1 
_struct_ref_seq.ref_id                        1 
_struct_ref_seq.pdbx_PDB_id_code              4QEM 
_struct_ref_seq.pdbx_strand_id                A 
_struct_ref_seq.seq_align_beg                 1 
_struct_ref_seq.pdbx_seq_align_beg_ins_code   ? 
_struct_ref_seq.seq_align_end                 121 
_struct_ref_seq.pdbx_seq_align_end_ins_code   ? 
_struct_ref_seq.pdbx_db_accession             D0VX11 
_struct_ref_seq.db_align_beg                  1 
_struct_ref_seq.pdbx_db_align_beg_ins_code    ? 
_struct_ref_seq.db_align_end                  121 
_struct_ref_seq.pdbx_db_align_end_ins_code    ? 
_struct_ref_seq.pdbx_auth_seq_align_beg       1 
_struct_ref_seq.pdbx_auth_seq_align_end       133 
# 
loop_
_chem_comp.id 
_chem_comp.type 
_chem_comp.mon_nstd_flag 
_chem_comp.name 
_chem_comp.pdbx_synonyms 
_chem_comp.formula 
_chem_comp.formula_weight 
ALA 'L-peptide linking' y ALANINE                   ?                    'C3 H7 N O2'     89.093  
ARG 'L-peptide linking' y ARGININE                  ?                    'C6 H15 N4 O2 1' 175.209 
ASN 'L-peptide linking' y ASPARAGINE                ?                    'C4 H8 N2 O3'    132.118 
ASP 'L-peptide linking' y 'ASPARTIC ACID'           ?                    'C4 H7 N O4'     133.103 
CYS 'L-peptide linking' y CYSTEINE                  ?                    'C3 H7 N O2 S'   121.158 
GLN 'L-peptide linking' y GLUTAMINE                 ?                    'C5 H10 N2 O3'   146.144 
GLU 'L-peptide linking' y 'GLUTAMIC ACID'           ?                    'C5 H9 N O4'     147.129 
GLY 'peptide linking'   y GLYCINE                   ?                    'C2 H5 N O2'     75.067  
HC4 non-polymer         . 
;4'-HYDROXYCINNAMIC ACID
;
'PARA-COUMARIC ACID' 'C9 H8 O3'       164.158 
HIS 'L-peptide linking' y HISTIDINE                 ?                    'C6 H10 N3 O2 1' 156.162 
HOH non-polymer         . WATER                     ?                    'H2 O'           18.015  
ILE 'L-peptide linking' y ISOLEUCINE                ?                    'C6 H13 N O2'    131.173 
LEU 'L-peptide linking' y LEUCINE                   ?                    'C6 H13 N O2'    131.173 
LYS 'L-peptide linking' y LYSINE                    ?                    'C6 H15 N2 O2 1' 147.195 
MET 'L-peptide linking' y METHIONINE                ?                    'C5 H11 N O2 S'  149.211 
PHE 'L-peptide linking' y PHENYLALANINE             ?                    'C9 H11 N O2'    165.189 
PRO 'L-peptide linking' y PROLINE                   ?                    'C5 H9 N O2'     115.130 
SER 'L-peptide linking' y SERINE                    ?                    'C3 H7 N O3'     105.093 
SO4 non-polymer         . 'SULFATE ION'             ?                    'O4 S -2'        96.063  
THR 'L-peptide linking' y THREONINE                 ?                    'C4 H9 N O3'     119.119 
TRP 'L-peptide linking' y TRYPTOPHAN                ?                    'C11 H12 N2 O2'  204.225 
TYR 'L-peptide linking' y TYROSINE                  ?                    'C9 H11 N O3'    181.189 
VAL 'L-peptide linking' y VALINE                    ?                    'C5 H11 N O2'    117.146 
# 
_exptl.entry_id          4QEM 
_exptl.method            'X-RAY DIFFRACTION' 
_exptl.crystals_number   1 
# 
_exptl_crystal.id                    1 
_exptl_crystal.density_meas          ? 
_exptl_crystal.density_Matthews      2.37 
_exptl_crystal.density_percent_sol   48.09 
_exptl_crystal.description           ? 
_exptl_crystal.F_000                 ? 
_exptl_crystal.preparation           ? 
# 
_exptl_crystal_grow.crystal_id      1 
_exptl_crystal_grow.method          'VAPOR DIFFUSION, HANGING DROP' 
_exptl_crystal_grow.temp            298 
_exptl_crystal_grow.temp_details    ? 
_exptl_crystal_grow.pH              6.0 
_exptl_crystal_grow.pdbx_details    'Ammonium acetate, PEG 4000, pH 6.0, VAPOR DIFFUSION, HANGING DROP, temperature 298K' 
_exptl_crystal_grow.pdbx_pH_range   . 
# 
_diffrn.id                     1 
_diffrn.ambient_temp           77 
_diffrn.ambient_temp_details   ? 
_diffrn.crystal_id             1 
# 
_diffrn_detector.diffrn_id              1 
_diffrn_detector.detector               CCD 
_diffrn_detector.type                   MARRESEARCH 
_diffrn_detector.pdbx_collection_date   2014-02-24 
_diffrn_detector.details                mirror 
# 
_diffrn_radiation.diffrn_id                        1 
_diffrn_radiation.wavelength_id                    1 
_diffrn_radiation.pdbx_monochromatic_or_laue_m_l   M 
_diffrn_radiation.monochromator                    Graphite 
_diffrn_radiation.pdbx_diffrn_protocol             'SINGLE WAVELENGTH' 
_diffrn_radiation.pdbx_scattering_type             x-ray 
# 
_diffrn_radiation_wavelength.id           1 
_diffrn_radiation_wavelength.wavelength   0.97 
_diffrn_radiation_wavelength.wt           1.0 
# 
_diffrn_source.diffrn_id                   1 
_diffrn_source.source                      SYNCHROTRON 
_diffrn_source.type                        'ESRF BEAMLINE BM14' 
_diffrn_source.pdbx_synchrotron_site       ESRF 
_diffrn_source.pdbx_synchrotron_beamline   BM14 
_diffrn_source.pdbx_wavelength             ? 
_diffrn_source.pdbx_wavelength_list        0.97 
# 
_reflns.entry_id                     4QEM 
_reflns.observed_criterion_sigma_I   0.0 
_reflns.observed_criterion_sigma_F   0.0 
_reflns.d_resolution_low             50.0 
_reflns.d_resolution_high            1.20 
_reflns.number_obs                   40027 
_reflns.number_all                   ? 
_reflns.percent_possible_obs         99.3 
_reflns.pdbx_Rmerge_I_obs            0.047 
_reflns.pdbx_Rsym_value              ? 
_reflns.pdbx_netI_over_sigmaI        12.5 
_reflns.B_iso_Wilson_estimate        ? 
_reflns.pdbx_redundancy              ? 
_reflns.R_free_details               ? 
_reflns.limit_h_max                  ? 
_reflns.limit_h_min                  ? 
_reflns.limit_k_max                  ? 
_reflns.limit_k_min                  ? 
_reflns.limit_l_max                  ? 
_reflns.limit_l_min                  ? 
_reflns.observed_criterion_F_max     ? 
_reflns.observed_criterion_F_min     ? 
_reflns.pdbx_chi_squared             ? 
_reflns.pdbx_scaling_rejects         ? 
_reflns.pdbx_ordinal                 1 
_reflns.pdbx_diffrn_id               1 
# 
_reflns_shell.d_res_high                  1.20 
_reflns_shell.d_res_low                   1.22 
_reflns_shell.percent_possible_all        98.9 
_reflns_shell.Rmerge_I_obs                0.245 
_reflns_shell.pdbx_Rsym_value             ? 
_reflns_shell.meanI_over_sigI_obs         4.3 
_reflns_shell.pdbx_redundancy             ? 
_reflns_shell.percent_possible_obs        ? 
_reflns_shell.number_unique_all           ? 
_reflns_shell.number_measured_all         ? 
_reflns_shell.number_measured_obs         ? 
_reflns_shell.number_unique_obs           ? 
_reflns_shell.pdbx_chi_squared            ? 
_reflns_shell.pdbx_rejects                ? 
_reflns_shell.pdbx_netI_over_sigmaI_obs   ? 
_reflns_shell.number_possible             ? 
_reflns_shell.Rmerge_F_all                ? 
_reflns_shell.Rmerge_F_obs                ? 
_reflns_shell.Rmerge_I_all                ? 
_reflns_shell.meanI_over_sigI_all         ? 
_reflns_shell.pdbx_Rrim_I_all             ? 
_reflns_shell.pdbx_Rpim_I_all             ? 
_reflns_shell.pdbx_ordinal                1 
_reflns_shell.pdbx_diffrn_id              1 
# 
_refine.entry_id                                 4QEM 
_refine.ls_number_reflns_obs                     38010 
_refine.ls_number_reflns_all                     40027 
_refine.pdbx_ls_sigma_I                          0.0 
_refine.pdbx_ls_sigma_F                          0.0 
_refine.pdbx_data_cutoff_high_absF               ? 
_refine.pdbx_data_cutoff_low_absF                ? 
_refine.pdbx_data_cutoff_high_rms_absF           ? 
_refine.ls_d_res_low                             18.49 
_refine.ls_d_res_high                            1.20 
_refine.ls_percent_reflns_obs                    99.27 
_refine.ls_R_factor_obs                          0.19241 
_refine.ls_R_factor_all                          0.19241 
_refine.ls_R_factor_R_work                       0.19094 
_refine.ls_R_factor_R_free                       0.22084 
_refine.ls_R_factor_R_free_error                 ? 
_refine.ls_R_factor_R_free_error_details         ? 
_refine.ls_percent_reflns_R_free                 5.0 
_refine.ls_number_reflns_R_free                  2003 
_refine.ls_number_parameters                     ? 
_refine.ls_number_restraints                     ? 
_refine.occupancy_min                            ? 
_refine.occupancy_max                            ? 
_refine.correlation_coeff_Fo_to_Fc               0.959 
_refine.correlation_coeff_Fo_to_Fc_free          0.948 
_refine.B_iso_mean                               16.966 
_refine.aniso_B[1][1]                            0.29 
_refine.aniso_B[2][2]                            0.29 
_refine.aniso_B[3][3]                            -0.57 
_refine.aniso_B[1][2]                            0.00 
_refine.aniso_B[1][3]                            0.00 
_refine.aniso_B[2][3]                            0.00 
_refine.solvent_model_details                    MASK 
_refine.solvent_model_param_ksol                 ? 
_refine.solvent_model_param_bsol                 ? 
_refine.pdbx_solvent_vdw_probe_radii             1.20 
_refine.pdbx_solvent_ion_probe_radii             0.80 
_refine.pdbx_solvent_shrinkage_radii             0.80 
_refine.pdbx_ls_cross_valid_method               THROUGHOUT 
_refine.details                                  'HYDROGENS HAVE BEEN USED IF PRESENT IN THE INPUT' 
_refine.pdbx_starting_model                      1FB2 
_refine.pdbx_method_to_determine_struct          'MOLECULAR REPLACEMENT' 
_refine.pdbx_isotropic_thermal_model             ? 
_refine.pdbx_stereochemistry_target_values       'MAXIMUM LIKELIHOOD' 
_refine.pdbx_stereochem_target_val_spec_case     ? 
_refine.pdbx_R_Free_selection_details            RANDOM 
_refine.pdbx_overall_ESU_R                       0.045 
_refine.pdbx_overall_ESU_R_Free                  0.049 
_refine.overall_SU_ML                            0.032 
_refine.pdbx_overall_phase_error                 ? 
_refine.overall_SU_B                             0.656 
_refine.overall_SU_R_Cruickshank_DPI             ? 
_refine.ls_redundancy_reflns_obs                 ? 
_refine.B_iso_min                                ? 
_refine.B_iso_max                                ? 
_refine.overall_SU_R_free                        ? 
_refine.ls_wR_factor_R_free                      ? 
_refine.ls_wR_factor_R_work                      ? 
_refine.overall_FOM_free_R_set                   ? 
_refine.overall_FOM_work_R_set                   ? 
_refine.pdbx_diffrn_id                           1 
_refine.pdbx_refine_id                           'X-RAY DIFFRACTION' 
_refine.pdbx_TLS_residual_ADP_flag               ? 
_refine.pdbx_overall_SU_R_free_Cruickshank_DPI   ? 
_refine.pdbx_overall_SU_R_Blow_DPI               ? 
_refine.pdbx_overall_SU_R_free_Blow_DPI          ? 
# 
_refine_hist.pdbx_refine_id                   'X-RAY DIFFRACTION' 
_refine_hist.cycle_id                         LAST 
_refine_hist.pdbx_number_atoms_protein        944 
_refine_hist.pdbx_number_atoms_nucleic_acid   0 
_refine_hist.pdbx_number_atoms_ligand         17 
_refine_hist.number_atoms_solvent             272 
_refine_hist.number_atoms_total               1233 
_refine_hist.d_res_high                       1.20 
_refine_hist.d_res_low                        18.49 
# 
loop_
_refine_ls_restr.type 
_refine_ls_restr.dev_ideal 
_refine_ls_restr.dev_ideal_target 
_refine_ls_restr.weight 
_refine_ls_restr.number 
_refine_ls_restr.pdbx_restraint_function 
_refine_ls_restr.pdbx_refine_id 
r_bond_refined_d       0.025  0.020  ? 980  ? 'X-RAY DIFFRACTION' 
r_angle_refined_deg    2.135  1.998  ? 1308 ? 'X-RAY DIFFRACTION' 
r_dihedral_angle_1_deg 5.683  5.000  ? 113  ? 'X-RAY DIFFRACTION' 
r_dihedral_angle_2_deg 37.885 23.902 ? 41   ? 'X-RAY DIFFRACTION' 
r_dihedral_angle_3_deg 13.120 15.000 ? 174  ? 'X-RAY DIFFRACTION' 
r_dihedral_angle_4_deg 7.978  15.000 ? 5    ? 'X-RAY DIFFRACTION' 
r_chiral_restr         0.130  0.200  ? 133  ? 'X-RAY DIFFRACTION' 
r_gen_planes_refined   0.012  0.021  ? 717  ? 'X-RAY DIFFRACTION' 
# 
_refine_ls_shell.pdbx_refine_id                   'X-RAY DIFFRACTION' 
_refine_ls_shell.pdbx_total_number_of_bins_used   20 
_refine_ls_shell.d_res_high                       1.20 
_refine_ls_shell.d_res_low                        1.22 
_refine_ls_shell.number_reflns_R_work             2722 
_refine_ls_shell.R_factor_R_work                  0.240 
_refine_ls_shell.percent_reflns_obs               98.68 
_refine_ls_shell.R_factor_R_free                  0.242 
_refine_ls_shell.R_factor_R_free_error            ? 
_refine_ls_shell.percent_reflns_R_free            ? 
_refine_ls_shell.number_reflns_R_free             123 
_refine_ls_shell.number_reflns_all                ? 
_refine_ls_shell.R_factor_all                     ? 
_refine_ls_shell.number_reflns_obs                ? 
_refine_ls_shell.redundancy_reflns_obs            ? 
# 
_struct.entry_id                  4QEM 
_struct.title                     'Crystal structure of the complex of Phospholipase A2 With P-Coumaric Acid At 1.2 A Resolution' 
_struct.pdbx_model_details        ? 
_struct.pdbx_CASP_flag            ? 
_struct.pdbx_model_type_details   ? 
# 
_struct_keywords.entry_id        4QEM 
_struct_keywords.pdbx_keywords   'HYDROLASE/HYDROLASE INHIBITOR' 
_struct_keywords.text            'HYDROLASE-HYDROLASE INHIBITOR complex' 
# 
loop_
_struct_asym.id 
_struct_asym.pdbx_blank_PDB_chainid_flag 
_struct_asym.pdbx_modified 
_struct_asym.entity_id 
_struct_asym.details 
A N N 1 ? 
B N N 2 ? 
C N N 3 ? 
D N N 4 ? 
# 
_struct_biol.id        1 
_struct_biol.details   ? 
# 
loop_
_struct_conf.conf_type_id 
_struct_conf.id 
_struct_conf.pdbx_PDB_helix_id 
_struct_conf.beg_label_comp_id 
_struct_conf.beg_label_asym_id 
_struct_conf.beg_label_seq_id 
_struct_conf.pdbx_beg_PDB_ins_code 
_struct_conf.end_label_comp_id 
_struct_conf.end_label_asym_id 
_struct_conf.end_label_seq_id 
_struct_conf.pdbx_end_PDB_ins_code 
_struct_conf.beg_auth_comp_id 
_struct_conf.beg_auth_asym_id 
_struct_conf.beg_auth_seq_id 
_struct_conf.end_auth_comp_id 
_struct_conf.end_auth_asym_id 
_struct_conf.end_auth_seq_id 
_struct_conf.pdbx_PDB_helix_class 
_struct_conf.details 
_struct_conf.pdbx_PDB_helix_length 
HELX_P HELX_P1 1 SER A 1   ? GLY A 14  ? SER A 1   GLY A 14  1 ? 14 
HELX_P HELX_P2 2 LEU A 16  ? TYR A 21  ? LEU A 17  TYR A 22  1 ? 6  
HELX_P HELX_P3 3 ASP A 38  ? ASN A 53  ? ASP A 39  ASN A 54  1 ? 16 
HELX_P HELX_P4 4 THR A 79  ? ASN A 99  ? THR A 89  ASN A 109 1 ? 21 
HELX_P HELX_P5 5 LEU A 100 ? TYR A 103 ? LEU A 110 TYR A 113 5 ? 4  
HELX_P HELX_P6 6 SER A 104 ? MET A 108 ? SER A 114 MET A 118 5 ? 5  
HELX_P HELX_P7 7 PRO A 111 ? CYS A 115 ? PRO A 121 CYS A 126 5 ? 5  
# 
_struct_conf_type.id          HELX_P 
_struct_conf_type.criteria    ? 
_struct_conf_type.reference   ? 
# 
loop_
_struct_conn.id 
_struct_conn.conn_type_id 
_struct_conn.pdbx_leaving_atom_flag 
_struct_conn.pdbx_PDB_id 
_struct_conn.ptnr1_label_asym_id 
_struct_conn.ptnr1_label_comp_id 
_struct_conn.ptnr1_label_seq_id 
_struct_conn.ptnr1_label_atom_id 
_struct_conn.pdbx_ptnr1_label_alt_id 
_struct_conn.pdbx_ptnr1_PDB_ins_code 
_struct_conn.pdbx_ptnr1_standard_comp_id 
_struct_conn.ptnr1_symmetry 
_struct_conn.ptnr2_label_asym_id 
_struct_conn.ptnr2_label_comp_id 
_struct_conn.ptnr2_label_seq_id 
_struct_conn.ptnr2_label_atom_id 
_struct_conn.pdbx_ptnr2_label_alt_id 
_struct_conn.pdbx_ptnr2_PDB_ins_code 
_struct_conn.ptnr1_auth_asym_id 
_struct_conn.ptnr1_auth_comp_id 
_struct_conn.ptnr1_auth_seq_id 
_struct_conn.ptnr2_auth_asym_id 
_struct_conn.ptnr2_auth_comp_id 
_struct_conn.ptnr2_auth_seq_id 
_struct_conn.ptnr2_symmetry 
_struct_conn.pdbx_ptnr3_label_atom_id 
_struct_conn.pdbx_ptnr3_label_seq_id 
_struct_conn.pdbx_ptnr3_label_comp_id 
_struct_conn.pdbx_ptnr3_label_asym_id 
_struct_conn.pdbx_ptnr3_label_alt_id 
_struct_conn.pdbx_ptnr3_PDB_ins_code 
_struct_conn.details 
_struct_conn.pdbx_dist_value 
_struct_conn.pdbx_value_order 
_struct_conn.pdbx_role 
disulf1 disulf ? ? A CYS 26 SG ? ? ? 1_555 A CYS 115 SG ? ? A CYS 27 A CYS 126 1_555 ? ? ? ? ? ? ? 2.026 ? ? 
disulf2 disulf ? ? A CYS 28 SG ? ? ? 1_555 A CYS 44  SG ? ? A CYS 29 A CYS 45  1_555 ? ? ? ? ? ? ? 2.012 ? ? 
disulf3 disulf ? ? A CYS 43 SG ? ? ? 1_555 A CYS 95  SG ? ? A CYS 44 A CYS 105 1_555 ? ? ? ? ? ? ? 2.032 ? ? 
disulf4 disulf ? ? A CYS 49 SG ? ? ? 1_555 A CYS 121 SG ? ? A CYS 50 A CYS 133 1_555 ? ? ? ? ? ? ? 2.021 ? ? 
disulf5 disulf ? ? A CYS 50 SG ? ? ? 1_555 A CYS 88  SG ? ? A CYS 51 A CYS 98  1_555 ? ? ? ? ? ? ? 2.044 ? ? 
disulf6 disulf ? ? A CYS 57 SG ? ? ? 1_555 A CYS 81  SG ? ? A CYS 61 A CYS 91  1_555 ? ? ? ? ? ? ? 2.041 ? ? 
disulf7 disulf ? ? A CYS 75 SG ? ? ? 1_555 A CYS 86  SG ? ? A CYS 84 A CYS 96  1_555 ? ? ? ? ? ? ? 2.039 ? ? 
# 
_struct_conn_type.id          disulf 
_struct_conn_type.criteria    ? 
_struct_conn_type.reference   ? 
# 
_struct_mon_prot_cis.pdbx_id                1 
_struct_mon_prot_cis.label_comp_id          ILE 
_struct_mon_prot_cis.label_seq_id           18 
_struct_mon_prot_cis.label_asym_id          A 
_struct_mon_prot_cis.label_alt_id           . 
_struct_mon_prot_cis.pdbx_PDB_ins_code      ? 
_struct_mon_prot_cis.auth_comp_id           ILE 
_struct_mon_prot_cis.auth_seq_id            19 
_struct_mon_prot_cis.auth_asym_id           A 
_struct_mon_prot_cis.pdbx_label_comp_id_2   PRO 
_struct_mon_prot_cis.pdbx_label_seq_id_2    19 
_struct_mon_prot_cis.pdbx_label_asym_id_2   A 
_struct_mon_prot_cis.pdbx_PDB_ins_code_2    ? 
_struct_mon_prot_cis.pdbx_auth_comp_id_2    PRO 
_struct_mon_prot_cis.pdbx_auth_seq_id_2     20 
_struct_mon_prot_cis.pdbx_auth_asym_id_2    A 
_struct_mon_prot_cis.pdbx_PDB_model_num     1 
_struct_mon_prot_cis.pdbx_omega_angle       19.64 
# 
_struct_sheet.id               A 
_struct_sheet.type             ? 
_struct_sheet.number_strands   2 
_struct_sheet.details          ? 
# 
_struct_sheet_order.sheet_id     A 
_struct_sheet_order.range_id_1   1 
_struct_sheet_order.range_id_2   2 
_struct_sheet_order.offset       ? 
_struct_sheet_order.sense        anti-parallel 
# 
loop_
_struct_sheet_range.sheet_id 
_struct_sheet_range.id 
_struct_sheet_range.beg_label_comp_id 
_struct_sheet_range.beg_label_asym_id 
_struct_sheet_range.beg_label_seq_id 
_struct_sheet_range.pdbx_beg_PDB_ins_code 
_struct_sheet_range.end_label_comp_id 
_struct_sheet_range.end_label_asym_id 
_struct_sheet_range.end_label_seq_id 
_struct_sheet_range.pdbx_end_PDB_ins_code 
_struct_sheet_range.beg_auth_comp_id 
_struct_sheet_range.beg_auth_asym_id 
_struct_sheet_range.beg_auth_seq_id 
_struct_sheet_range.end_auth_comp_id 
_struct_sheet_range.end_auth_asym_id 
_struct_sheet_range.end_auth_seq_id 
A 1 TYR A 66 ? VAL A 69 ? TYR A 75 VAL A 78 
A 2 ALA A 72 ? CYS A 75 ? ALA A 81 CYS A 84 
# 
_pdbx_struct_sheet_hbond.sheet_id                A 
_pdbx_struct_sheet_hbond.range_id_1              1 
_pdbx_struct_sheet_hbond.range_id_2              2 
_pdbx_struct_sheet_hbond.range_1_label_atom_id   N 
_pdbx_struct_sheet_hbond.range_1_label_comp_id   LYS 
_pdbx_struct_sheet_hbond.range_1_label_asym_id   A 
_pdbx_struct_sheet_hbond.range_1_label_seq_id    67 
_pdbx_struct_sheet_hbond.range_1_PDB_ins_code    ? 
_pdbx_struct_sheet_hbond.range_1_auth_atom_id    N 
_pdbx_struct_sheet_hbond.range_1_auth_comp_id    LYS 
_pdbx_struct_sheet_hbond.range_1_auth_asym_id    A 
_pdbx_struct_sheet_hbond.range_1_auth_seq_id     76 
_pdbx_struct_sheet_hbond.range_2_label_atom_id   O 
_pdbx_struct_sheet_hbond.range_2_label_comp_id   VAL 
_pdbx_struct_sheet_hbond.range_2_label_asym_id   A 
_pdbx_struct_sheet_hbond.range_2_label_seq_id    74 
_pdbx_struct_sheet_hbond.range_2_PDB_ins_code    ? 
_pdbx_struct_sheet_hbond.range_2_auth_atom_id    O 
_pdbx_struct_sheet_hbond.range_2_auth_comp_id    VAL 
_pdbx_struct_sheet_hbond.range_2_auth_asym_id    A 
_pdbx_struct_sheet_hbond.range_2_auth_seq_id     83 
# 
loop_
_struct_site.id 
_struct_site.pdbx_evidence_code 
_struct_site.pdbx_auth_asym_id 
_struct_site.pdbx_auth_comp_id 
_struct_site.pdbx_auth_seq_id 
_struct_site.pdbx_auth_ins_code 
_struct_site.pdbx_num_residues 
_struct_site.details 
AC1 Software A SO4 201 ? 10 'BINDING SITE FOR RESIDUE SO4 A 201' 
AC2 Software A HC4 202 ? 7  'BINDING SITE FOR RESIDUE HC4 A 202' 
# 
loop_
_struct_site_gen.id 
_struct_site_gen.site_id 
_struct_site_gen.pdbx_num_res 
_struct_site_gen.label_comp_id 
_struct_site_gen.label_asym_id 
_struct_site_gen.label_seq_id 
_struct_site_gen.pdbx_auth_ins_code 
_struct_site_gen.auth_comp_id 
_struct_site_gen.auth_asym_id 
_struct_site_gen.auth_seq_id 
_struct_site_gen.label_atom_id 
_struct_site_gen.label_alt_id 
_struct_site_gen.symmetry 
_struct_site_gen.details 
1  AC1 10 GLU A 4  ? GLU A 4   . ? 1_555 ? 
2  AC1 10 ARG A 63 ? ARG A 72  . ? 1_555 ? 
3  AC1 10 LYS A 65 ? LYS A 74  . ? 1_555 ? 
4  AC1 10 HOH D .  ? HOH A 350 . ? 3_554 ? 
5  AC1 10 HOH D .  ? HOH A 402 . ? 1_555 ? 
6  AC1 10 HOH D .  ? HOH A 411 . ? 1_555 ? 
7  AC1 10 HOH D .  ? HOH A 437 . ? 1_555 ? 
8  AC1 10 HOH D .  ? HOH A 477 . ? 1_555 ? 
9  AC1 10 HOH D .  ? HOH A 506 . ? 1_555 ? 
10 AC1 10 HOH D .  ? HOH A 514 . ? 1_555 ? 
11 AC2 7  PHE A 5  ? PHE A 5   . ? 1_555 ? 
12 AC2 7  GLY A 29 ? GLY A 30  . ? 1_555 ? 
13 AC2 7  CYS A 44 ? CYS A 45  . ? 1_555 ? 
14 AC2 7  HIS A 47 ? HIS A 48  . ? 1_555 ? 
15 AC2 7  ASP A 48 ? ASP A 49  . ? 1_555 ? 
16 AC2 7  HOH D .  ? HOH A 553 . ? 1_555 ? 
17 AC2 7  HOH D .  ? HOH A 554 . ? 1_555 ? 
# 
_atom_sites.entry_id                    4QEM 
_atom_sites.fract_transf_matrix[1][1]   -0.01708332 
_atom_sites.fract_transf_matrix[1][2]   0.00857128 
_atom_sites.fract_transf_matrix[1][3]   0.00064852 
_atom_sites.fract_transf_matrix[2][1]   -0.00311996 
_atom_sites.fract_transf_matrix[2][2]   -0.00483852 
_atom_sites.fract_transf_matrix[2][3]   -0.01823683 
_atom_sites.fract_transf_matrix[3][1]   -0.00886398 
_atom_sites.fract_transf_matrix[3][2]   -0.01814569 
_atom_sites.fract_transf_matrix[3][3]   0.00633078 
_atom_sites.fract_transf_vector[1]      0.025539 
_atom_sites.fract_transf_vector[2]      -0.341060 
_atom_sites.fract_transf_vector[3]      -0.011671 
# 
loop_
_atom_type.symbol 
C 
N 
O 
S 
# 
loop_
_atom_site.group_PDB 
_atom_site.id 
_atom_site.type_symbol 
_atom_site.label_atom_id 
_atom_site.label_alt_id 
_atom_site.label_comp_id 
_atom_site.label_asym_id 
_atom_site.label_entity_id 
_atom_site.label_seq_id 
_atom_site.pdbx_PDB_ins_code 
_atom_site.Cartn_x 
_atom_site.Cartn_y 
_atom_site.Cartn_z 
_atom_site.occupancy 
_atom_site.B_iso_or_equiv 
_atom_site.pdbx_formal_charge 
_atom_site.auth_seq_id 
_atom_site.auth_comp_id 
_atom_site.auth_asym_id 
_atom_site.auth_atom_id 
_atom_site.pdbx_PDB_model_num 
ATOM   1    N N     . SER A 1 1   ? -7.915  6.074   -5.515  1.00 12.75 ? 1   SER A N     1 
ATOM   2    C CA    . SER A 1 1   ? -7.236  7.345   -5.096  1.00 13.37 ? 1   SER A CA    1 
ATOM   3    C C     . SER A 1 1   ? -6.559  7.157   -3.792  1.00 13.91 ? 1   SER A C     1 
ATOM   4    O O     . SER A 1 1   ? -6.877  6.179   -2.980  1.00 14.37 ? 1   SER A O     1 
ATOM   5    C CB    . SER A 1 1   ? -8.250  8.492   -4.966  1.00 15.35 ? 1   SER A CB    1 
ATOM   6    O OG    . SER A 1 1   ? -9.096  8.186   -3.843  1.00 16.71 ? 1   SER A OG    1 
ATOM   7    N N     . LEU A 1 2   ? -5.600  7.999   -3.476  1.00 14.86 ? 2   LEU A N     1 
ATOM   8    C CA    . LEU A 1 2   ? -4.820  7.912   -2.198  1.00 16.47 ? 2   LEU A CA    1 
ATOM   9    C C     . LEU A 1 2   ? -5.678  7.966   -0.931  1.00 16.52 ? 2   LEU A C     1 
ATOM   10   O O     . LEU A 1 2   ? -5.463  7.203   0.032   1.00 16.16 ? 2   LEU A O     1 
ATOM   11   C CB    . LEU A 1 2   ? -3.891  9.115   -2.132  1.00 19.80 ? 2   LEU A CB    1 
ATOM   12   C CG    . LEU A 1 2   ? -2.669  9.633   -2.825  1.00 21.94 ? 2   LEU A CG    1 
ATOM   13   C CD1   . LEU A 1 2   ? -2.330  11.042  -2.458  1.00 25.98 ? 2   LEU A CD1   1 
ATOM   14   C CD2   . LEU A 1 2   ? -1.531  8.711   -2.558  1.00 22.07 ? 2   LEU A CD2   1 
ATOM   15   N N     . LEU A 1 3   ? -6.708  8.806   -0.976  1.00 15.56 ? 3   LEU A N     1 
ATOM   16   C CA    . LEU A 1 3   ? -7.628  8.965   0.185   1.00 14.63 ? 3   LEU A CA    1 
ATOM   17   C C     . LEU A 1 3   ? -8.434  7.707   0.365   1.00 15.11 ? 3   LEU A C     1 
ATOM   18   O O     . LEU A 1 3   ? -8.647  7.261   1.492   1.00 15.95 ? 3   LEU A O     1 
ATOM   19   C CB    . LEU A 1 3   ? -8.607  10.104  0.023   1.00 18.00 ? 3   LEU A CB    1 
ATOM   20   C CG    . LEU A 1 3   ? -8.036  11.528  0.312   1.00 21.71 ? 3   LEU A CG    1 
ATOM   21   C CD1   . LEU A 1 3   ? -9.085  12.624  0.027   1.00 23.06 ? 3   LEU A CD1   1 
ATOM   22   C CD2   . LEU A 1 3   ? -7.415  11.670  1.697   1.00 21.27 ? 3   LEU A CD2   1 
ATOM   23   N N     . GLU A 1 4   ? -8.850  7.083   -0.729  1.00 15.06 ? 4   GLU A N     1 
ATOM   24   C CA    . GLU A 1 4   ? -9.579  5.787   -0.651  1.00 14.98 ? 4   GLU A CA    1 
ATOM   25   C C     . GLU A 1 4   ? -8.732  4.695   -0.200  1.00 13.45 ? 4   GLU A C     1 
ATOM   26   O O     . GLU A 1 4   ? -9.176  3.848   0.604   1.00 13.34 ? 4   GLU A O     1 
ATOM   27   C CB    . GLU A 1 4   ? -10.152 5.395   -2.017  1.00 15.41 ? 4   GLU A CB    1 
ATOM   28   C CG    . GLU A 1 4   ? -11.289 6.240   -2.490  1.00 14.76 ? 4   GLU A CG    1 
ATOM   29   C CD    . GLU A 1 4   ? -11.520 6.148   -3.985  1.00 13.04 ? 4   GLU A CD    1 
ATOM   30   O OE1   . GLU A 1 4   ? -10.678 5.493   -4.749  1.00 14.62 ? 4   GLU A OE1   1 
ATOM   31   O OE2   . GLU A 1 4   ? -12.612 6.637   -4.459  1.00 15.33 ? 4   GLU A OE2   1 
ATOM   32   N N     . PHE A 1 5   ? -7.512  4.641   -0.645  1.00 12.31 ? 5   PHE A N     1 
ATOM   33   C CA    . PHE A 1 5   ? -6.562  3.716   -0.130  1.00 12.20 ? 5   PHE A CA    1 
ATOM   34   C C     . PHE A 1 5   ? -6.415  3.899   1.408   1.00 11.72 ? 5   PHE A C     1 
ATOM   35   O O     . PHE A 1 5   ? -6.370  2.928   2.179   1.00 11.51 ? 5   PHE A O     1 
ATOM   36   C CB    . PHE A 1 5   ? -5.212  3.884   -0.865  1.00 11.54 ? 5   PHE A CB    1 
ATOM   37   C CG    . PHE A 1 5   ? -4.160  2.892   -0.521  1.00 11.74 ? 5   PHE A CG    1 
ATOM   38   C CD1   . PHE A 1 5   ? -4.419  1.541   -0.221  1.00 11.25 ? 5   PHE A CD1   1 
ATOM   39   C CD2   . PHE A 1 5   ? -2.838  3.302   -0.543  1.00 13.14 ? 5   PHE A CD2   1 
ATOM   40   C CE1   . PHE A 1 5   ? -3.376  0.679   0.056   1.00 12.04 ? 5   PHE A CE1   1 
ATOM   41   C CE2   . PHE A 1 5   ? -1.804  2.447   -0.271  1.00 13.94 ? 5   PHE A CE2   1 
ATOM   42   C CZ    . PHE A 1 5   ? -2.100  1.098   0.042   1.00 13.03 ? 5   PHE A CZ    1 
ATOM   43   N N     . GLY A 1 6   ? -6.247  5.142   1.850   1.00 12.88 ? 6   GLY A N     1 
ATOM   44   C CA    . GLY A 1 6   ? -6.124  5.430   3.288   1.00 13.29 ? 6   GLY A CA    1 
ATOM   45   C C     . GLY A 1 6   ? -7.365  4.913   4.021   1.00 14.09 ? 6   GLY A C     1 
ATOM   46   O O     . GLY A 1 6   ? -7.180  4.337   5.154   1.00 13.67 ? 6   GLY A O     1 
ATOM   47   N N     . LYS A 1 7   ? -8.497  5.091   3.510   1.00 12.19 ? 7   LYS A N     1 
ATOM   48   C CA    . LYS A 1 7   ? -9.724  4.602   4.203   1.00 13.22 ? 7   LYS A CA    1 
ATOM   49   C C     . LYS A 1 7   ? -9.778  3.102   4.199   1.00 12.35 ? 7   LYS A C     1 
ATOM   50   O O     . LYS A 1 7   ? -10.102 2.462   5.245   1.00 12.95 ? 7   LYS A O     1 
ATOM   51   C CB    . LYS A 1 7   ? -10.947 5.151   3.441   1.00 14.75 ? 7   LYS A CB    1 
ATOM   52   C CG    . LYS A 1 7   ? -12.235 4.551   3.948   1.00 17.98 ? 7   LYS A CG    1 
ATOM   53   C CD    . LYS A 1 7   ? -13.438 5.122   3.182   1.00 18.31 ? 7   LYS A CD    1 
ATOM   54   C CE    . LYS A 1 7   ? -14.732 4.335   3.359   1.00 22.99 ? 7   LYS A CE    1 
ATOM   55   N NZ    . LYS A 1 7   ? -14.727 3.226   2.403   1.00 23.08 ? 7   LYS A NZ    1 
ATOM   56   N N     . MET A 1 8   ? -9.337  2.428   3.127   1.00 12.05 ? 8   MET A N     1 
ATOM   57   C CA    . MET A 1 8   ? -9.272  0.986   3.091   1.00 11.27 ? 8   MET A CA    1 
ATOM   58   C C     . MET A 1 8   ? -8.231  0.455   4.092   1.00 10.58 ? 8   MET A C     1 
ATOM   59   O O     . MET A 1 8   ? -8.514  -0.545  4.766   1.00 10.89 ? 8   MET A O     1 
ATOM   60   C CB    . MET A 1 8   ? -8.901  0.581   1.655   1.00 11.24 ? 8   MET A CB    1 
ATOM   61   C CG    . MET A 1 8   ? -8.989  -0.921  1.413   1.00 12.04 ? 8   MET A CG    1 
ATOM   62   S SD    . MET A 1 8   ? -8.315  -1.355  -0.228  1.00 10.91 ? 8   MET A SD    1 
ATOM   63   C CE    . MET A 1 8   ? -9.586  -0.840  -1.317  1.00 12.32 ? 8   MET A CE    1 
ATOM   64   N N     . ILE A 1 9   ? -7.113  1.116   4.198   1.00 11.01 ? 9   ILE A N     1 
ATOM   65   C CA    . ILE A 1 9   ? -6.136  0.721   5.168   1.00 11.24 ? 9   ILE A CA    1 
ATOM   66   C C     . ILE A 1 9   ? -6.721  0.830   6.603   1.00 10.60 ? 9   ILE A C     1 
ATOM   67   O O     . ILE A 1 9   ? -6.546  -0.051  7.382   1.00 10.70 ? 9   ILE A O     1 
ATOM   68   C CB    . ILE A 1 9   ? -4.902  1.621   5.044   1.00 11.23 ? 9   ILE A CB    1 
ATOM   69   C CG1   . ILE A 1 9   ? -4.160  1.350   3.712   1.00 10.78 ? 9   ILE A CG1   1 
ATOM   70   C CG2   . ILE A 1 9   ? -3.941  1.365   6.215   1.00 12.55 ? 9   ILE A CG2   1 
ATOM   71   C CD1   . ILE A 1 9   ? -3.132  2.420   3.370   1.00 11.82 ? 9   ILE A CD1   1 
ATOM   72   N N     . LEU A 1 10  ? -7.387  1.924   6.912   1.00 11.34 ? 10  LEU A N     1 
ATOM   73   C CA    . LEU A 1 10  ? -7.958  2.079   8.267   1.00 11.69 ? 10  LEU A CA    1 
ATOM   74   C C     . LEU A 1 10  ? -9.000  1.006   8.525   1.00 11.60 ? 10  LEU A C     1 
ATOM   75   O O     . LEU A 1 10  ? -9.023  0.398   9.551   1.00 12.28 ? 10  LEU A O     1 
ATOM   76   C CB    . LEU A 1 10  ? -8.559  3.465   8.412   1.00 13.65 ? 10  LEU A CB    1 
ATOM   77   C CG    . LEU A 1 10  ? -9.360  3.712   9.702   1.00 13.95 ? 10  LEU A CG    1 
ATOM   78   C CD1   . LEU A 1 10  ? -8.403  3.588   10.873  1.00 15.08 ? 10  LEU A CD1   1 
ATOM   79   C CD2   . LEU A 1 10  ? -10.006 5.063   9.608   1.00 14.66 ? 10  LEU A CD2   1 
ATOM   80   N N     . GLU A 1 11  ? -9.857  0.748   7.559   1.00 11.45 ? 11  GLU A N     1 
ATOM   81   C CA    . GLU A 1 11  ? -10.870 -0.318  7.665   1.00 12.30 ? 11  GLU A CA    1 
ATOM   82   C C     . GLU A 1 11  ? -10.250 -1.620  7.965   1.00 12.16 ? 11  GLU A C     1 
ATOM   83   O O     . GLU A 1 11  ? -10.737 -2.373  8.834   1.00 12.33 ? 11  GLU A O     1 
ATOM   84   C CB    . GLU A 1 11  ? -11.663 -0.492  6.368   1.00 12.36 ? 11  GLU A CB    1 
ATOM   85   C CG    . GLU A 1 11  ? -12.696 0.571   6.096   1.00 13.86 ? 11  GLU A CG    1 
ATOM   86   C CD    . GLU A 1 11  ? -13.277 0.562   4.715   1.00 14.62 ? 11  GLU A CD    1 
ATOM   87   O OE1   . GLU A 1 11  ? -12.792 -0.247  3.886   1.00 14.14 ? 11  GLU A OE1   1 
ATOM   88   O OE2   . GLU A 1 11  ? -14.274 1.279   4.528   1.00 17.06 ? 11  GLU A OE2   1 
ATOM   89   N N     . GLU A 1 12  ? -9.161  -1.958  7.272   1.00 11.91 ? 12  GLU A N     1 
ATOM   90   C CA    . GLU A 1 12  ? -8.555  -3.264  7.421   1.00 12.19 ? 12  GLU A CA    1 
ATOM   91   C C     . GLU A 1 12  ? -7.846  -3.370  8.760   1.00 11.55 ? 12  GLU A C     1 
ATOM   92   O O     . GLU A 1 12  ? -7.983  -4.399  9.479   1.00 12.47 ? 12  GLU A O     1 
ATOM   93   C CB    . GLU A 1 12  ? -7.540  -3.480  6.271   1.00 12.55 ? 12  GLU A CB    1 
ATOM   94   C CG    . GLU A 1 12  ? -8.091  -3.913  4.950   1.00 13.83 ? 12  GLU A CG    1 
ATOM   95   C CD    . GLU A 1 12  ? -8.849  -5.244  5.065   1.00 11.42 ? 12  GLU A CD    1 
ATOM   96   O OE1   . GLU A 1 12  ? -8.126  -6.250  5.415   1.00 14.28 ? 12  GLU A OE1   1 
ATOM   97   O OE2   . GLU A 1 12  ? -9.962  -5.218  4.764   1.00 14.44 ? 12  GLU A OE2   1 
ATOM   98   N N     . THR A 1 13  ? -7.061  -2.365  9.112   1.00 12.71 ? 13  THR A N     1 
ATOM   99   C CA    . THR A 1 13  ? -6.080  -2.509  10.183  1.00 13.47 ? 13  THR A CA    1 
ATOM   100  C C     . THR A 1 13  ? -6.465  -1.817  11.464  1.00 13.55 ? 13  THR A C     1 
ATOM   101  O O     . THR A 1 13  ? -5.953  -2.185  12.533  1.00 15.14 ? 13  THR A O     1 
ATOM   102  C CB    . THR A 1 13  ? -4.723  -1.961  9.728   1.00 12.59 ? 13  THR A CB    1 
ATOM   103  O OG1   . THR A 1 13  ? -4.799  -0.527  9.602   1.00 12.00 ? 13  THR A OG1   1 
ATOM   104  C CG2   . THR A 1 13  ? -4.214  -2.607  8.495   1.00 13.44 ? 13  THR A CG2   1 
ATOM   105  N N     . GLY A 1 14  ? -7.310  -0.841  11.426  1.00 12.98 ? 14  GLY A N     1 
ATOM   106  C CA    . GLY A 1 14  ? -7.601  -0.034  12.614  1.00 13.97 ? 14  GLY A CA    1 
ATOM   107  C C     . GLY A 1 14  ? -6.649  1.018   12.880  1.00 18.37 ? 14  GLY A C     1 
ATOM   108  O O     . GLY A 1 14  ? -6.746  1.763   13.897  1.00 17.77 ? 14  GLY A O     1 
ATOM   109  N N     . LYS A 1 15  ? -5.390  1.088   11.934  1.00 15.77 ? 16  LYS A N     1 
ATOM   110  C CA    . LYS A 1 15  ? -4.386  2.155   11.981  1.00 15.45 ? 16  LYS A CA    1 
ATOM   111  C C     . LYS A 1 15  ? -4.726  3.208   10.971  1.00 13.97 ? 16  LYS A C     1 
ATOM   112  O O     . LYS A 1 15  ? -5.139  2.903   9.821   1.00 14.65 ? 16  LYS A O     1 
ATOM   113  C CB    . LYS A 1 15  ? -2.971  1.626   11.712  1.00 15.79 ? 16  LYS A CB    1 
ATOM   114  C CG    . LYS A 1 15  ? -2.431  0.720   12.793  1.00 15.73 ? 16  LYS A CG    1 
ATOM   115  C CD    . LYS A 1 15  ? -1.027  0.264   12.452  1.00 15.96 ? 16  LYS A CD    1 
ATOM   116  C CE    . LYS A 1 15  ? -0.336  -0.554  13.495  1.00 15.89 ? 16  LYS A CE    1 
ATOM   117  N NZ    . LYS A 1 15  ? 0.066   0.302   14.677  1.00 17.10 ? 16  LYS A NZ    1 
ATOM   118  N N     . LEU A 1 16  ? -4.464  4.481   11.295  1.00 15.67 ? 17  LEU A N     1 
ATOM   119  C CA    . LEU A 1 16  ? -4.618  5.566   10.372  1.00 15.99 ? 17  LEU A CA    1 
ATOM   120  C C     . LEU A 1 16  ? -3.492  5.469   9.348   1.00 16.07 ? 17  LEU A C     1 
ATOM   121  O O     . LEU A 1 16  ? -2.308  5.366   9.690   1.00 17.41 ? 17  LEU A O     1 
ATOM   122  C CB    . LEU A 1 16  ? -4.546  6.895   11.123  1.00 16.12 ? 17  LEU A CB    1 
ATOM   123  C CG    . LEU A 1 16  ? -5.698  7.214   12.043  1.00 18.60 ? 17  LEU A CG    1 
ATOM   124  C CD1   . LEU A 1 16  ? -5.378  8.419   12.912  1.00 19.08 ? 17  LEU A CD1   1 
ATOM   125  C CD2   . LEU A 1 16  ? -6.947  7.579   11.226  1.00 19.56 ? 17  LEU A CD2   1 
ATOM   126  N N     . ALA A 1 17  ? -3.835  5.581   8.061   1.00 15.08 ? 18  ALA A N     1 
ATOM   127  C CA    . ALA A 1 17  ? -2.863  5.477   7.027   1.00 17.56 ? 18  ALA A CA    1 
ATOM   128  C C     . ALA A 1 17  ? -1.735  6.469   7.208   1.00 15.43 ? 18  ALA A C     1 
ATOM   129  O O     . ALA A 1 17  ? -0.565  6.152   7.059   1.00 15.89 ? 18  ALA A O     1 
ATOM   130  C CB    . ALA A 1 17  ? -3.522  5.533   5.645   1.00 16.52 ? 18  ALA A CB    1 
ATOM   131  N N     . ILE A 1 18  ? -2.092  7.737   7.481   1.00 15.83 ? 19  ILE A N     1 
ATOM   132  C CA    . ILE A 1 18  ? -1.185  8.786   7.974   1.00 17.53 ? 19  ILE A CA    1 
ATOM   133  C C     . ILE A 1 18  ? -1.466  8.885   9.503   1.00 16.63 ? 19  ILE A C     1 
ATOM   134  O O     . ILE A 1 18  ? -2.561  9.226   9.904   1.00 17.77 ? 19  ILE A O     1 
ATOM   135  C CB    . ILE A 1 18  ? -1.536  10.126  7.313   1.00 16.73 ? 19  ILE A CB    1 
ATOM   136  C CG1   . ILE A 1 18  ? -1.693  10.098  5.798   1.00 18.46 ? 19  ILE A CG1   1 
ATOM   137  C CG2   . ILE A 1 18  ? -0.474  11.202  7.694   1.00 17.91 ? 19  ILE A CG2   1 
ATOM   138  C CD1   . ILE A 1 18  ? -2.547  11.174  5.169   1.00 20.89 ? 19  ILE A CD1   1 
ATOM   139  N N     . PRO A 1 19  ? -0.519  8.504   10.327  1.00 17.40 ? 20  PRO A N     1 
ATOM   140  C CA    . PRO A 1 19  ? 0.898   8.350   10.084  1.00 16.49 ? 20  PRO A CA    1 
ATOM   141  C C     . PRO A 1 19  ? 1.412   6.916   10.028  1.00 16.82 ? 20  PRO A C     1 
ATOM   142  O O     . PRO A 1 19  ? 2.638   6.738   9.866   1.00 17.46 ? 20  PRO A O     1 
ATOM   143  C CB    . PRO A 1 19  ? 1.521   9.022   11.325  1.00 18.78 ? 20  PRO A CB    1 
ATOM   144  C CG    . PRO A 1 19  ? 0.584   8.625   12.428  1.00 20.11 ? 20  PRO A CG    1 
ATOM   145  C CD    . PRO A 1 19  ? -0.792  8.505   11.797  1.00 17.72 ? 20  PRO A CD    1 
ATOM   146  N N     . SER A 1 20  ? 0.525   5.905   10.178  1.00 14.85 ? 21  SER A N     1 
ATOM   147  C CA    . SER A 1 20  ? 1.073   4.560   10.333  1.00 14.86 ? 21  SER A CA    1 
ATOM   148  C C     . SER A 1 20  ? 1.755   4.003   9.084   1.00 15.23 ? 21  SER A C     1 
ATOM   149  O O     . SER A 1 20  ? 2.635   3.175   9.258   1.00 15.30 ? 21  SER A O     1 
ATOM   150  C CB    . SER A 1 20  ? -0.033  3.616   10.806  1.00 15.95 ? 21  SER A CB    1 
ATOM   151  O OG    . SER A 1 20  ? -0.482  3.958   12.109  1.00 16.24 ? 21  SER A OG    1 
ATOM   152  N N     . TYR A 1 21  ? 1.323   4.392   7.917   1.00 14.47 ? 22  TYR A N     1 
ATOM   153  C CA    . TYR A 1 21  ? 1.784   3.727   6.684   1.00 15.91 ? 22  TYR A CA    1 
ATOM   154  C C     . TYR A 1 21  ? 2.290   4.743   5.645   1.00 15.75 ? 22  TYR A C     1 
ATOM   155  O O     . TYR A 1 21  ? 2.626   4.404   4.486   1.00 16.50 ? 22  TYR A O     1 
ATOM   156  C CB    . TYR A 1 21  ? 0.726   2.859   6.042   1.00 14.27 ? 22  TYR A CB    1 
ATOM   157  C CG    . TYR A 1 21  ? 0.375   1.699   6.886   1.00 12.65 ? 22  TYR A CG    1 
ATOM   158  C CD1   . TYR A 1 21  ? 1.189   0.559   6.904   1.00 13.02 ? 22  TYR A CD1   1 
ATOM   159  C CD2   . TYR A 1 21  ? -0.782  1.688   7.685   1.00 13.14 ? 22  TYR A CD2   1 
ATOM   160  C CE1   . TYR A 1 21  ? 0.827   -0.545  7.685   1.00 12.00 ? 22  TYR A CE1   1 
ATOM   161  C CE2   . TYR A 1 21  ? -1.098  0.594   8.455   1.00 12.55 ? 22  TYR A CE2   1 
ATOM   162  C CZ    . TYR A 1 21  ? -0.321  -0.532  8.436   1.00 11.59 ? 22  TYR A CZ    1 
ATOM   163  O OH    . TYR A 1 21  ? -0.650  -1.603  9.200   1.00 12.03 ? 22  TYR A OH    1 
ATOM   164  N N     . SER A 1 22  ? 2.281   6.026   5.986   1.00 15.52 ? 23  SER A N     1 
ATOM   165  C CA    . SER A 1 22  ? 2.680   7.118   5.052   1.00 16.35 ? 23  SER A CA    1 
ATOM   166  C C     . SER A 1 22  ? 4.182   7.346   4.966   1.00 16.87 ? 23  SER A C     1 
ATOM   167  O O     . SER A 1 22  ? 4.667   7.964   4.093   1.00 15.22 ? 23  SER A O     1 
ATOM   168  C CB    . SER A 1 22  ? 2.005   8.478   5.440   1.00 16.46 ? 23  SER A CB    1 
ATOM   169  O OG    . SER A 1 22  ? 2.117   8.729   6.827   1.00 19.38 ? 23  SER A OG    1 
ATOM   170  N N     . SER A 1 23  ? 4.870   6.956   6.014   1.00 15.35 ? 24  SER A N     1 
ATOM   171  C CA    . SER A 1 23  ? 6.324   7.113   6.113   1.00 14.96 ? 24  SER A CA    1 
ATOM   172  C C     . SER A 1 23  ? 7.083   5.921   6.774   1.00 16.95 ? 24  SER A C     1 
ATOM   173  O O     . SER A 1 23  ? 8.092   6.059   7.416   1.00 18.28 ? 24  SER A O     1 
ATOM   174  C CB    . SER A 1 23  ? 6.692   8.442   6.804   1.00 16.06 ? 24  SER A CB    1 
ATOM   175  O OG    . SER A 1 23  ? 6.422   8.308   8.154   1.00 21.02 ? 24  SER A OG    1 
ATOM   176  N N     . TYR A 1 24  ? 6.629   4.727   6.503   1.00 13.83 ? 25  TYR A N     1 
ATOM   177  C CA    . TYR A 1 24  ? 7.124   3.532   7.159   1.00 13.01 ? 25  TYR A CA    1 
ATOM   178  C C     . TYR A 1 24  ? 8.168   2.829   6.325   1.00 13.74 ? 25  TYR A C     1 
ATOM   179  O O     . TYR A 1 24  ? 7.979   2.597   5.165   1.00 12.99 ? 25  TYR A O     1 
ATOM   180  C CB    . TYR A 1 24  ? 5.935   2.625   7.454   1.00 13.21 ? 25  TYR A CB    1 
ATOM   181  C CG    . TYR A 1 24  ? 6.218   1.392   8.271   1.00 11.60 ? 25  TYR A CG    1 
ATOM   182  C CD1   . TYR A 1 24  ? 6.793   0.276   7.713   1.00 11.42 ? 25  TYR A CD1   1 
ATOM   183  C CD2   . TYR A 1 24  ? 5.815   1.302   9.620   1.00 12.46 ? 25  TYR A CD2   1 
ATOM   184  C CE1   . TYR A 1 24  ? 7.016   -0.877  8.463   1.00 11.63 ? 25  TYR A CE1   1 
ATOM   185  C CE2   . TYR A 1 24  ? 6.037   0.139   10.374  1.00 12.80 ? 25  TYR A CE2   1 
ATOM   186  C CZ    . TYR A 1 24  ? 6.633   -0.943  9.776   1.00 11.59 ? 25  TYR A CZ    1 
ATOM   187  O OH    . TYR A 1 24  ? 6.823   -2.084  10.499  1.00 11.82 ? 25  TYR A OH    1 
ATOM   188  N N     . GLY A 1 25  ? 9.303   2.536   6.965   1.00 12.88 ? 26  GLY A N     1 
ATOM   189  C CA    . GLY A 1 25  ? 10.308  1.738   6.302   1.00 13.31 ? 26  GLY A CA    1 
ATOM   190  C C     . GLY A 1 25  ? 10.892  2.393   5.098   1.00 12.19 ? 26  GLY A C     1 
ATOM   191  O O     . GLY A 1 25  ? 10.981  3.697   5.022   1.00 13.96 ? 26  GLY A O     1 
ATOM   192  N N     . CYS A 1 26  ? 11.272  1.645   4.119   1.00 12.88 ? 27  CYS A N     1 
ATOM   193  C CA    . CYS A 1 26  ? 11.861  2.144   2.896   1.00 12.89 ? 27  CYS A CA    1 
ATOM   194  C C     . CYS A 1 26  ? 10.931  2.419   1.768   1.00 12.76 ? 27  CYS A C     1 
ATOM   195  O O     . CYS A 1 26  ? 11.250  3.129   0.811   1.00 14.60 ? 27  CYS A O     1 
ATOM   196  C CB    . CYS A 1 26  ? 12.967  1.148   2.440   1.00 13.21 ? 27  CYS A CB    1 
ATOM   197  S SG    . CYS A 1 26  ? 14.372  1.109   3.591   1.00 15.11 ? 27  CYS A SG    1 
ATOM   198  N N     . TYR A 1 27  ? 9.740   1.791   1.846   1.00 11.85 ? 28  TYR A N     1 
ATOM   199  C CA    . TYR A 1 27  ? 8.810   1.825   0.733   1.00 12.32 ? 28  TYR A CA    1 
ATOM   200  C C     . TYR A 1 27  ? 7.433   2.404   1.016   1.00 12.88 ? 28  TYR A C     1 
ATOM   201  O O     . TYR A 1 27  ? 6.693   2.720   0.053   1.00 13.45 ? 28  TYR A O     1 
ATOM   202  C CB    . TYR A 1 27  ? 8.664   0.446   0.076   1.00 13.03 ? 28  TYR A CB    1 
ATOM   203  C CG    . TYR A 1 27  ? 9.925   0.057   -0.614  1.00 12.35 ? 28  TYR A CG    1 
ATOM   204  C CD1   . TYR A 1 27  ? 10.113  0.422   -1.932  1.00 13.45 ? 28  TYR A CD1   1 
ATOM   205  C CD2   . TYR A 1 27  ? 10.943  -0.626  0.037   1.00 12.31 ? 28  TYR A CD2   1 
ATOM   206  C CE1   . TYR A 1 27  ? 11.309  0.157   -2.603  1.00 13.32 ? 28  TYR A CE1   1 
ATOM   207  C CE2   . TYR A 1 27  ? 12.121  -0.934  -0.617  1.00 13.30 ? 28  TYR A CE2   1 
ATOM   208  C CZ    . TYR A 1 27  ? 12.286  -0.556  -1.924  1.00 13.32 ? 28  TYR A CZ    1 
ATOM   209  O OH    . TYR A 1 27  ? 13.463  -0.828  -2.655  1.00 14.34 ? 28  TYR A OH    1 
ATOM   210  N N     . CYS A 1 28  ? 7.027   2.503   2.233   1.00 12.55 ? 29  CYS A N     1 
ATOM   211  C CA    . CYS A 1 28  ? 5.660   2.967   2.523   1.00 13.69 ? 29  CYS A CA    1 
ATOM   212  C C     . CYS A 1 28  ? 5.653   4.471   2.517   1.00 16.19 ? 29  CYS A C     1 
ATOM   213  O O     . CYS A 1 28  ? 6.229   5.145   3.410   1.00 16.71 ? 29  CYS A O     1 
ATOM   214  C CB    . CYS A 1 28  ? 5.182   2.512   3.849   1.00 13.64 ? 29  CYS A CB    1 
ATOM   215  S SG    . CYS A 1 28  ? 5.139   0.717   4.059   1.00 11.94 ? 29  CYS A SG    1 
ATOM   216  N N     . GLY A 1 29  ? 5.025   4.997   1.483   1.00 17.45 ? 30  GLY A N     1 
ATOM   217  C CA    . GLY A 1 29  ? 4.989   6.501   1.401   1.00 20.04 ? 30  GLY A CA    1 
ATOM   218  C C     . GLY A 1 29  ? 5.756   6.900   0.191   1.00 22.70 ? 30  GLY A C     1 
ATOM   219  O O     . GLY A 1 29  ? 6.003   6.082   -0.680  1.00 22.31 ? 30  GLY A O     1 
ATOM   220  N N     . TRP A 1 30  ? 6.133   8.203   0.108   1.00 25.85 ? 31  TRP A N     1 
ATOM   221  C CA    . TRP A 1 30  ? 6.969   8.777   -0.993  1.00 25.14 ? 31  TRP A CA    1 
ATOM   222  C C     . TRP A 1 30  ? 8.306   8.126   -1.173  1.00 24.85 ? 31  TRP A C     1 
ATOM   223  O O     . TRP A 1 30  ? 9.095   7.993   -0.190  1.00 27.85 ? 31  TRP A O     1 
ATOM   224  C CB    . TRP A 1 30  ? 7.184   10.311  -0.800  1.00 25.12 ? 31  TRP A CB    1 
ATOM   225  C CG    . TRP A 1 30  ? 7.883   10.955  -1.973  1.00 25.92 ? 31  TRP A CG    1 
ATOM   226  C CD1   . TRP A 1 30  ? 7.286   11.313  -3.193  1.00 30.83 ? 31  TRP A CD1   1 
ATOM   227  C CD2   . TRP A 1 30  ? 9.323   11.263  -2.113  1.00 26.76 ? 31  TRP A CD2   1 
ATOM   228  N NE1   . TRP A 1 30  ? 8.221   11.801  -4.074  1.00 27.62 ? 31  TRP A NE1   1 
ATOM   229  C CE2   . TRP A 1 30  ? 9.479   11.810  -3.477  1.00 29.39 ? 31  TRP A CE2   1 
ATOM   230  C CE3   . TRP A 1 30  ? 10.434  11.151  -1.285  1.00 24.94 ? 31  TRP A CE3   1 
ATOM   231  C CZ2   . TRP A 1 30  ? 10.707  12.259  -3.954  1.00 26.80 ? 31  TRP A CZ2   1 
ATOM   232  C CZ3   . TRP A 1 30  ? 11.678  11.594  -1.786  1.00 31.06 ? 31  TRP A CZ3   1 
ATOM   233  C CH2   . TRP A 1 30  ? 11.799  12.128  -3.091  1.00 28.40 ? 31  TRP A CH2   1 
ATOM   234  N N     . GLY A 1 31  ? 8.589   7.755   -2.402  1.00 26.36 ? 32  GLY A N     1 
ATOM   235  C CA    . GLY A 1 31  ? 9.846   7.099   -2.756  1.00 26.91 ? 32  GLY A CA    1 
ATOM   236  C C     . GLY A 1 31  ? 9.939   5.600   -2.363  1.00 24.61 ? 32  GLY A C     1 
ATOM   237  O O     . GLY A 1 31  ? 9.003   4.977   -1.805  1.00 21.94 ? 32  GLY A O     1 
ATOM   238  N N     . GLY A 1 32  ? 11.040  4.992   -2.769  1.00 24.49 ? 33  GLY A N     1 
ATOM   239  C CA    . GLY A 1 32  ? 11.371  3.630   -2.396  1.00 21.22 ? 33  GLY A CA    1 
ATOM   240  C C     . GLY A 1 32  ? 12.757  3.332   -2.889  1.00 20.92 ? 33  GLY A C     1 
ATOM   241  O O     . GLY A 1 32  ? 13.023  3.520   -4.083  1.00 22.43 ? 33  GLY A O     1 
ATOM   242  N N     . LYS A 1 33  ? 13.570  2.792   -1.984  1.00 17.86 ? 34  LYS A N     1 
ATOM   243  C CA    . LYS A 1 33  ? 14.882  2.198   -2.413  1.00 19.83 ? 34  LYS A CA    1 
ATOM   244  C C     . LYS A 1 33  ? 15.320  1.228   -1.358  1.00 16.56 ? 34  LYS A C     1 
ATOM   245  O O     . LYS A 1 33  ? 14.773  1.203   -0.293  1.00 16.15 ? 34  LYS A O     1 
ATOM   246  C CB    . LYS A 1 33  ? 15.956  3.275   -2.684  1.00 21.77 ? 34  LYS A CB    1 
ATOM   247  C CG    . LYS A 1 33  ? 16.613  3.732   -1.348  1.00 23.59 ? 34  LYS A CG    1 
ATOM   248  C CD    . LYS A 1 33  ? 17.798  4.692   -1.524  1.00 25.25 ? 34  LYS A CD    1 
ATOM   249  C CE    . LYS A 1 33  ? 18.562  5.030   -0.221  1.00 23.37 ? 34  LYS A CE    1 
ATOM   250  N NZ    . LYS A 1 33  ? 19.454  6.228   -0.388  1.00 25.09 ? 34  LYS A NZ    1 
ATOM   251  N N     . GLY A 1 34  ? 16.253  0.347   -1.724  1.00 16.54 ? 35  GLY A N     1 
ATOM   252  C CA    . GLY A 1 34  ? 16.893  -0.554  -0.812  1.00 16.54 ? 35  GLY A CA    1 
ATOM   253  C C     . GLY A 1 34  ? 16.056  -1.799  -0.456  1.00 14.23 ? 35  GLY A C     1 
ATOM   254  O O     . GLY A 1 34  ? 14.994  -2.098  -1.120  1.00 14.74 ? 35  GLY A O     1 
ATOM   255  N N     . THR A 1 35  ? 16.489  -2.522  0.540   1.00 14.43 ? 36  THR A N     1 
ATOM   256  C CA    . THR A 1 35  ? 15.869  -3.763  0.927   1.00 14.97 ? 36  THR A CA    1 
ATOM   257  C C     . THR A 1 35  ? 14.757  -3.376  1.901   1.00 13.67 ? 36  THR A C     1 
ATOM   258  O O     . THR A 1 35  ? 14.965  -2.659  2.881   1.00 14.10 ? 36  THR A O     1 
ATOM   259  C CB    . THR A 1 35  ? 16.843  -4.672  1.679   1.00 15.49 ? 36  THR A CB    1 
ATOM   260  O OG1   . THR A 1 35  ? 17.954  -4.978  0.793   1.00 18.02 ? 36  THR A OG1   1 
ATOM   261  C CG2   . THR A 1 35  ? 16.134  -5.982  2.089   1.00 17.77 ? 36  THR A CG2   1 
ATOM   262  N N     . PRO A 1 36  ? 13.498  -3.799  1.629   1.00 12.76 ? 37  PRO A N     1 
ATOM   263  C CA    . PRO A 1 36  ? 12.399  -3.504  2.595   1.00 12.15 ? 37  PRO A CA    1 
ATOM   264  C C     . PRO A 1 36  ? 12.754  -3.965  3.996   1.00 12.39 ? 37  PRO A C     1 
ATOM   265  O O     . PRO A 1 36  ? 13.417  -5.050  4.155   1.00 13.50 ? 37  PRO A O     1 
ATOM   266  C CB    . PRO A 1 36  ? 11.218  -4.276  2.021   1.00 13.12 ? 37  PRO A CB    1 
ATOM   267  C CG    . PRO A 1 36  ? 11.492  -4.363  0.598   1.00 14.48 ? 37  PRO A CG    1 
ATOM   268  C CD    . PRO A 1 36  ? 13.020  -4.557  0.435   1.00 13.61 ? 37  PRO A CD    1 
ATOM   269  N N     . LYS A 1 37  ? 12.338  -3.245  4.995   1.00 11.46 ? 38  LYS A N     1 
ATOM   270  C CA    . LYS A 1 37  ? 12.732  -3.541  6.355   1.00 12.18 ? 38  LYS A CA    1 
ATOM   271  C C     . LYS A 1 37  ? 12.095  -4.762  7.023   1.00 11.56 ? 38  LYS A C     1 
ATOM   272  O O     . LYS A 1 37  ? 12.655  -5.351  7.919   1.00 13.56 ? 38  LYS A O     1 
ATOM   273  C CB    . LYS A 1 37  ? 12.522  -2.339  7.240   1.00 13.21 ? 38  LYS A CB    1 
ATOM   274  C CG    . LYS A 1 37  ? 13.274  -1.064  6.829   1.00 13.58 ? 38  LYS A CG    1 
ATOM   275  C CD    . LYS A 1 37  ? 14.750  -1.352  6.516   1.00 15.88 ? 38  LYS A CD    1 
ATOM   276  C CE    . LYS A 1 37  ? 15.506  -1.886  7.709   1.00 17.26 ? 38  LYS A CE    1 
ATOM   277  N NZ    . LYS A 1 37  ? 16.972  -2.033  7.480   1.00 18.02 ? 38  LYS A NZ    1 
ATOM   278  N N     . ASP A 1 38  ? 10.857  -5.048  6.619   1.00 11.55 ? 39  ASP A N     1 
ATOM   279  C CA    . ASP A 1 38  ? 10.044  -6.082  7.248   1.00 11.60 ? 39  ASP A CA    1 
ATOM   280  C C     . ASP A 1 38  ? 8.868   -6.404  6.332   1.00 10.74 ? 39  ASP A C     1 
ATOM   281  O O     . ASP A 1 38  ? 8.802   -5.905  5.246   1.00 10.31 ? 39  ASP A O     1 
ATOM   282  C CB    . ASP A 1 38  ? 9.590   -5.670  8.648   1.00 11.74 ? 39  ASP A CB    1 
ATOM   283  C CG    . ASP A 1 38  ? 8.554   -4.528  8.664   1.00 10.66 ? 39  ASP A CG    1 
ATOM   284  O OD1   . ASP A 1 38  ? 8.229   -4.008  7.606   1.00 10.78 ? 39  ASP A OD1   1 
ATOM   285  O OD2   . ASP A 1 38  ? 8.117   -4.242  9.758   1.00 11.37 ? 39  ASP A OD2   1 
ATOM   286  N N     . ALA A 1 39  ? 7.993   -7.265  6.788   1.00 10.53 ? 40  ALA A N     1 
ATOM   287  C CA    . ALA A 1 39  ? 6.876   -7.734  5.961   1.00 10.25 ? 40  ALA A CA    1 
ATOM   288  C C     . ALA A 1 39  ? 5.942   -6.575  5.581   1.00 10.24 ? 40  ALA A C     1 
ATOM   289  O O     . ALA A 1 39  ? 5.518   -6.471  4.459   1.00 9.88  ? 40  ALA A O     1 
ATOM   290  C CB    . ALA A 1 39  ? 6.131   -8.836  6.683   1.00 10.91 ? 40  ALA A CB    1 
ATOM   291  N N     . THR A 1 40  ? 5.663   -5.675  6.511   1.00 9.75  ? 41  THR A N     1 
ATOM   292  C CA    . THR A 1 40  ? 4.825   -4.479  6.199   1.00 9.87  ? 41  THR A CA    1 
ATOM   293  C C     . THR A 1 40  ? 5.469   -3.643  5.119   1.00 9.47  ? 41  THR A C     1 
ATOM   294  O O     . THR A 1 40  ? 4.772   -3.243  4.159   1.00 9.76  ? 41  THR A O     1 
ATOM   295  C CB    . THR A 1 40  ? 4.577   -3.639  7.468   1.00 9.66  ? 41  THR A CB    1 
ATOM   296  O OG1   . THR A 1 40  ? 3.714   -4.385  8.362   1.00 10.53 ? 41  THR A OG1   1 
ATOM   297  C CG2   . THR A 1 40  ? 3.917   -2.368  7.137   1.00 10.49 ? 41  THR A CG2   1 
ATOM   298  N N     . ASP A 1 41  ? 6.776   -3.404  5.218   1.00 10.03 ? 42  ASP A N     1 
ATOM   299  C CA    . ASP A 1 41  ? 7.493   -2.668  4.200   1.00 9.88  ? 42  ASP A CA    1 
ATOM   300  C C     . ASP A 1 41  ? 7.447   -3.388  2.868   1.00 9.23  ? 42  ASP A C     1 
ATOM   301  O O     . ASP A 1 41  ? 7.351   -2.754  1.811   1.00 9.85  ? 42  ASP A O     1 
ATOM   302  C CB    . ASP A 1 41  ? 8.930   -2.385  4.684   1.00 10.18 ? 42  ASP A CB    1 
ATOM   303  C CG    . ASP A 1 41  ? 9.574   -1.204  4.016   1.00 10.41 ? 42  ASP A CG    1 
ATOM   304  O OD1   . ASP A 1 41  ? 8.875   -0.389  3.382   1.00 11.61 ? 42  ASP A OD1   1 
ATOM   305  O OD2   . ASP A 1 41  ? 10.825  -1.081  4.144   1.00 10.81 ? 42  ASP A OD2   1 
ATOM   306  N N     . ARG A 1 42  ? 7.499   -4.716  2.870   1.00 9.31  ? 43  ARG A N     1 
ATOM   307  C CA    . ARG A 1 42  ? 7.361   -5.521  1.675   1.00 10.50 ? 43  ARG A CA    1 
ATOM   308  C C     . ARG A 1 42  ? 5.987   -5.330  1.025   1.00 9.17  ? 43  ARG A C     1 
ATOM   309  O O     . ARG A 1 42  ? 5.849   -5.303  -0.196  1.00 9.70  ? 43  ARG A O     1 
ATOM   310  C CB    . ARG A 1 42  ? 7.711   -6.985  1.868   1.00 9.69  ? 43  ARG A CB    1 
ATOM   311  C CG    . ARG A 1 42  ? 9.191   -7.222  2.160   1.00 10.65 ? 43  ARG A CG    1 
ATOM   312  C CD    . ARG A 1 42  ? 9.610   -8.688  2.090   1.00 11.87 ? 43  ARG A CD    1 
ATOM   313  N NE    . ARG A 1 42  ? 9.093   -9.436  3.220   1.00 11.47 ? 43  ARG A NE    1 
ATOM   314  C CZ    . ARG A 1 42  ? 9.714   -9.541  4.425   1.00 11.87 ? 43  ARG A CZ    1 
ATOM   315  N NH1   . ARG A 1 42  ? 10.823  -8.857  4.637   1.00 12.26 ? 43  ARG A NH1   1 
ATOM   316  N NH2   . ARG A 1 42  ? 9.166   -10.255 5.353   1.00 12.59 ? 43  ARG A NH2   1 
ATOM   317  N N     . CYS A 1 43  ? 4.949   -5.172  1.852   1.00 8.80  ? 44  CYS A N     1 
ATOM   318  C CA    . CYS A 1 43  ? 3.625   -4.840  1.293   1.00 9.06  ? 44  CYS A CA    1 
ATOM   319  C C     . CYS A 1 43  ? 3.725   -3.582  0.450   1.00 8.88  ? 44  CYS A C     1 
ATOM   320  O O     . CYS A 1 43  ? 3.167   -3.465  -0.650  1.00 9.28  ? 44  CYS A O     1 
ATOM   321  C CB    . CYS A 1 43  ? 2.610   -4.582  2.379   1.00 9.61  ? 44  CYS A CB    1 
ATOM   322  S SG    . CYS A 1 43  ? 2.294   -5.931  3.544   1.00 9.54  ? 44  CYS A SG    1 
ATOM   323  N N     . CYS A 1 44  ? 4.440   -2.546  0.980   1.00 9.71  ? 45  CYS A N     1 
ATOM   324  C CA    . CYS A 1 44  ? 4.591   -1.310  0.267   1.00 9.91  ? 45  CYS A CA    1 
ATOM   325  C C     . CYS A 1 44  ? 5.481   -1.435  -0.954  1.00 9.99  ? 45  CYS A C     1 
ATOM   326  O O     . CYS A 1 44  ? 5.159   -0.827  -1.973  1.00 9.76  ? 45  CYS A O     1 
ATOM   327  C CB    . CYS A 1 44  ? 5.190   -0.256  1.194   1.00 9.77  ? 45  CYS A CB    1 
ATOM   328  S SG    . CYS A 1 44  ? 3.996   0.115   2.516   1.00 10.88 ? 45  CYS A SG    1 
ATOM   329  N N     . PHE A 1 45  ? 6.547   -2.221  -0.893  1.00 9.85  ? 46  PHE A N     1 
ATOM   330  C CA    . PHE A 1 45  ? 7.362   -2.471  -2.056  1.00 10.30 ? 46  PHE A CA    1 
ATOM   331  C C     . PHE A 1 45  ? 6.492   -3.026  -3.173  1.00 9.80  ? 46  PHE A C     1 
ATOM   332  O O     . PHE A 1 45  ? 6.546   -2.573  -4.338  1.00 9.80  ? 46  PHE A O     1 
ATOM   333  C CB    . PHE A 1 45  ? 8.464   -3.469  -1.701  1.00 10.91 ? 46  PHE A CB    1 
ATOM   334  C CG    . PHE A 1 45  ? 9.300   -3.863  -2.883  1.00 11.35 ? 46  PHE A CG    1 
ATOM   335  C CD1   . PHE A 1 45  ? 10.338  -3.047  -3.317  1.00 13.07 ? 46  PHE A CD1   1 
ATOM   336  C CD2   . PHE A 1 45  ? 9.022   -4.956  -3.659  1.00 12.86 ? 46  PHE A CD2   1 
ATOM   337  C CE1   . PHE A 1 45  ? 11.106  -3.343  -4.434  1.00 15.35 ? 46  PHE A CE1   1 
ATOM   338  C CE2   . PHE A 1 45  ? 9.809   -5.212  -4.809  1.00 13.93 ? 46  PHE A CE2   1 
ATOM   339  C CZ    . PHE A 1 45  ? 10.796  -4.368  -5.125  1.00 14.05 ? 46  PHE A CZ    1 
ATOM   340  N N     . VAL A 1 46  ? 5.699   -4.095  -2.878  1.00 9.20  ? 47  VAL A N     1 
ATOM   341  C CA    . VAL A 1 46  ? 4.880   -4.721  -3.903  1.00 9.47  ? 47  VAL A CA    1 
ATOM   342  C C     . VAL A 1 46  ? 3.796   -3.770  -4.380  1.00 9.22  ? 47  VAL A C     1 
ATOM   343  O O     . VAL A 1 46  ? 3.512   -3.731  -5.561  1.00 9.31  ? 47  VAL A O     1 
ATOM   344  C CB    . VAL A 1 46  ? 4.237   -6.022  -3.310  1.00 9.12  ? 47  VAL A CB    1 
ATOM   345  C CG1   . VAL A 1 46  ? 3.190   -6.610  -4.292  1.00 9.72  ? 47  VAL A CG1   1 
ATOM   346  C CG2   . VAL A 1 46  ? 5.360   -7.061  -3.030  1.00 10.49 ? 47  VAL A CG2   1 
ATOM   347  N N     . HIS A 1 47  ? 3.232   -2.963  -3.505  1.00 9.08  ? 48  HIS A N     1 
ATOM   348  C CA    . HIS A 1 47  ? 2.252   -1.921  -3.908  1.00 9.22  ? 48  HIS A CA    1 
ATOM   349  C C     . HIS A 1 47  ? 2.840   -0.933  -4.867  1.00 8.80  ? 48  HIS A C     1 
ATOM   350  O O     . HIS A 1 47  ? 2.225   -0.593  -5.850  1.00 9.21  ? 48  HIS A O     1 
ATOM   351  C CB    . HIS A 1 47  ? 1.713   -1.281  -2.651  1.00 9.68  ? 48  HIS A CB    1 
ATOM   352  C CG    . HIS A 1 47  ? 0.570   -0.327  -2.946  1.00 9.08  ? 48  HIS A CG    1 
ATOM   353  N ND1   . HIS A 1 47  ? 0.709   1.005   -2.872  1.00 10.36 ? 48  HIS A ND1   1 
ATOM   354  C CD2   . HIS A 1 47  ? -0.746  -0.558  -3.229  1.00 8.56  ? 48  HIS A CD2   1 
ATOM   355  C CE1   . HIS A 1 47  ? -0.459  1.578   -3.165  1.00 10.21 ? 48  HIS A CE1   1 
ATOM   356  N NE2   . HIS A 1 47  ? -1.356  0.632   -3.389  1.00 9.26  ? 48  HIS A NE2   1 
ATOM   357  N N     . ASP A 1 48  ? 4.056   -0.502  -4.623  1.00 9.65  ? 49  ASP A N     1 
ATOM   358  C CA    . ASP A 1 48  ? 4.781   0.383   -5.531  1.00 10.02 ? 49  ASP A CA    1 
ATOM   359  C C     . ASP A 1 48  ? 4.964   -0.301  -6.882  1.00 9.60  ? 49  ASP A C     1 
ATOM   360  O O     . ASP A 1 48  ? 4.732   0.310   -7.933  1.00 10.42 ? 49  ASP A O     1 
ATOM   361  C CB    . ASP A 1 48  ? 6.176   0.774   -4.982  1.00 10.81 ? 49  ASP A CB    1 
ATOM   362  C CG    . ASP A 1 48  ? 6.126   1.698   -3.813  1.00 11.95 ? 49  ASP A CG    1 
ATOM   363  O OD1   . ASP A 1 48  ? 5.076   2.095   -3.367  1.00 12.71 ? 49  ASP A OD1   1 
ATOM   364  O OD2   . ASP A 1 48  ? 7.233   2.053   -3.345  1.00 14.41 ? 49  ASP A OD2   1 
ATOM   365  N N     . CYS A 1 49  ? 5.377   -1.551  -6.868  1.00 10.06 ? 50  CYS A N     1 
ATOM   366  C CA    . CYS A 1 49  ? 5.529   -2.313  -8.137  1.00 9.69  ? 50  CYS A CA    1 
ATOM   367  C C     . CYS A 1 49  ? 4.197   -2.404  -8.847  1.00 9.97  ? 50  CYS A C     1 
ATOM   368  O O     . CYS A 1 49  ? 4.111   -2.349  -10.062 1.00 10.71 ? 50  CYS A O     1 
ATOM   369  C CB    . CYS A 1 49  ? 6.066   -3.697  -7.839  1.00 9.76  ? 50  CYS A CB    1 
ATOM   370  S SG    . CYS A 1 49  ? 7.756   -3.751  -7.184  1.00 11.39 ? 50  CYS A SG    1 
ATOM   371  N N     . CYS A 1 50  ? 3.129   -2.634  -8.073  1.00 9.64  ? 51  CYS A N     1 
ATOM   372  C CA    . CYS A 1 50  ? 1.790   -2.808  -8.616  1.00 9.28  ? 51  CYS A CA    1 
ATOM   373  C C     . CYS A 1 50  ? 1.360   -1.517  -9.306  1.00 8.60  ? 51  CYS A C     1 
ATOM   374  O O     . CYS A 1 50  ? 0.891   -1.583  -10.478 1.00 10.07 ? 51  CYS A O     1 
ATOM   375  C CB    . CYS A 1 50  ? 0.850   -3.175  -7.484  1.00 9.22  ? 51  CYS A CB    1 
ATOM   376  S SG    . CYS A 1 50  ? -0.699  -3.934  -8.053  1.00 8.97  ? 51  CYS A SG    1 
ATOM   377  N N     . TYR A 1 51  ? 1.547   -0.363  -8.700  1.00 9.24  ? 52  TYR A N     1 
ATOM   378  C CA    . TYR A 1 51  ? 1.285   0.905   -9.347  1.00 10.80 ? 52  TYR A CA    1 
ATOM   379  C C     . TYR A 1 51  ? 2.206   1.069   -10.536 1.00 10.29 ? 52  TYR A C     1 
ATOM   380  O O     . TYR A 1 51  ? 1.811   1.630   -11.601 1.00 10.91 ? 52  TYR A O     1 
ATOM   381  C CB    . TYR A 1 51  ? 1.495   2.082   -8.426  1.00 10.15 ? 52  TYR A CB    1 
ATOM   382  C CG    . TYR A 1 51  ? 0.365   2.373   -7.465  1.00 10.08 ? 52  TYR A CG    1 
ATOM   383  C CD1   . TYR A 1 51  ? -0.770  1.567   -7.357  1.00 9.53  ? 52  TYR A CD1   1 
ATOM   384  C CD2   . TYR A 1 51  ? 0.401   3.518   -6.683  1.00 10.32 ? 52  TYR A CD2   1 
ATOM   385  C CE1   . TYR A 1 51  ? -1.797  1.899   -6.469  1.00 9.31  ? 52  TYR A CE1   1 
ATOM   386  C CE2   . TYR A 1 51  ? -0.640  3.882   -5.833  1.00 10.31 ? 52  TYR A CE2   1 
ATOM   387  C CZ    . TYR A 1 51  ? -1.695  3.044   -5.742  1.00 9.98  ? 52  TYR A CZ    1 
ATOM   388  O OH    . TYR A 1 51  ? -2.731  3.385   -4.842  1.00 10.22 ? 52  TYR A OH    1 
ATOM   389  N N     . GLY A 1 52  ? 3.452   0.609   -10.425 1.00 11.53 ? 53  GLY A N     1 
ATOM   390  C CA    . GLY A 1 52  ? 4.416   0.669   -11.549 1.00 12.74 ? 53  GLY A CA    1 
ATOM   391  C C     . GLY A 1 52  ? 3.945   -0.157  -12.735 1.00 12.15 ? 53  GLY A C     1 
ATOM   392  O O     . GLY A 1 52  ? 4.437   0.145   -13.896 1.00 14.15 ? 53  GLY A O     1 
ATOM   393  N N     . ASN A 1 53  ? 3.129   -1.123  -12.590 1.00 12.40 ? 54  ASN A N     1 
ATOM   394  C CA    . ASN A 1 53  ? 2.613   -1.918  -13.666 1.00 12.80 ? 54  ASN A CA    1 
ATOM   395  C C     . ASN A 1 53  ? 1.559   -1.084  -14.492 1.00 11.54 ? 54  ASN A C     1 
ATOM   396  O O     . ASN A 1 53  ? 1.110   -1.555  -15.509 1.00 13.98 ? 54  ASN A O     1 
ATOM   397  C CB    . ASN A 1 53  ? 1.929   -3.232  -13.165 1.00 13.68 ? 54  ASN A CB    1 
ATOM   398  C CG    . ASN A 1 53  ? 2.822   -4.207  -12.334 1.00 14.86 ? 54  ASN A CG    1 
ATOM   399  O OD1   . ASN A 1 53  ? 3.985   -4.355  -12.625 1.00 16.39 ? 54  ASN A OD1   1 
ATOM   400  N ND2   . ASN A 1 53  ? 2.162   -4.948  -11.282 1.00 14.37 ? 54  ASN A ND2   1 
ATOM   401  N N     . LEU A 1 54  ? 1.185   0.118   -13.999 1.00 12.09 ? 55  LEU A N     1 
ATOM   402  C CA    . LEU A 1 54  ? 0.081   0.937   -14.538 1.00 11.60 ? 55  LEU A CA    1 
ATOM   403  C C     . LEU A 1 54  ? 0.678   2.352   -14.747 1.00 12.09 ? 55  LEU A C     1 
ATOM   404  O O     . LEU A 1 54  ? 0.421   3.277   -14.148 1.00 11.31 ? 55  LEU A O     1 
ATOM   405  C CB    . LEU A 1 54  ? -1.033  1.048   -13.499 1.00 12.51 ? 55  LEU A CB    1 
ATOM   406  C CG    . LEU A 1 54  ? -1.463  -0.257  -12.836 1.00 12.48 ? 55  LEU A CG    1 
ATOM   407  C CD1   . LEU A 1 54  ? -2.487  0.024   -11.717 1.00 12.11 ? 55  LEU A CD1   1 
ATOM   408  C CD2   . LEU A 1 54  ? -1.955  -1.267  -13.854 1.00 15.61 ? 55  LEU A CD2   1 
ATOM   409  N N     . PRO A 1 55  ? 1.551   2.315   -15.863 1.00 12.86 ? 56  PRO A N     1 
ATOM   410  C CA    . PRO A 1 55  ? 2.190   3.589   -16.179 1.00 13.38 ? 56  PRO A CA    1 
ATOM   411  C C     . PRO A 1 55  ? 1.257   4.697   -16.822 1.00 13.53 ? 56  PRO A C     1 
ATOM   412  O O     . PRO A 1 55  ? 1.544   5.806   -16.753 1.00 14.29 ? 56  PRO A O     1 
ATOM   413  C CB    . PRO A 1 55  ? 3.275   3.177   -17.181 1.00 13.69 ? 56  PRO A CB    1 
ATOM   414  C CG    . PRO A 1 55  ? 2.764   1.996   -17.830 1.00 15.86 ? 56  PRO A CG    1 
ATOM   415  C CD    . PRO A 1 55  ? 2.209   1.221   -16.729 1.00 14.85 ? 56  PRO A CD    1 
ATOM   416  N N     . ASP A 1 56  ? 0.036   4.018   -17.494 1.00 12.90 ? 59  ASP A N     1 
ATOM   417  C CA    . ASP A 1 56  ? -0.811  5.082   -18.085 1.00 11.15 ? 59  ASP A CA    1 
ATOM   418  C C     . ASP A 1 56  ? -2.122  5.301   -17.321 1.00 12.93 ? 59  ASP A C     1 
ATOM   419  O O     . ASP A 1 56  ? -3.045  6.004   -17.713 1.00 12.62 ? 59  ASP A O     1 
ATOM   420  C CB    . ASP A 1 56  ? -1.071  4.719   -19.556 1.00 13.01 ? 59  ASP A CB    1 
ATOM   421  C CG    . ASP A 1 56  ? 0.215   4.780   -20.426 1.00 13.31 ? 59  ASP A CG    1 
ATOM   422  O OD1   . ASP A 1 56  ? 1.100   5.511   -20.035 1.00 15.05 ? 59  ASP A OD1   1 
ATOM   423  O OD2   . ASP A 1 56  ? 0.165   4.011   -21.425 1.00 14.40 ? 59  ASP A OD2   1 
ATOM   424  N N     . CYS A 1 57  ? -1.982  4.759   -15.874 1.00 10.77 ? 61  CYS A N     1 
ATOM   425  C CA    . CYS A 1 57  ? -3.062  5.095   -14.946 1.00 10.07 ? 61  CYS A CA    1 
ATOM   426  C C     . CYS A 1 57  ? -2.502  6.082   -14.051 1.00 10.73 ? 61  CYS A C     1 
ATOM   427  O O     . CYS A 1 57  ? -1.328  6.443   -13.992 1.00 12.23 ? 61  CYS A O     1 
ATOM   428  C CB    . CYS A 1 57  ? -3.552  3.844   -14.205 1.00 9.36  ? 61  CYS A CB    1 
ATOM   429  S SG    . CYS A 1 57  ? -4.073  2.528   -15.347 1.00 9.21  ? 61  CYS A SG    1 
ATOM   430  N N     . ASN A 1 58  ? -3.556  6.697   -13.134 1.00 11.32 ? 67  ASN A N     1 
ATOM   431  C CA    . ASN A 1 58  ? -3.148  7.752   -12.184 1.00 10.08 ? 67  ASN A CA    1 
ATOM   432  C C     . ASN A 1 58  ? -3.695  7.316   -10.803 1.00 10.37 ? 67  ASN A C     1 
ATOM   433  O O     . ASN A 1 58  ? -4.691  7.805   -10.330 1.00 11.48 ? 67  ASN A O     1 
ATOM   434  C CB    . ASN A 1 58  ? -3.705  9.102   -12.643 1.00 11.68 ? 67  ASN A CB    1 
ATOM   435  C CG    . ASN A 1 58  ? -3.126  9.498   -13.946 1.00 11.38 ? 67  ASN A CG    1 
ATOM   436  O OD1   . ASN A 1 58  ? -3.700  9.200   -15.016 1.00 12.15 ? 67  ASN A OD1   1 
ATOM   437  N ND2   . ASN A 1 58  ? -1.982  10.130  -13.901 1.00 11.46 ? 67  ASN A ND2   1 
ATOM   438  N N     . PRO A 1 59  ? -2.968  6.376   -10.178 1.00 11.80 ? 68  PRO A N     1 
ATOM   439  C CA    . PRO A 1 59  ? -3.414  5.709   -8.961  1.00 13.15 ? 68  PRO A CA    1 
ATOM   440  C C     . PRO A 1 59  ? -3.643  6.633   -7.811  1.00 14.20 ? 68  PRO A C     1 
ATOM   441  O O     . PRO A 1 59  ? -4.473  6.327   -6.920  1.00 15.82 ? 68  PRO A O     1 
ATOM   442  C CB    . PRO A 1 59  ? -2.336  4.686   -8.719  1.00 14.99 ? 68  PRO A CB    1 
ATOM   443  C CG    . PRO A 1 59  ? -1.641  4.443   -9.944  1.00 14.94 ? 68  PRO A CG    1 
ATOM   444  C CD    . PRO A 1 59  ? -1.702  5.794   -10.623 1.00 12.48 ? 68  PRO A CD    1 
ATOM   445  N N     . LYS A 1 60  ? -2.979  7.777   -7.736  1.00 13.72 ? 69  LYS A N     1 
ATOM   446  C CA    . LYS A 1 60  ? -3.144  8.734   -6.623  1.00 14.51 ? 69  LYS A CA    1 
ATOM   447  C C     . LYS A 1 60  ? -4.428  9.466   -6.622  1.00 14.17 ? 69  LYS A C     1 
ATOM   448  O O     . LYS A 1 60  ? -4.991  9.811   -5.560  1.00 15.29 ? 69  LYS A O     1 
ATOM   449  C CB    . LYS A 1 60  ? -1.928  9.693   -6.584  1.00 17.75 ? 69  LYS A CB    1 
ATOM   450  C CG    . LYS A 1 60  ? -0.711  8.909   -6.234  1.00 20.92 ? 69  LYS A CG    1 
ATOM   451  C CD    . LYS A 1 60  ? 0.495   9.868   -6.231  1.00 20.65 ? 69  LYS A CD    1 
ATOM   452  C CE    . LYS A 1 60  ? 1.784   9.276   -5.759  1.00 23.05 ? 69  LYS A CE    1 
ATOM   453  N NZ    . LYS A 1 60  ? 2.968   10.142  -5.836  1.00 21.06 ? 69  LYS A NZ    1 
ATOM   454  N N     . SER A 1 61  ? -5.008  9.702   -7.828  1.00 13.11 ? 70  SER A N     1 
ATOM   455  C CA    . SER A 1 61  ? -6.097  10.531  -7.916  1.00 13.21 ? 70  SER A CA    1 
ATOM   456  C C     . SER A 1 61  ? -7.351  9.904   -8.490  1.00 12.10 ? 70  SER A C     1 
ATOM   457  O O     . SER A 1 61  ? -8.440  10.269  -8.144  1.00 14.51 ? 70  SER A O     1 
ATOM   458  C CB    . SER A 1 61  ? -5.732  11.724  -8.799  1.00 15.20 ? 70  SER A CB    1 
ATOM   459  O OG    . SER A 1 61  ? -5.322  11.309  -10.107 1.00 14.90 ? 70  SER A OG    1 
ATOM   460  N N     . ASP A 1 62  ? -7.212  8.809   -9.320  1.00 10.99 ? 71  ASP A N     1 
ATOM   461  C CA    . ASP A 1 62  ? -8.361  8.171   -9.932  1.00 10.20 ? 71  ASP A CA    1 
ATOM   462  C C     . ASP A 1 62  ? -9.114  7.374   -8.870  1.00 10.21 ? 71  ASP A C     1 
ATOM   463  O O     . ASP A 1 62  ? -8.520  6.540   -8.143  1.00 11.69 ? 71  ASP A O     1 
ATOM   464  C CB    . ASP A 1 62  ? -7.860  7.283   -11.060 1.00 10.13 ? 71  ASP A CB    1 
ATOM   465  C CG    . ASP A 1 62  ? -8.938  6.787   -11.989 1.00 8.75  ? 71  ASP A CG    1 
ATOM   466  O OD1   . ASP A 1 62  ? -10.145 7.099   -11.733 1.00 9.54  ? 71  ASP A OD1   1 
ATOM   467  O OD2   . ASP A 1 62  ? -8.599  6.064   -12.957 1.00 9.40  ? 71  ASP A OD2   1 
ATOM   468  N N     . ARG A 1 63  ? -10.408 7.581   -8.762  1.00 10.73 ? 72  ARG A N     1 
ATOM   469  C CA    . ARG A 1 63  ? -11.254 6.941   -7.716  1.00 11.23 ? 72  ARG A CA    1 
ATOM   470  C C     . ARG A 1 63  ? -11.880 5.676   -8.294  1.00 10.37 ? 72  ARG A C     1 
ATOM   471  O O     . ARG A 1 63  ? -12.317 5.596   -9.435  1.00 10.60 ? 72  ARG A O     1 
ATOM   472  C CB    . ARG A 1 63  ? -12.437 7.898   -7.369  1.00 11.05 ? 72  ARG A CB    1 
ATOM   473  C CG    . ARG A 1 63  ? -11.965 9.171   -6.666  1.00 12.59 ? 72  ARG A CG    1 
ATOM   474  C CD    . ARG A 1 63  ? -13.120 9.868   -6.024  1.00 12.86 ? 72  ARG A CD    1 
ATOM   475  N NE    . ARG A 1 63  ? -12.745 11.169  -5.526  1.00 13.32 ? 72  ARG A NE    1 
ATOM   476  C CZ    . ARG A 1 63  ? -13.511 11.959  -4.794  1.00 14.25 ? 72  ARG A CZ    1 
ATOM   477  N NH1   . ARG A 1 63  ? -12.970 13.151  -4.480  1.00 15.78 ? 72  ARG A NH1   1 
ATOM   478  N NH2   . ARG A 1 63  ? -14.661 11.581  -4.438  1.00 15.39 ? 72  ARG A NH2   1 
ATOM   479  N N     . TYR A 1 64  ? -11.902 4.656   -7.471  1.00 10.56 ? 73  TYR A N     1 
ATOM   480  C CA    . TYR A 1 64  ? -12.545 3.383   -7.764  1.00 11.58 ? 73  TYR A CA    1 
ATOM   481  C C     . TYR A 1 64  ? -13.645 3.155   -6.712  1.00 10.90 ? 73  TYR A C     1 
ATOM   482  O O     . TYR A 1 64  ? -13.643 3.763   -5.642  1.00 12.35 ? 73  TYR A O     1 
ATOM   483  C CB    . TYR A 1 64  ? -11.555 2.203   -7.808  1.00 10.40 ? 73  TYR A CB    1 
ATOM   484  C CG    . TYR A 1 64  ? -10.723 2.104   -6.585  1.00 10.03 ? 73  TYR A CG    1 
ATOM   485  C CD1   . TYR A 1 64  ? -11.195 1.491   -5.397  1.00 10.51 ? 73  TYR A CD1   1 
ATOM   486  C CD2   . TYR A 1 64  ? -9.410  2.618   -6.530  1.00 10.03 ? 73  TYR A CD2   1 
ATOM   487  C CE1   . TYR A 1 64  ? -10.413 1.458   -4.255  1.00 10.59 ? 73  TYR A CE1   1 
ATOM   488  C CE2   . TYR A 1 64  ? -8.631  2.580   -5.383  1.00 10.13 ? 73  TYR A CE2   1 
ATOM   489  C CZ    . TYR A 1 64  ? -9.142  1.961   -4.251  1.00 9.57  ? 73  TYR A CZ    1 
ATOM   490  O OH    . TYR A 1 64  ? -8.406  1.940   -3.103  1.00 10.00 ? 73  TYR A OH    1 
ATOM   491  N N     . LYS A 1 65  ? -14.494 2.148   -6.959  1.00 11.10 ? 74  LYS A N     1 
ATOM   492  C CA    . LYS A 1 65  ? -15.507 1.754   -6.022  1.00 11.24 ? 74  LYS A CA    1 
ATOM   493  C C     . LYS A 1 65  ? -15.259 0.312   -5.594  1.00 11.19 ? 74  LYS A C     1 
ATOM   494  O O     . LYS A 1 65  ? -14.842 -0.542  -6.386  1.00 11.36 ? 74  LYS A O     1 
ATOM   495  C CB    . LYS A 1 65  ? -16.910 1.769   -6.613  1.00 12.35 ? 74  LYS A CB    1 
ATOM   496  C CG    . LYS A 1 65  ? -17.406 3.216   -6.963  1.00 13.93 ? 74  LYS A CG    1 
ATOM   497  C CD    . LYS A 1 65  ? -17.663 4.030   -5.743  1.00 17.01 ? 74  LYS A CD    1 
ATOM   498  C CE    . LYS A 1 65  ? -18.171 5.419   -6.127  1.00 17.54 ? 74  LYS A CE    1 
ATOM   499  N NZ    . LYS A 1 65  ? -18.467 6.289   -4.992  1.00 18.50 ? 74  LYS A NZ    1 
ATOM   500  N N     . TYR A 1 66  ? -15.533 0.045   -4.321  1.00 11.83 ? 75  TYR A N     1 
ATOM   501  C CA    . TYR A 1 66  ? -15.448 -1.350  -3.822  1.00 12.22 ? 75  TYR A CA    1 
ATOM   502  C C     . TYR A 1 66  ? -16.552 -1.531  -2.804  1.00 13.20 ? 75  TYR A C     1 
ATOM   503  O O     . TYR A 1 66  ? -17.013 -0.533  -2.181  1.00 14.49 ? 75  TYR A O     1 
ATOM   504  C CB    . TYR A 1 66  ? -14.058 -1.666  -3.257  1.00 12.72 ? 75  TYR A CB    1 
ATOM   505  C CG    . TYR A 1 66  ? -13.694 -0.976  -1.979  1.00 12.21 ? 75  TYR A CG    1 
ATOM   506  C CD1   . TYR A 1 66  ? -13.209 0.341   -1.978  1.00 11.10 ? 75  TYR A CD1   1 
ATOM   507  C CD2   . TYR A 1 66  ? -13.863 -1.609  -0.726  1.00 12.41 ? 75  TYR A CD2   1 
ATOM   508  C CE1   . TYR A 1 66  ? -12.855 0.957   -0.840  1.00 12.18 ? 75  TYR A CE1   1 
ATOM   509  C CE2   . TYR A 1 66  ? -13.482 -0.969  0.444   1.00 12.29 ? 75  TYR A CE2   1 
ATOM   510  C CZ    . TYR A 1 66  ? -13.026 0.316   0.390   1.00 11.73 ? 75  TYR A CZ    1 
ATOM   511  O OH    . TYR A 1 66  ? -12.616 0.940   1.522   1.00 13.50 ? 75  TYR A OH    1 
ATOM   512  N N     . LYS A 1 67  ? -16.860 -2.782  -2.543  1.00 13.64 ? 76  LYS A N     1 
ATOM   513  C CA    . LYS A 1 67  ? -17.796 -3.194  -1.478  1.00 14.49 ? 76  LYS A CA    1 
ATOM   514  C C     . LYS A 1 67  ? -17.134 -4.285  -0.664  1.00 14.16 ? 76  LYS A C     1 
ATOM   515  O O     . LYS A 1 67  ? -15.991 -4.749  -0.971  1.00 13.62 ? 76  LYS A O     1 
ATOM   516  C CB    . LYS A 1 67  ? -19.111 -3.678  -2.106  1.00 15.27 ? 76  LYS A CB    1 
ATOM   517  C CG    . LYS A 1 67  ? -18.947 -4.852  -2.983  1.00 16.47 ? 76  LYS A CG    1 
ATOM   518  C CD    . LYS A 1 67  ? -20.244 -5.350  -3.685  1.00 17.92 ? 76  LYS A CD    1 
ATOM   519  C CE    . LYS A 1 67  ? -19.947 -6.487  -4.614  1.00 18.76 ? 76  LYS A CE    1 
ATOM   520  N NZ    . LYS A 1 67  ? -21.195 -6.978  -5.334  1.00 20.79 ? 76  LYS A NZ    1 
ATOM   521  N N     . ARG A 1 68  ? -17.870 -4.795  0.360   1.00 15.52 ? 77  ARG A N     1 
ATOM   522  C CA    . ARG A 1 68  ? -17.391 -5.983  1.069   1.00 16.71 ? 77  ARG A CA    1 
ATOM   523  C C     . ARG A 1 68  ? -18.452 -7.029  0.978   1.00 16.18 ? 77  ARG A C     1 
ATOM   524  O O     . ARG A 1 68  ? -19.660 -6.719  1.133   1.00 17.95 ? 77  ARG A O     1 
ATOM   525  C CB    . ARG A 1 68  ? -16.954 -5.718  2.467   1.00 18.98 ? 77  ARG A CB    1 
ATOM   526  C CG    . ARG A 1 68  ? -15.591 -5.056  2.572   1.00 19.52 ? 77  ARG A CG    1 
ATOM   527  C CD    . ARG A 1 68  ? -15.443 -4.319  3.839   1.00 20.99 ? 77  ARG A CD    1 
ATOM   528  N NE    . ARG A 1 68  ? -14.289 -3.498  3.801   1.00 17.12 ? 77  ARG A NE    1 
ATOM   529  C CZ    . ARG A 1 68  ? -13.048 -3.940  4.020   1.00 14.69 ? 77  ARG A CZ    1 
ATOM   530  N NH1   . ARG A 1 68  ? -12.836 -5.212  4.211   1.00 16.58 ? 77  ARG A NH1   1 
ATOM   531  N NH2   . ARG A 1 68  ? -11.992 -3.149  4.052   1.00 14.54 ? 77  ARG A NH2   1 
ATOM   532  N N     . VAL A 1 69  ? -18.071 -8.274  0.748   1.00 15.24 ? 78  VAL A N     1 
ATOM   533  C CA    . VAL A 1 69  ? -19.005 -9.405  0.692   1.00 15.62 ? 78  VAL A CA    1 
ATOM   534  C C     . VAL A 1 69  ? -18.373 -10.404 1.685   1.00 16.95 ? 78  VAL A C     1 
ATOM   535  O O     . VAL A 1 69  ? -17.222 -10.856 1.501   1.00 17.54 ? 78  VAL A O     1 
ATOM   536  C CB    . VAL A 1 69  ? -19.052 -9.985  -0.680  1.00 17.00 ? 78  VAL A CB    1 
ATOM   537  C CG1   . VAL A 1 69  ? -19.995 -11.165 -0.654  1.00 19.97 ? 78  VAL A CG1   1 
ATOM   538  C CG2   . VAL A 1 69  ? -19.563 -8.967  -1.663  1.00 18.69 ? 78  VAL A CG2   1 
ATOM   539  N N     . ASN A 1 70  ? -19.154 -10.820 2.688   1.00 18.09 ? 79  ASN A N     1 
ATOM   540  C CA    . ASN A 1 70  ? -18.667 -11.703 3.760   1.00 19.64 ? 79  ASN A CA    1 
ATOM   541  C C     . ASN A 1 70  ? -17.349 -11.171 4.299   1.00 18.14 ? 79  ASN A C     1 
ATOM   542  O O     . ASN A 1 70  ? -16.472 -11.980 4.614   1.00 21.39 ? 79  ASN A O     1 
ATOM   543  C CB    . ASN A 1 70  ? -18.544 -13.157 3.306   1.00 21.67 ? 79  ASN A CB    1 
ATOM   544  C CG    . ASN A 1 70  ? -19.900 -13.732 2.866   1.00 23.39 ? 79  ASN A CG    1 
ATOM   545  O OD1   . ASN A 1 70  ? -20.016 -14.353 1.777   1.00 25.57 ? 79  ASN A OD1   1 
ATOM   546  N ND2   . ASN A 1 70  ? -20.929 -13.517 3.715   1.00 25.35 ? 79  ASN A ND2   1 
ATOM   547  N N     . GLY A 1 71  ? -17.273 -9.851  4.490   1.00 18.67 ? 80  GLY A N     1 
ATOM   548  C CA    . GLY A 1 71  ? -16.058 -9.244  5.050   1.00 19.38 ? 80  GLY A CA    1 
ATOM   549  C C     . GLY A 1 71  ? -15.024 -8.773  4.020   1.00 17.20 ? 80  GLY A C     1 
ATOM   550  O O     . GLY A 1 71  ? -14.249 -7.833  4.288   1.00 18.92 ? 80  GLY A O     1 
ATOM   551  N N     . ALA A 1 72  ? -14.962 -9.522  2.937   1.00 15.59 ? 81  ALA A N     1 
ATOM   552  C CA    . ALA A 1 72  ? -13.874 -9.438  1.956   1.00 14.49 ? 81  ALA A CA    1 
ATOM   553  C C     . ALA A 1 72  ? -14.091 -8.286  0.976   1.00 13.30 ? 81  ALA A C     1 
ATOM   554  O O     . ALA A 1 72  ? -15.223 -8.048  0.517   1.00 14.46 ? 81  ALA A O     1 
ATOM   555  C CB    . ALA A 1 72  ? -13.726 -10.735 1.204   1.00 17.27 ? 81  ALA A CB    1 
ATOM   556  N N     . ILE A 1 73  ? -13.020 -7.561  0.620   1.00 12.42 ? 82  ILE A N     1 
ATOM   557  C CA    . ILE A 1 73  ? -13.080 -6.467  -0.358  1.00 11.35 ? 82  ILE A CA    1 
ATOM   558  C C     . ILE A 1 73  ? -13.341 -7.050  -1.701  1.00 11.33 ? 82  ILE A C     1 
ATOM   559  O O     . ILE A 1 73  ? -12.723 -8.017  -2.178  1.00 11.91 ? 82  ILE A O     1 
ATOM   560  C CB    . ILE A 1 73  ? -11.717 -5.721  -0.360  1.00 11.20 ? 82  ILE A CB    1 
ATOM   561  C CG1   . ILE A 1 73  ? -11.441 -5.098  1.025   1.00 13.11 ? 82  ILE A CG1   1 
ATOM   562  C CG2   . ILE A 1 73  ? -11.624 -4.676  -1.478  1.00 10.83 ? 82  ILE A CG2   1 
ATOM   563  C CD1   . ILE A 1 73  ? -9.978  -4.728  1.195   1.00 12.42 ? 82  ILE A CD1   1 
ATOM   564  N N     . VAL A 1 74  ? -14.301 -6.453  -2.396  1.00 11.05 ? 83  VAL A N     1 
ATOM   565  C CA    . VAL A 1 74  ? -14.623 -6.779  -3.799  1.00 11.99 ? 83  VAL A CA    1 
ATOM   566  C C     . VAL A 1 74  ? -14.558 -5.496  -4.541  1.00 11.34 ? 83  VAL A C     1 
ATOM   567  O O     . VAL A 1 74  ? -15.419 -4.584  -4.371  1.00 12.33 ? 83  VAL A O     1 
ATOM   568  C CB    . VAL A 1 74  ? -16.045 -7.421  -3.928  1.00 12.62 ? 83  VAL A CB    1 
ATOM   569  C CG1   . VAL A 1 74  ? -16.375 -7.760  -5.323  1.00 14.35 ? 83  VAL A CG1   1 
ATOM   570  C CG2   . VAL A 1 74  ? -16.099 -8.700  -3.047  1.00 13.84 ? 83  VAL A CG2   1 
ATOM   571  N N     . CYS A 1 75  ? -13.567 -5.365  -5.422  1.00 10.25 ? 84  CYS A N     1 
ATOM   572  C CA    . CYS A 1 75  ? -13.494 -4.191  -6.320  1.00 10.96 ? 84  CYS A CA    1 
ATOM   573  C C     . CYS A 1 75  ? -14.635 -4.250  -7.324  1.00 11.83 ? 84  CYS A C     1 
ATOM   574  O O     . CYS A 1 75  ? -14.857 -5.276  -7.976  1.00 14.03 ? 84  CYS A O     1 
ATOM   575  C CB    . CYS A 1 75  ? -12.188 -4.260  -7.057  1.00 11.10 ? 84  CYS A CB    1 
ATOM   576  S SG    . CYS A 1 75  ? -10.717 -3.976  -5.984  1.00 10.16 ? 84  CYS A SG    1 
ATOM   577  N N     . GLU A 1 76  ? -15.363 -3.166  -7.425  1.00 11.00 ? 85  GLU A N     1 
ATOM   578  C CA    . GLU A 1 76  ? -16.511 -3.098  -8.355  1.00 12.06 ? 85  GLU A CA    1 
ATOM   579  C C     . GLU A 1 76  ? -16.008 -2.631  -9.681  1.00 12.81 ? 85  GLU A C     1 
ATOM   580  O O     . GLU A 1 76  ? -14.928 -1.951  -9.792  1.00 16.05 ? 85  GLU A O     1 
ATOM   581  C CB    . GLU A 1 76  ? -17.595 -2.194  -7.728  1.00 14.18 ? 85  GLU A CB    1 
ATOM   582  C CG    . GLU A 1 76  ? -18.293 -2.915  -6.583  1.00 14.68 ? 85  GLU A CG    1 
ATOM   583  C CD    . GLU A 1 76  ? -19.170 -1.999  -5.770  1.00 15.20 ? 85  GLU A CD    1 
ATOM   584  O OE1   . GLU A 1 76  ? -18.627 -1.134  -5.140  1.00 17.54 ? 85  GLU A OE1   1 
ATOM   585  O OE2   . GLU A 1 76  ? -20.416 -2.248  -5.728  1.00 17.77 ? 85  GLU A OE2   1 
ATOM   586  N N     . LYS A 1 77  ? -16.720 -2.835  -10.753 1.00 11.67 ? 86  LYS A N     1 
ATOM   587  C CA    . LYS A 1 77  ? -16.266 -2.543  -12.140 1.00 12.67 ? 86  LYS A CA    1 
ATOM   588  C C     . LYS A 1 77  ? -16.441 -1.072  -12.405 1.00 13.91 ? 86  LYS A C     1 
ATOM   589  O O     . LYS A 1 77  ? -17.495 -0.472  -12.288 1.00 15.09 ? 86  LYS A O     1 
ATOM   590  C CB    . LYS A 1 77  ? -16.926 -3.438  -13.160 1.00 14.72 ? 86  LYS A CB    1 
ATOM   591  C CG    . LYS A 1 77  ? -16.463 -3.315  -14.591 1.00 19.22 ? 86  LYS A CG    1 
ATOM   592  C CD    . LYS A 1 77  ? -16.898 -4.491  -15.474 1.00 18.96 ? 86  LYS A CD    1 
ATOM   593  C CE    . LYS A 1 77  ? -16.828 -4.209  -16.933 1.00 20.21 ? 86  LYS A CE    1 
ATOM   594  N NZ    . LYS A 1 77  ? -16.535 -5.406  -17.644 1.00 22.94 ? 86  LYS A NZ    1 
ATOM   595  N N     . GLY A 1 78  ? -14.990 -0.344  -12.633 1.00 15.07 ? 88  GLY A N     1 
ATOM   596  C CA    . GLY A 1 78  ? -15.045 0.934   -13.260 1.00 10.78 ? 88  GLY A CA    1 
ATOM   597  C C     . GLY A 1 78  ? -14.294 0.826   -14.588 1.00 9.59  ? 88  GLY A C     1 
ATOM   598  O O     . GLY A 1 78  ? -14.466 -0.103  -15.350 1.00 11.35 ? 88  GLY A O     1 
ATOM   599  N N     . THR A 1 79  ? -13.484 1.856   -14.846 1.00 9.29  ? 89  THR A N     1 
ATOM   600  C CA    . THR A 1 79  ? -12.578 1.789   -15.975 1.00 9.05  ? 89  THR A CA    1 
ATOM   601  C C     . THR A 1 79  ? -11.523 0.735   -15.756 1.00 8.89  ? 89  THR A C     1 
ATOM   602  O O     . THR A 1 79  ? -11.331 0.272   -14.605 1.00 9.23  ? 89  THR A O     1 
ATOM   603  C CB    . THR A 1 79  ? -11.920 3.157   -16.223 1.00 8.67  ? 89  THR A CB    1 
ATOM   604  O OG1   . THR A 1 79  ? -11.004 3.385   -15.136 1.00 8.74  ? 89  THR A OG1   1 
ATOM   605  C CG2   . THR A 1 79  ? -12.928 4.270   -16.336 1.00 9.16  ? 89  THR A CG2   1 
ATOM   606  N N     . SER A 1 80  ? -10.766 0.335   -16.783 1.00 8.60  ? 90  SER A N     1 
ATOM   607  C CA    . SER A 1 80  ? -9.726  -0.657  -16.599 1.00 8.78  ? 90  SER A CA    1 
ATOM   608  C C     . SER A 1 80  ? -8.690  -0.112  -15.598 1.00 8.74  ? 90  SER A C     1 
ATOM   609  O O     . SER A 1 80  ? -8.278  -0.898  -14.715 1.00 8.97  ? 90  SER A O     1 
ATOM   610  C CB    . SER A 1 80  ? -9.036  -1.033  -17.886 1.00 10.06 ? 90  SER A CB    1 
ATOM   611  O OG    . SER A 1 80  ? -8.616  -0.025  -18.627 1.00 12.47 ? 90  SER A OG    1 
ATOM   612  N N     . CYS A 1 81  ? -8.260  1.103   -15.681 1.00 8.25  ? 91  CYS A N     1 
ATOM   613  C CA    . CYS A 1 81  ? -7.341  1.667   -14.719 1.00 9.07  ? 91  CYS A CA    1 
ATOM   614  C C     . CYS A 1 81  ? -7.892  1.569   -13.336 1.00 8.46  ? 91  CYS A C     1 
ATOM   615  O O     . CYS A 1 81  ? -7.181  1.187   -12.396 1.00 8.54  ? 91  CYS A O     1 
ATOM   616  C CB    . CYS A 1 81  ? -7.020  3.120   -15.052 1.00 8.10  ? 91  CYS A CB    1 
ATOM   617  S SG    . CYS A 1 81  ? -5.701  3.350   -16.263 1.00 9.05  ? 91  CYS A SG    1 
ATOM   618  N N     . GLU A 1 82  ? -9.151  1.959   -13.137 1.00 8.37  ? 92  GLU A N     1 
ATOM   619  C CA    . GLU A 1 82  ? -9.753  1.916   -11.796 1.00 8.56  ? 92  GLU A CA    1 
ATOM   620  C C     . GLU A 1 82  ? -9.765  0.480   -11.244 1.00 8.11  ? 92  GLU A C     1 
ATOM   621  O O     . GLU A 1 82  ? -9.434  0.279   -10.046 1.00 8.50  ? 92  GLU A O     1 
ATOM   622  C CB    . GLU A 1 82  ? -11.149 2.519   -11.849 1.00 8.46  ? 92  GLU A CB    1 
ATOM   623  C CG    . GLU A 1 82  ? -11.074 3.993   -11.971 1.00 8.89  ? 92  GLU A CG    1 
ATOM   624  C CD    . GLU A 1 82  ? -12.309 4.690   -12.491 1.00 8.84  ? 92  GLU A CD    1 
ATOM   625  O OE1   . GLU A 1 82  ? -13.337 4.034   -12.799 1.00 8.83  ? 92  GLU A OE1   1 
ATOM   626  O OE2   . GLU A 1 82  ? -12.267 5.959   -12.635 1.00 9.30  ? 92  GLU A OE2   1 
ATOM   627  N N     . ASN A 1 83  ? -10.112 -0.487  -12.039 1.00 8.51  ? 93  ASN A N     1 
ATOM   628  C CA    . ASN A 1 83  ? -10.101 -1.887  -11.590 1.00 9.05  ? 93  ASN A CA    1 
ATOM   629  C C     . ASN A 1 83  ? -8.737  -2.313  -11.157 1.00 8.08  ? 93  ASN A C     1 
ATOM   630  O O     . ASN A 1 83  ? -8.583  -2.990  -10.109 1.00 8.82  ? 93  ASN A O     1 
ATOM   631  C CB    . ASN A 1 83  ? -10.578 -2.774  -12.743 1.00 9.72  ? 93  ASN A CB    1 
ATOM   632  C CG    . ASN A 1 83  ? -12.002 -2.490  -13.227 1.00 11.09 ? 93  ASN A CG    1 
ATOM   633  O OD1   . ASN A 1 83  ? -12.780 -1.915  -12.511 1.00 11.41 ? 93  ASN A OD1   1 
ATOM   634  N ND2   . ASN A 1 83  ? -12.288 -2.890  -14.464 1.00 11.44 ? 93  ASN A ND2   1 
ATOM   635  N N     . ARG A 1 84  ? -7.739  -1.969  -11.925 1.00 8.44  ? 94  ARG A N     1 
ATOM   636  C CA    . ARG A 1 84  ? -6.338  -2.388  -11.676 1.00 8.43  ? 94  ARG A CA    1 
ATOM   637  C C     . ARG A 1 84  ? -5.799  -1.662  -10.434 1.00 8.56  ? 94  ARG A C     1 
ATOM   638  O O     . ARG A 1 84  ? -5.113  -2.283  -9.598  1.00 8.32  ? 94  ARG A O     1 
ATOM   639  C CB    . ARG A 1 84  ? -5.487  -2.155  -12.880 1.00 9.07  ? 94  ARG A CB    1 
ATOM   640  C CG    . ARG A 1 84  ? -5.949  -2.953  -14.102 1.00 9.77  ? 94  ARG A CG    1 
ATOM   641  C CD    . ARG A 1 84  ? -5.389  -2.444  -15.468 1.00 10.34 ? 94  ARG A CD    1 
ATOM   642  N NE    . ARG A 1 84  ? -4.060  -2.984  -15.595 1.00 11.07 ? 94  ARG A NE    1 
ATOM   643  C CZ    . ARG A 1 84  ? -3.197  -2.566  -16.509 1.00 11.67 ? 94  ARG A CZ    1 
ATOM   644  N NH1   . ARG A 1 84  ? -3.530  -1.561  -17.355 1.00 12.86 ? 94  ARG A NH1   1 
ATOM   645  N NH2   . ARG A 1 84  ? -2.013  -3.159  -16.672 1.00 14.08 ? 94  ARG A NH2   1 
ATOM   646  N N     . ILE A 1 85  ? -6.076  -0.386  -10.307 1.00 8.44  ? 95  ILE A N     1 
ATOM   647  C CA    . ILE A 1 85  ? -5.681  0.368   -9.090  1.00 7.97  ? 95  ILE A CA    1 
ATOM   648  C C     . ILE A 1 85  ? -6.335  -0.234  -7.872  1.00 7.94  ? 95  ILE A C     1 
ATOM   649  O O     . ILE A 1 85  ? -5.665  -0.466  -6.833  1.00 7.84  ? 95  ILE A O     1 
ATOM   650  C CB    . ILE A 1 85  ? -6.069  1.873   -9.241  1.00 8.27  ? 95  ILE A CB    1 
ATOM   651  C CG1   . ILE A 1 85  ? -5.303  2.545   -10.379 1.00 8.61  ? 95  ILE A CG1   1 
ATOM   652  C CG2   . ILE A 1 85  ? -5.866  2.574   -7.910  1.00 8.83  ? 95  ILE A CG2   1 
ATOM   653  C CD1   . ILE A 1 85  ? -5.963  3.795   -10.857 1.00 9.40  ? 95  ILE A CD1   1 
ATOM   654  N N     . CYS A 1 86  ? -7.624  -0.555  -7.955  1.00 7.98  ? 96  CYS A N     1 
ATOM   655  C CA    . CYS A 1 86  ? -8.337  -1.126  -6.814  1.00 8.32  ? 96  CYS A CA    1 
ATOM   656  C C     . CYS A 1 86  ? -7.664  -2.418  -6.414  1.00 8.30  ? 96  CYS A C     1 
ATOM   657  O O     . CYS A 1 86  ? -7.493  -2.705  -5.217  1.00 8.22  ? 96  CYS A O     1 
ATOM   658  C CB    . CYS A 1 86  ? -9.821  -1.343  -7.160  1.00 9.02  ? 96  CYS A CB    1 
ATOM   659  S SG    . CYS A 1 86  ? -10.745 -1.953  -5.730  1.00 9.01  ? 96  CYS A SG    1 
ATOM   660  N N     . GLU A 1 87  ? -7.306  -3.290  -7.357  1.00 8.40  ? 97  GLU A N     1 
ATOM   661  C CA    . GLU A 1 87  ? -6.642  -4.563  -7.015  1.00 8.25  ? 97  GLU A CA    1 
ATOM   662  C C     . GLU A 1 87  ? -5.316  -4.363  -6.357  1.00 8.57  ? 97  GLU A C     1 
ATOM   663  O O     . GLU A 1 87  ? -4.991  -5.108  -5.416  1.00 8.30  ? 97  GLU A O     1 
ATOM   664  C CB    . GLU A 1 87  ? -6.554  -5.454  -8.246  1.00 9.29  ? 97  GLU A CB    1 
ATOM   665  C CG    . GLU A 1 87  ? -7.902  -5.964  -8.756  1.00 10.53 ? 97  GLU A CG    1 
ATOM   666  C CD    . GLU A 1 87  ? -8.651  -6.881  -7.830  1.00 10.10 ? 97  GLU A CD    1 
ATOM   667  O OE1   . GLU A 1 87  ? -8.020  -7.607  -6.998  1.00 11.85 ? 97  GLU A OE1   1 
ATOM   668  O OE2   . GLU A 1 87  ? -9.914  -6.935  -7.888  1.00 11.84 ? 97  GLU A OE2   1 
ATOM   669  N N     . CYS A 1 88  ? -4.569  -3.371  -6.779  1.00 7.23  ? 98  CYS A N     1 
ATOM   670  C CA    . CYS A 1 88  ? -3.318  -3.057  -6.099  1.00 8.35  ? 98  CYS A CA    1 
ATOM   671  C C     . CYS A 1 88  ? -3.553  -2.628  -4.646  1.00 7.88  ? 98  CYS A C     1 
ATOM   672  O O     . CYS A 1 88  ? -2.842  -3.074  -3.745  1.00 7.67  ? 98  CYS A O     1 
ATOM   673  C CB    . CYS A 1 88  ? -2.561  -1.916  -6.821  1.00 7.78  ? 98  CYS A CB    1 
ATOM   674  S SG    . CYS A 1 88  ? -1.913  -2.334  -8.436  1.00 8.69  ? 98  CYS A SG    1 
ATOM   675  N N     . ASP A 1 89  ? -4.546  -1.771  -4.433  1.00 7.86  ? 99  ASP A N     1 
ATOM   676  C CA    . ASP A 1 89  ? -4.843  -1.245  -3.078  1.00 8.16  ? 99  ASP A CA    1 
ATOM   677  C C     . ASP A 1 89  ? -5.368  -2.299  -2.194  1.00 7.77  ? 99  ASP A C     1 
ATOM   678  O O     . ASP A 1 89  ? -4.952  -2.420  -1.025  1.00 8.07  ? 99  ASP A O     1 
ATOM   679  C CB    . ASP A 1 89  ? -5.781  -0.046  -3.197  1.00 8.09  ? 99  ASP A CB    1 
ATOM   680  C CG    . ASP A 1 89  ? -5.107  1.221   -3.672  1.00 7.75  ? 99  ASP A CG    1 
ATOM   681  O OD1   . ASP A 1 89  ? -3.921  1.205   -4.047  1.00 8.17  ? 99  ASP A OD1   1 
ATOM   682  O OD2   . ASP A 1 89  ? -5.828  2.253   -3.730  1.00 8.48  ? 99  ASP A OD2   1 
ATOM   683  N N     . LYS A 1 90  ? -6.302  -3.118  -2.691  1.00 8.18  ? 100 LYS A N     1 
ATOM   684  C CA    . LYS A 1 90  ? -6.872  -4.247  -1.950  1.00 8.15  ? 100 LYS A CA    1 
ATOM   685  C C     . LYS A 1 90  ? -5.787  -5.160  -1.490  1.00 8.09  ? 100 LYS A C     1 
ATOM   686  O O     . LYS A 1 90  ? -5.764  -5.559  -0.297  1.00 7.99  ? 100 LYS A O     1 
ATOM   687  C CB    . LYS A 1 90  ? -7.835  -4.983  -2.869  1.00 8.13  ? 100 LYS A CB    1 
ATOM   688  C CG    . LYS A 1 90  ? -8.334  -6.331  -2.304  1.00 8.99  ? 100 LYS A CG    1 
ATOM   689  C CD    . LYS A 1 90  ? -9.246  -7.021  -3.272  1.00 9.03  ? 100 LYS A CD    1 
ATOM   690  C CE    . LYS A 1 90  ? -9.578  -8.417  -2.791  1.00 10.46 ? 100 LYS A CE    1 
ATOM   691  N NZ    . LYS A 1 90  ? -10.445 -9.162  -3.731  1.00 10.48 ? 100 LYS A NZ    1 
ATOM   692  N N     . ALA A 1 91  ? -4.848  -5.545  -2.365  1.00 7.85  ? 101 ALA A N     1 
ATOM   693  C CA    . ALA A 1 91  ? -3.768  -6.399  -1.990  1.00 7.75  ? 101 ALA A CA    1 
ATOM   694  C C     . ALA A 1 91  ? -2.935  -5.803  -0.879  1.00 7.85  ? 101 ALA A C     1 
ATOM   695  O O     . ALA A 1 91  ? -2.603  -6.462  0.089   1.00 7.88  ? 101 ALA A O     1 
ATOM   696  C CB    . ALA A 1 91  ? -2.889  -6.707  -3.203  1.00 8.23  ? 101 ALA A CB    1 
ATOM   697  N N     . ALA A 1 92  ? -2.580  -4.533  -1.001  1.00 8.05  ? 102 ALA A N     1 
ATOM   698  C CA    . ALA A 1 92  ? -1.747  -3.885  0.042   1.00 8.77  ? 102 ALA A CA    1 
ATOM   699  C C     . ALA A 1 92  ? -2.463  -3.780  1.376   1.00 8.11  ? 102 ALA A C     1 
ATOM   700  O O     . ALA A 1 92  ? -1.831  -4.054  2.422   1.00 8.94  ? 102 ALA A O     1 
ATOM   701  C CB    . ALA A 1 92  ? -1.353  -2.481  -0.415  1.00 8.63  ? 102 ALA A CB    1 
ATOM   702  N N     . ALA A 1 93  ? -3.743  -3.509  1.361   1.00 8.81  ? 103 ALA A N     1 
ATOM   703  C CA    . ALA A 1 93  ? -4.508  -3.415  2.620   1.00 9.58  ? 103 ALA A CA    1 
ATOM   704  C C     . ALA A 1 93  ? -4.638  -4.760  3.292   1.00 9.25  ? 103 ALA A C     1 
ATOM   705  O O     . ALA A 1 93  ? -4.472  -4.868  4.538   1.00 9.23  ? 103 ALA A O     1 
ATOM   706  C CB    . ALA A 1 93  ? -5.882  -2.780  2.349   1.00 10.82 ? 103 ALA A CB    1 
ATOM   707  N N     . ILE A 1 94  ? -4.867  -5.817  2.542   1.00 8.74  ? 104 ILE A N     1 
ATOM   708  C CA    . ILE A 1 94  ? -4.869  -7.195  3.065   1.00 9.45  ? 104 ILE A CA    1 
ATOM   709  C C     . ILE A 1 94  ? -3.490  -7.520  3.579   1.00 9.24  ? 104 ILE A C     1 
ATOM   710  O O     . ILE A 1 94  ? -3.380  -8.139  4.658   1.00 9.37  ? 104 ILE A O     1 
ATOM   711  C CB    . ILE A 1 94  ? -5.337  -8.178  1.981   1.00 9.69  ? 104 ILE A CB    1 
ATOM   712  C CG1   . ILE A 1 94  ? -6.808  -7.998  1.652   1.00 11.14 ? 104 ILE A CG1   1 
ATOM   713  C CG2   . ILE A 1 94  ? -5.013  -9.598  2.394   1.00 12.08 ? 104 ILE A CG2   1 
ATOM   714  C CD1   . ILE A 1 94  ? -7.250  -8.708  0.411   1.00 11.56 ? 104 ILE A CD1   1 
ATOM   715  N N     . CYS A 1 95  ? -2.450  -7.221  2.840   1.00 8.61  ? 105 CYS A N     1 
ATOM   716  C CA    . CYS A 1 95  ? -1.084  -7.452  3.259   1.00 8.38  ? 105 CYS A CA    1 
ATOM   717  C C     . CYS A 1 95  ? -0.782  -6.754  4.570   1.00 8.64  ? 105 CYS A C     1 
ATOM   718  O O     . CYS A 1 95  ? -0.143  -7.366  5.455   1.00 9.20  ? 105 CYS A O     1 
ATOM   719  C CB    . CYS A 1 95  ? -0.135  -7.018  2.153   1.00 9.13  ? 105 CYS A CB    1 
ATOM   720  S SG    . CYS A 1 95  ? 1.581   -7.438  2.382   1.00 9.45  ? 105 CYS A SG    1 
ATOM   721  N N     . PHE A 1 96  ? -1.180  -5.511  4.726   1.00 9.10  ? 106 PHE A N     1 
ATOM   722  C CA    . PHE A 1 96  ? -0.970  -4.822  5.992   1.00 9.39  ? 106 PHE A CA    1 
ATOM   723  C C     . PHE A 1 96  ? -1.680  -5.546  7.117   1.00 9.69  ? 106 PHE A C     1 
ATOM   724  O O     . PHE A 1 96  ? -1.086  -5.755  8.206   1.00 9.96  ? 106 PHE A O     1 
ATOM   725  C CB    . PHE A 1 96  ? -1.466  -3.390  5.953   1.00 10.32 ? 106 PHE A CB    1 
ATOM   726  C CG    . PHE A 1 96  ? -0.719  -2.462  5.003   1.00 9.28  ? 106 PHE A CG    1 
ATOM   727  C CD1   . PHE A 1 96  ? 0.630   -2.593  4.778   1.00 10.62 ? 106 PHE A CD1   1 
ATOM   728  C CD2   . PHE A 1 96  ? -1.407  -1.398  4.430   1.00 10.10 ? 106 PHE A CD2   1 
ATOM   729  C CE1   . PHE A 1 96  ? 1.295   -1.672  3.971   1.00 10.71 ? 106 PHE A CE1   1 
ATOM   730  C CE2   . PHE A 1 96  ? -0.765  -0.488  3.586   1.00 10.71 ? 106 PHE A CE2   1 
ATOM   731  C CZ    . PHE A 1 96  ? 0.575   -0.616  3.378   1.00 11.18 ? 106 PHE A CZ    1 
ATOM   732  N N     . ARG A 1 97  ? -2.907  -5.975  6.913   1.00 9.51  ? 107 ARG A N     1 
ATOM   733  C CA    . ARG A 1 97  ? -3.690  -6.730  7.915   1.00 10.04 ? 107 ARG A CA    1 
ATOM   734  C C     . ARG A 1 97  ? -2.951  -7.990  8.251   1.00 10.72 ? 107 ARG A C     1 
ATOM   735  O O     . ARG A 1 97  ? -2.910  -8.363  9.476   1.00 11.17 ? 107 ARG A O     1 
ATOM   736  C CB    . ARG A 1 97  ? -5.073  -6.973  7.383   1.00 10.89 ? 107 ARG A CB    1 
ATOM   737  C CG    . ARG A 1 97  ? -5.940  -7.814  8.335   1.00 12.48 ? 107 ARG A CG    1 
ATOM   738  C CD    . ARG A 1 97  ? -6.309  -7.071  9.585   1.00 12.79 ? 107 ARG A CD    1 
ATOM   739  N NE    . ARG A 1 97  ? -7.094  -7.870  10.545  1.00 13.94 ? 107 ARG A NE    1 
ATOM   740  C CZ    . ARG A 1 97  ? -6.522  -8.598  11.437  1.00 16.43 ? 107 ARG A CZ    1 
ATOM   741  N NH1   . ARG A 1 97  ? -7.352  -9.318  12.230  1.00 17.54 ? 107 ARG A NH1   1 
ATOM   742  N NH2   . ARG A 1 97  ? -5.216  -8.619  11.524  1.00 16.84 ? 107 ARG A NH2   1 
ATOM   743  N N     . GLN A 1 98  ? -2.430  -8.748  7.290   1.00 10.23 ? 108 GLN A N     1 
ATOM   744  C CA    . GLN A 1 98  ? -1.723  -9.992  7.495   1.00 10.49 ? 108 GLN A CA    1 
ATOM   745  C C     . GLN A 1 98  ? -0.456  -9.811  8.272   1.00 10.51 ? 108 GLN A C     1 
ATOM   746  O O     . GLN A 1 98  ? 0.027   -10.756 8.876   1.00 13.03 ? 108 GLN A O     1 
ATOM   747  C CB    . GLN A 1 98  ? -1.453  -10.649 6.133   1.00 10.96 ? 108 GLN A CB    1 
ATOM   748  C CG    . GLN A 1 98  ? -0.932  -11.996 6.187   1.00 13.68 ? 108 GLN A CG    1 
ATOM   749  C CD    . GLN A 1 98  ? -1.255  -12.851 4.994   1.00 13.61 ? 108 GLN A CD    1 
ATOM   750  O OE1   . GLN A 1 98  ? -1.857  -13.974 5.077   1.00 16.19 ? 108 GLN A OE1   1 
ATOM   751  N NE2   . GLN A 1 98  ? -1.014  -12.328 3.809   1.00 12.32 ? 108 GLN A NE2   1 
ATOM   752  N N     . ASN A 1 99  ? 0.119   -8.620  8.266   1.00 11.60 ? 109 ASN A N     1 
ATOM   753  C CA    . ASN A 1 99  ? 1.473   -8.377  8.859   1.00 11.40 ? 109 ASN A CA    1 
ATOM   754  C C     . ASN A 1 99  ? 1.393   -7.414  10.045  1.00 11.50 ? 109 ASN A C     1 
ATOM   755  O O     . ASN A 1 99  ? 2.484   -6.969  10.509  1.00 11.54 ? 109 ASN A O     1 
ATOM   756  C CB    . ASN A 1 99  ? 2.419   -7.955  7.769   1.00 11.19 ? 109 ASN A CB    1 
ATOM   757  C CG    . ASN A 1 99  ? 2.689   -9.109  6.870   1.00 10.37 ? 109 ASN A CG    1 
ATOM   758  O OD1   . ASN A 1 99  ? 3.308   -10.106 7.260   1.00 11.52 ? 109 ASN A OD1   1 
ATOM   759  N ND2   . ASN A 1 99  ? 2.238   -9.004  5.579   1.00 10.96 ? 109 ASN A ND2   1 
ATOM   760  N N     . LEU A 1 100 ? 0.192   -7.146  10.559  1.00 12.03 ? 110 LEU A N     1 
ATOM   761  C CA    . LEU A 1 100 ? 0.062   -6.302  11.765  1.00 13.28 ? 110 LEU A CA    1 
ATOM   762  C C     . LEU A 1 100 ? 0.788   -6.896  12.930  1.00 14.85 ? 110 LEU A C     1 
ATOM   763  O O     . LEU A 1 100 ? 1.299   -6.139  13.767  1.00 14.86 ? 110 LEU A O     1 
ATOM   764  C CB    . LEU A 1 100 ? -1.370  -6.133  12.150  1.00 14.70 ? 110 LEU A CB    1 
ATOM   765  C CG    . LEU A 1 100 ? -2.072  -5.034  11.445  1.00 15.19 ? 110 LEU A CG    1 
ATOM   766  C CD1   . LEU A 1 100 ? -3.544  -5.042  11.829  1.00 16.30 ? 110 LEU A CD1   1 
ATOM   767  C CD2   . LEU A 1 100 ? -1.505  -3.661  11.731  1.00 15.66 ? 110 LEU A CD2   1 
ATOM   768  N N     . ASN A 1 101 ? 0.959   -8.195  12.991  1.00 14.15 ? 111 ASN A N     1 
ATOM   769  C CA    . ASN A 1 101 ? 1.682   -8.886  14.052  1.00 16.77 ? 111 ASN A CA    1 
ATOM   770  C C     . ASN A 1 101 ? 3.127   -8.569  14.108  1.00 16.33 ? 111 ASN A C     1 
ATOM   771  O O     . ASN A 1 101 ? 3.735   -8.736  15.189  1.00 18.48 ? 111 ASN A O     1 
ATOM   772  C CB    . ASN A 1 101 ? 1.433   -10.388 13.995  1.00 20.83 ? 111 ASN A CB    1 
ATOM   773  C CG    . ASN A 1 101 ? 2.104   -11.047 12.818  1.00 19.32 ? 111 ASN A CG    1 
ATOM   774  O OD1   . ASN A 1 101 ? 2.023   -10.558 11.640  1.00 21.31 ? 111 ASN A OD1   1 
ATOM   775  N ND2   . ASN A 1 101 ? 2.764   -12.182 13.097  1.00 24.38 ? 111 ASN A ND2   1 
ATOM   776  N N     . THR A 1 102 ? 3.752   -8.094  13.037  1.00 14.00 ? 112 THR A N     1 
ATOM   777  C CA    . THR A 1 102 ? 5.143   -7.702  13.049  1.00 14.32 ? 112 THR A CA    1 
ATOM   778  C C     . THR A 1 102 ? 5.375   -6.200  12.788  1.00 14.50 ? 112 THR A C     1 
ATOM   779  O O     . THR A 1 102 ? 6.515   -5.746  12.729  1.00 14.93 ? 112 THR A O     1 
ATOM   780  C CB    . THR A 1 102 ? 5.988   -8.555  12.157  1.00 14.13 ? 112 THR A CB    1 
ATOM   781  O OG1   . THR A 1 102 ? 5.514   -8.347  10.785  1.00 13.76 ? 112 THR A OG1   1 
ATOM   782  C CG2   . THR A 1 102 ? 5.906   -10.030 12.546  1.00 15.45 ? 112 THR A CG2   1 
ATOM   783  N N     . TYR A 1 103 ? 4.301   -5.461  12.634  1.00 12.84 ? 113 TYR A N     1 
ATOM   784  C CA    . TYR A 1 103 ? 4.430   -3.987  12.481  1.00 13.56 ? 113 TYR A CA    1 
ATOM   785  C C     . TYR A 1 103 ? 5.278   -3.423  13.609  1.00 13.83 ? 113 TYR A C     1 
ATOM   786  O O     . TYR A 1 103 ? 5.005   -3.733  14.811  1.00 15.16 ? 113 TYR A O     1 
ATOM   787  C CB    . TYR A 1 103 ? 3.031   -3.378  12.481  1.00 14.17 ? 113 TYR A CB    1 
ATOM   788  C CG    . TYR A 1 103 ? 3.010   -1.881  12.259  1.00 13.00 ? 113 TYR A CG    1 
ATOM   789  C CD1   . TYR A 1 103 ? 3.332   -0.966  13.302  1.00 15.18 ? 113 TYR A CD1   1 
ATOM   790  C CD2   . TYR A 1 103 ? 2.724   -1.316  11.020  1.00 12.82 ? 113 TYR A CD2   1 
ATOM   791  C CE1   . TYR A 1 103 ? 3.341   0.373   13.102  1.00 15.74 ? 113 TYR A CE1   1 
ATOM   792  C CE2   . TYR A 1 103 ? 2.722   0.070   10.791  1.00 12.82 ? 113 TYR A CE2   1 
ATOM   793  C CZ    . TYR A 1 103 ? 3.076   0.901   11.861  1.00 14.52 ? 113 TYR A CZ    1 
ATOM   794  O OH    . TYR A 1 103 ? 3.095   2.275   11.689  1.00 14.88 ? 113 TYR A OH    1 
ATOM   795  N N     . SER A 1 104 ? 6.245   -2.566  13.319  1.00 13.02 ? 114 SER A N     1 
ATOM   796  C CA    . SER A 1 104 ? 7.125   -1.978  14.410  1.00 14.12 ? 114 SER A CA    1 
ATOM   797  C C     . SER A 1 104 ? 7.170   -0.489  14.208  1.00 14.97 ? 114 SER A C     1 
ATOM   798  O O     . SER A 1 104 ? 7.591   0.056   13.186  1.00 15.00 ? 114 SER A O     1 
ATOM   799  C CB    . SER A 1 104 ? 8.482   -2.539  14.241  1.00 15.32 ? 114 SER A CB    1 
ATOM   800  O OG    . SER A 1 104 ? 8.556   -3.941  14.401  1.00 18.63 ? 114 SER A OG    1 
ATOM   801  N N     . LYS A 1 105 ? 6.825   0.204   15.295  1.00 16.55 ? 115 LYS A N     1 
ATOM   802  C CA    . LYS A 1 105 ? 6.799   1.682   15.321  1.00 17.50 ? 115 LYS A CA    1 
ATOM   803  C C     . LYS A 1 105 ? 8.227   2.228   15.088  1.00 16.53 ? 115 LYS A C     1 
ATOM   804  O O     . LYS A 1 105 ? 8.282   3.351   14.621  1.00 18.06 ? 115 LYS A O     1 
ATOM   805  C CB    . LYS A 1 105 ? 6.148   2.217   16.636  1.00 19.16 ? 115 LYS A CB    1 
ATOM   806  C CG    . LYS A 1 105 ? 4.720   1.784   16.775  1.00 20.91 ? 115 LYS A CG    1 
ATOM   807  C CD    . LYS A 1 105 ? 4.236   2.129   18.192  1.00 23.53 ? 115 LYS A CD    1 
ATOM   808  C CE    . LYS A 1 105 ? 3.390   3.362   18.179  1.00 23.23 ? 115 LYS A CE    1 
ATOM   809  N NZ    . LYS A 1 105 ? 2.335   3.277   19.211  1.00 23.61 ? 115 LYS A NZ    1 
ATOM   810  N N     . LYS A 1 106 ? 9.308   1.512   15.321  1.00 16.27 ? 116 LYS A N     1 
ATOM   811  C CA    . LYS A 1 106 ? 10.642  1.987   15.018  1.00 19.46 ? 116 LYS A CA    1 
ATOM   812  C C     . LYS A 1 106 ? 10.845  2.341   13.537  1.00 18.31 ? 116 LYS A C     1 
ATOM   813  O O     . LYS A 1 106 ? 11.794  3.030   13.195  1.00 17.95 ? 116 LYS A O     1 
ATOM   814  C CB    . LYS A 1 106 ? 11.678  0.987   15.516  1.00 20.87 ? 116 LYS A CB    1 
ATOM   815  C CG    . LYS A 1 106 ? 11.910  -0.192  14.649  1.00 21.13 ? 116 LYS A CG    1 
ATOM   816  C CD    . LYS A 1 106 ? 12.843  -1.209  15.274  1.00 23.43 ? 116 LYS A CD    1 
ATOM   817  C CE    . LYS A 1 106 ? 13.012  -2.477  14.459  1.00 22.70 ? 116 LYS A CE    1 
ATOM   818  N NZ    . LYS A 1 106 ? 13.536  -3.602  15.319  1.00 25.09 ? 116 LYS A NZ    1 
ATOM   819  N N     . TYR A 1 107 ? 9.978   1.774   12.647  1.00 16.39 ? 117 TYR A N     1 
ATOM   820  C CA    . TYR A 1 107 ? 10.117  2.052   11.222  1.00 15.15 ? 117 TYR A CA    1 
ATOM   821  C C     . TYR A 1 107 ? 9.298   3.205   10.751  1.00 13.46 ? 117 TYR A C     1 
ATOM   822  O O     . TYR A 1 107 ? 9.413   3.606   9.606   1.00 14.43 ? 117 TYR A O     1 
ATOM   823  C CB    . TYR A 1 107 ? 9.791   0.770   10.408  1.00 14.40 ? 117 TYR A CB    1 
ATOM   824  C CG    . TYR A 1 107 ? 10.812  -0.347  10.622  1.00 15.38 ? 117 TYR A CG    1 
ATOM   825  C CD1   . TYR A 1 107 ? 12.211  -0.128  10.534  1.00 15.56 ? 117 TYR A CD1   1 
ATOM   826  C CD2   . TYR A 1 107 ? 10.375  -1.666  10.899  1.00 14.88 ? 117 TYR A CD2   1 
ATOM   827  C CE1   . TYR A 1 107 ? 13.096  -1.189  10.747  1.00 17.44 ? 117 TYR A CE1   1 
ATOM   828  C CE2   . TYR A 1 107 ? 11.285  -2.679  11.016  1.00 16.75 ? 117 TYR A CE2   1 
ATOM   829  C CZ    . TYR A 1 107 ? 12.639  -2.420  11.018  1.00 17.70 ? 117 TYR A CZ    1 
ATOM   830  O OH    . TYR A 1 107 ? 13.564  -3.465  11.138  1.00 18.51 ? 117 TYR A OH    1 
ATOM   831  N N     . MET A 1 108 ? 8.497   3.821   11.601  1.00 14.28 ? 118 MET A N     1 
ATOM   832  C CA    . MET A 1 108 ? 7.821   5.074   11.179  1.00 15.78 ? 118 MET A CA    1 
ATOM   833  C C     . MET A 1 108 ? 8.897   6.159   11.036  1.00 13.48 ? 118 MET A C     1 
ATOM   834  O O     . MET A 1 108 ? 9.792   6.286   11.945  1.00 15.86 ? 118 MET A O     1 
ATOM   835  C CB    . MET A 1 108 ? 6.806   5.485   12.214  1.00 16.15 ? 118 MET A CB    1 
ATOM   836  C CG    . MET A 1 108 ? 5.589   4.511   12.249  1.00 17.46 ? 118 MET A CG    1 
ATOM   837  S SD    . MET A 1 108 ? 4.503   4.749   13.701  1.00 18.38 ? 118 MET A SD    1 
ATOM   838  C CE    . MET A 1 108 ? 3.848   6.370   13.300  1.00 18.45 ? 118 MET A CE    1 
ATOM   839  N N     . LEU A 1 109 ? 8.759   6.999   10.051  1.00 15.05 ? 119 LEU A N     1 
ATOM   840  C CA    . LEU A 1 109 ? 9.751   8.070   9.734   1.00 14.82 ? 119 LEU A CA    1 
ATOM   841  C C     . LEU A 1 109 ? 11.122  7.491   9.518   1.00 16.12 ? 119 LEU A C     1 
ATOM   842  O O     . LEU A 1 109 ? 12.114  8.178   9.698   1.00 14.82 ? 119 LEU A O     1 
ATOM   843  C CB    . LEU A 1 109 ? 9.781   9.168   10.842  1.00 14.76 ? 119 LEU A CB    1 
ATOM   844  C CG    . LEU A 1 109 ? 8.393   9.774   11.195  1.00 15.05 ? 119 LEU A CG    1 
ATOM   845  C CD1   . LEU A 1 109 ? 8.495   10.779  12.307  1.00 17.97 ? 119 LEU A CD1   1 
ATOM   846  C CD2   . LEU A 1 109 ? 7.707   10.403  10.039  1.00 16.84 ? 119 LEU A CD2   1 
ATOM   847  N N     . TYR A 1 110 ? 11.253  6.252   9.029   1.00 15.36 ? 120 TYR A N     1 
ATOM   848  C CA    . TYR A 1 110 ? 12.564  5.622   8.855   1.00 14.24 ? 120 TYR A CA    1 
ATOM   849  C C     . TYR A 1 110 ? 13.383  6.511   7.893   1.00 13.13 ? 120 TYR A C     1 
ATOM   850  O O     . TYR A 1 110 ? 12.902  6.964   6.851   1.00 13.57 ? 120 TYR A O     1 
ATOM   851  C CB    . TYR A 1 110 ? 12.343  4.214   8.222   1.00 15.08 ? 120 TYR A CB    1 
ATOM   852  C CG    . TYR A 1 110 ? 13.610  3.353   8.321   1.00 15.28 ? 120 TYR A CG    1 
ATOM   853  C CD1   . TYR A 1 110 ? 14.094  2.888   9.549   1.00 17.02 ? 120 TYR A CD1   1 
ATOM   854  C CD2   . TYR A 1 110 ? 14.233  3.004   7.168   1.00 15.15 ? 120 TYR A CD2   1 
ATOM   855  C CE1   . TYR A 1 110 ? 15.158  2.115   9.615   1.00 15.78 ? 120 TYR A CE1   1 
ATOM   856  C CE2   . TYR A 1 110 ? 15.349  2.197   7.161   1.00 15.69 ? 120 TYR A CE2   1 
ATOM   857  C CZ    . TYR A 1 110 ? 15.812  1.759   8.403   1.00 17.17 ? 120 TYR A CZ    1 
ATOM   858  O OH    . TYR A 1 110 ? 16.895  0.915   8.498   1.00 17.81 ? 120 TYR A OH    1 
ATOM   859  N N     . PRO A 1 111 ? 14.645  6.805   8.209   1.00 13.40 ? 121 PRO A N     1 
ATOM   860  C CA    . PRO A 1 111 ? 15.470  7.715   7.378   1.00 12.75 ? 121 PRO A CA    1 
ATOM   861  C C     . PRO A 1 111 ? 15.866  7.056   6.079   1.00 12.11 ? 121 PRO A C     1 
ATOM   862  O O     . PRO A 1 111 ? 16.340  5.865   6.102   1.00 13.04 ? 121 PRO A O     1 
ATOM   863  C CB    . PRO A 1 111 ? 16.684  7.960   8.249   1.00 13.24 ? 121 PRO A CB    1 
ATOM   864  C CG    . PRO A 1 111 ? 16.751  6.887   9.232   1.00 16.29 ? 121 PRO A CG    1 
ATOM   865  C CD    . PRO A 1 111 ? 15.328  6.402   9.476   1.00 13.65 ? 121 PRO A CD    1 
ATOM   866  N N     . ASP A 1 112 ? 15.758  7.791   4.994   1.00 12.38 ? 122 ASP A N     1 
ATOM   867  C CA    . ASP A 1 112 ? 16.027  7.247   3.673   1.00 13.49 ? 122 ASP A CA    1 
ATOM   868  C C     . ASP A 1 112 ? 17.386  6.630   3.564   1.00 17.23 ? 122 ASP A C     1 
ATOM   869  O O     . ASP A 1 112 ? 17.548  5.591   2.870   1.00 16.99 ? 122 ASP A O     1 
ATOM   870  C CB    . ASP A 1 112 ? 15.985  8.452   2.741   1.00 14.40 ? 122 ASP A CB    1 
ATOM   871  C CG    . ASP A 1 112 ? 16.224  8.070   1.274   1.00 14.91 ? 122 ASP A CG    1 
ATOM   872  O OD1   . ASP A 1 112 ? 15.253  7.640   0.569   1.00 19.92 ? 122 ASP A OD1   1 
ATOM   873  O OD2   . ASP A 1 112 ? 17.342  8.250   0.830   1.00 15.65 ? 122 ASP A OD2   1 
ATOM   874  N N     . PHE A 1 113 ? 18.560  7.235   4.231   1.00 14.84 ? 124 PHE A N     1 
ATOM   875  C CA    . PHE A 1 113 ? 19.890  6.756   3.838   1.00 14.25 ? 124 PHE A CA    1 
ATOM   876  C C     . PHE A 1 113 ? 20.117  5.351   4.370   1.00 15.92 ? 124 PHE A C     1 
ATOM   877  O O     . PHE A 1 113 ? 21.139  4.737   3.955   1.00 16.36 ? 124 PHE A O     1 
ATOM   878  C CB    . PHE A 1 113 ? 20.993  7.736   4.319   1.00 15.27 ? 124 PHE A CB    1 
ATOM   879  C CG    . PHE A 1 113 ? 21.320  7.607   5.748   1.00 15.28 ? 124 PHE A CG    1 
ATOM   880  C CD1   . PHE A 1 113 ? 20.400  7.777   6.690   1.00 15.00 ? 124 PHE A CD1   1 
ATOM   881  C CD2   . PHE A 1 113 ? 22.647  7.369   6.120   1.00 19.08 ? 124 PHE A CD2   1 
ATOM   882  C CE1   . PHE A 1 113 ? 20.718  7.706   8.018   1.00 16.84 ? 124 PHE A CE1   1 
ATOM   883  C CE2   . PHE A 1 113 ? 22.995  7.256   7.469   1.00 20.13 ? 124 PHE A CE2   1 
ATOM   884  C CZ    . PHE A 1 113 ? 22.034  7.437   8.407   1.00 19.21 ? 124 PHE A CZ    1 
ATOM   885  N N     . LEU A 1 114 ? 19.286  4.882   5.292   1.00 16.03 ? 125 LEU A N     1 
ATOM   886  C CA    . LEU A 1 114 ? 19.433  3.523   5.817   1.00 17.83 ? 125 LEU A CA    1 
ATOM   887  C C     . LEU A 1 114 ? 18.849  2.461   4.996   1.00 19.46 ? 125 LEU A C     1 
ATOM   888  O O     . LEU A 1 114 ? 18.909  1.240   5.371   1.00 20.98 ? 125 LEU A O     1 
ATOM   889  C CB    . LEU A 1 114 ? 18.857  3.405   7.186   1.00 17.91 ? 125 LEU A CB    1 
ATOM   890  C CG    . LEU A 1 114 ? 19.534  4.246   8.296   1.00 19.00 ? 125 LEU A CG    1 
ATOM   891  C CD1   . LEU A 1 114 ? 18.949  4.049   9.665   1.00 20.95 ? 125 LEU A CD1   1 
ATOM   892  C CD2   . LEU A 1 114 ? 20.989  3.809   8.367   1.00 20.61 ? 125 LEU A CD2   1 
ATOM   893  N N     . CYS A 1 115 ? 18.290  2.875   3.934   1.00 15.25 ? 126 CYS A N     1 
ATOM   894  C CA    . CYS A 1 115 ? 17.636  1.924   2.967   1.00 16.61 ? 126 CYS A CA    1 
ATOM   895  C C     . CYS A 1 115 ? 18.709  1.311   2.071   1.00 18.48 ? 126 CYS A C     1 
ATOM   896  O O     . CYS A 1 115 ? 18.801  1.644   0.841   1.00 20.95 ? 126 CYS A O     1 
ATOM   897  C CB    . CYS A 1 115 ? 16.518  2.710   2.247   1.00 16.85 ? 126 CYS A CB    1 
ATOM   898  S SG    . CYS A 1 115 ? 15.169  2.962   3.409   1.00 14.09 ? 126 CYS A SG    1 
ATOM   899  N N     . LYS A 1 116 ? 19.517  0.411   2.642   1.00 20.51 ? 127 LYS A N     1 
ATOM   900  C CA    . LYS A 1 116 ? 20.654  -0.114  1.889   1.00 22.64 ? 127 LYS A CA    1 
ATOM   901  C C     . LYS A 1 116 ? 20.114  -1.284  1.140   1.00 22.76 ? 127 LYS A C     1 
ATOM   902  O O     . LYS A 1 116 ? 19.022  -1.795  1.481   1.00 22.95 ? 127 LYS A O     1 
ATOM   903  C CB    . LYS A 1 116 ? 21.808  -0.586  2.817   1.00 25.16 ? 127 LYS A CB    1 
ATOM   904  C CG    . LYS A 1 116 ? 21.960  0.205   4.116   1.00 26.63 ? 127 LYS A CG    1 
ATOM   905  C CD    . LYS A 1 116 ? 22.895  -0.540  5.097   1.00 30.51 ? 127 LYS A CD    1 
ATOM   906  C CE    . LYS A 1 116 ? 22.636  -2.048  5.332   1.00 26.59 ? 127 LYS A CE    1 
ATOM   907  N NZ    . LYS A 1 116 ? 21.386  -2.468  6.076   1.00 30.63 ? 127 LYS A NZ    1 
ATOM   908  N N     . GLY A 1 117 ? 20.885  -1.772  0.161   1.00 24.10 ? 128 GLY A N     1 
ATOM   909  C CA    . GLY A 1 117 ? 20.490  -2.961  -0.620  1.00 24.78 ? 128 GLY A CA    1 
ATOM   910  C C     . GLY A 1 117 ? 19.782  -2.603  -1.894  1.00 24.13 ? 128 GLY A C     1 
ATOM   911  O O     . GLY A 1 117 ? 19.685  -1.412  -2.308  1.00 25.68 ? 128 GLY A O     1 
ATOM   912  N N     . GLU A 1 118 ? 19.297  -3.657  -2.559  1.00 25.54 ? 129 GLU A N     1 
ATOM   913  C CA    . GLU A 1 118 ? 18.765  -3.590  -3.887  1.00 24.04 ? 129 GLU A CA    1 
ATOM   914  C C     . GLU A 1 118 ? 17.622  -4.588  -4.041  1.00 24.88 ? 129 GLU A C     1 
ATOM   915  O O     . GLU A 1 118 ? 17.797  -5.733  -3.629  1.00 22.03 ? 129 GLU A O     1 
ATOM   916  C CB    . GLU A 1 118 ? 19.892  -4.039  -4.815  1.00 30.92 ? 129 GLU A CB    1 
ATOM   917  C CG    . GLU A 1 118 ? 19.955  -3.281  -6.117  1.00 37.68 ? 129 GLU A CG    1 
ATOM   918  C CD    . GLU A 1 118 ? 21.332  -3.419  -6.757  1.00 42.04 ? 129 GLU A CD    1 
ATOM   919  O OE1   . GLU A 1 118 ? 21.446  -4.123  -7.824  1.00 40.48 ? 129 GLU A OE1   1 
ATOM   920  O OE2   . GLU A 1 118 ? 22.281  -2.778  -6.215  1.00 38.16 ? 129 GLU A OE2   1 
ATOM   921  N N     . LEU A 1 119 ? 16.505  -4.167  -4.665  1.00 23.49 ? 130 LEU A N     1 
ATOM   922  C CA    . LEU A 1 119 ? 15.350  -5.079  -4.927  1.00 22.97 ? 130 LEU A CA    1 
ATOM   923  C C     . LEU A 1 119 ? 14.635  -4.659  -6.192  1.00 21.74 ? 130 LEU A C     1 
ATOM   924  O O     . LEU A 1 119 ? 13.969  -3.596  -6.230  1.00 22.72 ? 130 LEU A O     1 
ATOM   925  C CB    . LEU A 1 119 ? 14.383  -5.204  -3.728  1.00 21.60 ? 130 LEU A CB    1 
ATOM   926  C CG    . LEU A 1 119 ? 13.479  -6.437  -3.740  1.00 19.71 ? 130 LEU A CG    1 
ATOM   927  C CD1   . LEU A 1 119 ? 14.258  -7.750  -3.631  1.00 24.38 ? 130 LEU A CD1   1 
ATOM   928  C CD2   . LEU A 1 119 ? 12.453  -6.311  -2.595  1.00 20.60 ? 130 LEU A CD2   1 
ATOM   929  N N     . LYS A 1 120 ? 14.617  -5.533  -7.188  1.00 19.65 ? 131 LYS A N     1 
ATOM   930  C CA    . LYS A 1 120 ? 13.874  -5.381  -8.464  1.00 20.64 ? 131 LYS A CA    1 
ATOM   931  C C     . LYS A 1 120 ? 12.425  -5.941  -8.323  1.00 16.73 ? 131 LYS A C     1 
ATOM   932  O O     . LYS A 1 120 ? 12.203  -6.908  -7.671  1.00 15.95 ? 131 LYS A O     1 
ATOM   933  C CB    . LYS A 1 120 ? 14.584  -6.160  -9.592  1.00 21.75 ? 131 LYS A CB    1 
ATOM   934  C CG    . LYS A 1 120 ? 13.953  -6.120  -10.945 1.00 26.39 ? 131 LYS A CG    1 
ATOM   935  C CD    . LYS A 1 120 ? 14.306  -7.410  -11.664 1.00 27.30 ? 131 LYS A CD    1 
ATOM   936  C CE    . LYS A 1 120 ? 14.764  -7.131  -13.082 1.00 25.95 ? 131 LYS A CE    1 
ATOM   937  N NZ    . LYS A 1 120 ? 13.648  -6.892  -14.013 1.00 25.50 ? 131 LYS A NZ    1 
ATOM   938  N N     . CYS A 1 121 ? 11.305  -5.132  -9.216  1.00 17.52 ? 133 CYS A N     1 
ATOM   939  C CA    . CYS A 1 121 ? 10.019  -5.682  -9.013  1.00 15.07 ? 133 CYS A CA    1 
ATOM   940  C C     . CYS A 1 121 ? 9.878   -6.968  -9.741  1.00 15.46 ? 133 CYS A C     1 
ATOM   941  O O     . CYS A 1 121 ? 9.182   -7.821  -9.320  1.00 16.90 ? 133 CYS A O     1 
ATOM   942  C CB    . CYS A 1 121 ? 8.998   -4.798  -9.677  1.00 16.26 ? 133 CYS A CB    1 
ATOM   943  S SG    . CYS A 1 121 ? 8.851   -3.205  -8.792  1.00 13.87 ? 133 CYS A SG    1 
ATOM   944  O OXT   . CYS A 1 121 ? 10.586  -7.178  -10.812 1.00 18.39 ? 133 CYS A OXT   1 
HETATM 945  S S     . SO4 B 2 .   ? -15.500 8.043   -2.988  1.00 19.46 ? 201 SO4 A S     1 
HETATM 946  O O1    . SO4 B 2 .   ? -15.802 9.249   -3.856  1.00 19.92 ? 201 SO4 A O1    1 
HETATM 947  O O2    . SO4 B 2 .   ? -14.030 8.045   -2.788  1.00 19.04 ? 201 SO4 A O2    1 
HETATM 948  O O3    . SO4 B 2 .   ? -16.277 8.188   -1.668  1.00 23.01 ? 201 SO4 A O3    1 
HETATM 949  O O4    . SO4 B 2 .   ? -15.950 6.820   -3.676  1.00 19.63 ? 201 SO4 A O4    1 
HETATM 950  C C1    . HC4 C 3 .   ? -0.463  7.739   1.372   1.00 35.66 ? 202 HC4 A C1    1 
HETATM 951  O O1    . HC4 C 3 .   ? -1.385  7.484   2.203   1.00 39.37 ? 202 HC4 A O1    1 
HETATM 952  O O2    . HC4 C 3 .   ? -0.122  8.952   1.097   1.00 33.35 ? 202 HC4 A O2    1 
HETATM 953  C C2    . HC4 C 3 .   ? 0.279   6.615   0.787   1.00 34.74 ? 202 HC4 A C2    1 
HETATM 954  C C3    . HC4 C 3 .   ? 0.650   5.539   1.472   1.00 32.25 ? 202 HC4 A C3    1 
HETATM 955  C "C1'" . HC4 C 3 .   ? 1.393   4.481   0.725   1.00 29.23 ? 202 HC4 A "C1'" 1 
HETATM 956  C "C2'" . HC4 C 3 .   ? 1.120   3.140   1.057   1.00 30.45 ? 202 HC4 A "C2'" 1 
HETATM 957  C "C3'" . HC4 C 3 .   ? 1.777   2.114   0.324   1.00 25.85 ? 202 HC4 A "C3'" 1 
HETATM 958  C "C4'" . HC4 C 3 .   ? 2.743   2.469   -0.645  1.00 26.34 ? 202 HC4 A "C4'" 1 
HETATM 959  C "C5'" . HC4 C 3 .   ? 3.044   3.806   -0.958  1.00 28.44 ? 202 HC4 A "C5'" 1 
HETATM 960  C "C6'" . HC4 C 3 .   ? 2.320   4.811   -0.282  1.00 30.48 ? 202 HC4 A "C6'" 1 
HETATM 961  O "O4'" . HC4 C 3 .   ? 3.326   1.433   -1.300  1.00 17.99 ? 202 HC4 A "O4'" 1 
HETATM 962  O O     . HOH D 4 .   ? 4.293   -10.403 9.730   1.00 14.81 ? 301 HOH A O     1 
HETATM 963  O O     . HOH D 4 .   ? 0.889   -4.908  -1.553  1.00 9.29  ? 302 HOH A O     1 
HETATM 964  O O     . HOH D 4 .   ? -4.376  -15.381 6.537   1.00 27.12 ? 303 HOH A O     1 
HETATM 965  O O     . HOH D 4 .   ? -2.673  -6.825  -6.546  1.00 8.90  ? 304 HOH A O     1 
HETATM 966  O O     . HOH D 4 .   ? -6.029  -7.743  -5.046  1.00 9.38  ? 305 HOH A O     1 
HETATM 967  O O     . HOH D 4 .   ? -11.660 1.377   -19.313 1.00 10.76 ? 306 HOH A O     1 
HETATM 968  O O     . HOH D 4 .   ? 5.770   -5.936  9.430   1.00 11.56 ? 307 HOH A O     1 
HETATM 969  O O     . HOH D 4 .   ? 8.346   -8.866  9.274   1.00 17.25 ? 308 HOH A O     1 
HETATM 970  O O     . HOH D 4 .   ? -0.183  -4.267  -3.984  1.00 8.91  ? 309 HOH A O     1 
HETATM 971  O O     . HOH D 4 .   ? -11.966 7.731   -15.294 1.00 9.98  ? 310 HOH A O     1 
HETATM 972  O O     . HOH D 4 .   ? 4.598   -8.596  2.735   1.00 10.50 ? 311 HOH A O     1 
HETATM 973  O O     . HOH D 4 .   ? -11.971 9.537   -10.221 1.00 12.45 ? 312 HOH A O     1 
HETATM 974  O O     . HOH D 4 .   ? -5.752  4.472   -5.255  1.00 9.71  ? 313 HOH A O     1 
HETATM 975  O O     . HOH D 4 .   ? -5.399  7.342   -16.444 1.00 10.16 ? 314 HOH A O     1 
HETATM 976  O O     . HOH D 4 .   ? -1.200  1.678   -17.549 1.00 13.46 ? 315 HOH A O     1 
HETATM 977  O O     . HOH D 4 .   ? -8.570  2.553   -18.108 1.00 11.37 ? 316 HOH A O     1 
HETATM 978  O O     . HOH D 4 .   ? -0.134  -6.664  -5.421  1.00 8.58  ? 317 HOH A O     1 
HETATM 979  O O     . HOH D 4 .   ? 16.874  -2.822  11.258  1.00 37.49 ? 318 HOH A O     1 
HETATM 980  O O     . HOH D 4 .   ? -5.815  0.140   -17.943 1.00 15.58 ? 319 HOH A O     1 
HETATM 981  O O     . HOH D 4 .   ? -11.777 -7.625  -5.882  1.00 11.81 ? 320 HOH A O     1 
HETATM 982  O O     . HOH D 4 .   ? -3.683  -4.484  -10.595 1.00 11.02 ? 321 HOH A O     1 
HETATM 983  O O     . HOH D 4 .   ? -9.812  5.827   -15.356 1.00 8.77  ? 322 HOH A O     1 
HETATM 984  O O     . HOH D 4 .   ? -8.757  -9.991  -5.822  1.00 14.76 ? 323 HOH A O     1 
HETATM 985  O O     . HOH D 4 .   ? 0.150   -10.490 2.106   1.00 11.16 ? 324 HOH A O     1 
HETATM 986  O O     . HOH D 4 .   ? 1.371   2.878   13.835  1.00 17.24 ? 325 HOH A O     1 
HETATM 987  O O     . HOH D 4 .   ? 9.205   -5.416  12.032  1.00 16.20 ? 326 HOH A O     1 
HETATM 988  O O     . HOH D 4 .   ? -15.059 5.641   -9.838  1.00 14.80 ? 327 HOH A O     1 
HETATM 989  O O     . HOH D 4 .   ? 2.704   -10.555 3.223   1.00 11.06 ? 328 HOH A O     1 
HETATM 990  O O     . HOH D 4 .   ? -6.089  6.144   -13.903 1.00 9.64  ? 329 HOH A O     1 
HETATM 991  O O     . HOH D 4 .   ? 19.514  9.561   1.886   1.00 17.14 ? 330 HOH A O     1 
HETATM 992  O O     . HOH D 4 .   ? 0.993   -3.852  8.895   1.00 10.90 ? 331 HOH A O     1 
HETATM 993  O O     . HOH D 4 .   ? -10.691 -5.059  -9.947  1.00 17.76 ? 332 HOH A O     1 
HETATM 994  O O     . HOH D 4 .   ? -21.872 -4.402  -6.796  1.00 20.38 ? 333 HOH A O     1 
HETATM 995  O O     . HOH D 4 .   ? -16.290 2.315   -2.621  1.00 16.79 ? 334 HOH A O     1 
HETATM 996  O O     . HOH D 4 .   ? -1.340  -9.686  11.509  1.00 18.21 ? 335 HOH A O     1 
HETATM 997  O O     . HOH D 4 .   ? -1.318  9.010   -9.776  1.00 14.09 ? 336 HOH A O     1 
HETATM 998  O O     . HOH D 4 .   ? -14.657 9.800   -9.179  1.00 12.47 ? 337 HOH A O     1 
HETATM 999  O O     . HOH D 4 .   ? 5.119   3.073   -8.161  1.00 17.61 ? 338 HOH A O     1 
HETATM 1000 O O     . HOH D 4 .   ? -12.806 8.898   -12.750 1.00 14.27 ? 339 HOH A O     1 
HETATM 1001 O O     . HOH D 4 .   ? -3.851  1.969   -18.810 1.00 13.37 ? 340 HOH A O     1 
HETATM 1002 O O     . HOH D 4 .   ? -4.874  8.558   7.014   1.00 17.87 ? 341 HOH A O     1 
HETATM 1003 O O     . HOH D 4 .   ? -6.533  6.166   7.248   1.00 17.99 ? 342 HOH A O     1 
HETATM 1004 O O     . HOH D 4 .   ? 12.795  -7.517  3.057   1.00 15.82 ? 343 HOH A O     1 
HETATM 1005 O O     . HOH D 4 .   ? 13.874  -0.589  -5.345  1.00 20.45 ? 344 HOH A O     1 
HETATM 1006 O O     . HOH D 4 .   ? -15.757 -1.184  3.087   1.00 23.05 ? 345 HOH A O     1 
HETATM 1007 O O     . HOH D 4 .   ? 12.946  -8.146  0.301   1.00 21.03 ? 346 HOH A O     1 
HETATM 1008 O O     . HOH D 4 .   ? -16.304 13.758  -2.788  1.00 31.70 ? 347 HOH A O     1 
HETATM 1009 O O     . HOH D 4 .   ? 9.127   5.247   3.610   1.00 18.01 ? 348 HOH A O     1 
HETATM 1010 O O     . HOH D 4 .   ? 17.764  0.246   11.009  1.00 22.76 ? 349 HOH A O     1 
HETATM 1011 O O     . HOH D 4 .   ? 8.034   -12.753 4.707   1.00 21.07 ? 350 HOH A O     1 
HETATM 1012 O O     . HOH D 4 .   ? 1.177   -4.463  -16.252 1.00 20.95 ? 351 HOH A O     1 
HETATM 1013 O O     . HOH D 4 .   ? -2.542  4.972   13.429  1.00 20.52 ? 352 HOH A O     1 
HETATM 1014 O O     . HOH D 4 .   ? 5.224   -4.402  -15.314 1.00 27.00 ? 353 HOH A O     1 
HETATM 1015 O O     . HOH D 4 .   ? 0.946   -14.131 2.932   1.00 17.49 ? 354 HOH A O     1 
HETATM 1016 O O     . HOH D 4 .   ? 17.333  -1.400  3.770   1.00 18.84 ? 355 HOH A O     1 
HETATM 1017 O O     . HOH D 4 .   ? -5.521  9.394   4.409   1.00 27.08 ? 356 HOH A O     1 
HETATM 1018 O O     . HOH D 4 .   ? -14.809 1.403   -9.597  1.00 16.09 ? 357 HOH A O     1 
HETATM 1019 O O     . HOH D 4 .   ? -10.548 -8.847  1.135   1.00 15.75 ? 358 HOH A O     1 
HETATM 1020 O O     . HOH D 4 .   ? -16.109 7.469   -8.350  1.00 18.36 ? 359 HOH A O     1 
HETATM 1021 O O     . HOH D 4 .   ? -13.212 -9.874  -7.093  1.00 24.22 ? 360 HOH A O     1 
HETATM 1022 O O     . HOH D 4 .   ? -14.801 3.305   6.626   1.00 22.71 ? 361 HOH A O     1 
HETATM 1023 O O     . HOH D 4 .   ? 17.383  -6.882  -1.003  1.00 22.10 ? 362 HOH A O     1 
HETATM 1024 O O     . HOH D 4 .   ? 12.497  5.399   11.964  1.00 20.70 ? 363 HOH A O     1 
HETATM 1025 O O     . HOH D 4 .   ? -9.054  2.743   14.977  1.00 25.58 ? 364 HOH A O     1 
HETATM 1026 O O     . HOH D 4 .   ? 8.173   0.505   -8.227  1.00 21.90 ? 365 HOH A O     1 
HETATM 1027 O O     . HOH D 4 .   ? -4.885  1.771   16.071  1.00 23.45 ? 366 HOH A O     1 
HETATM 1028 O O     . HOH D 4 .   ? 17.876  -8.540  -4.547  1.00 33.26 ? 367 HOH A O     1 
HETATM 1029 O O     . HOH D 4 .   ? -21.802 -9.673  3.453   1.00 29.72 ? 368 HOH A O     1 
HETATM 1030 O O     . HOH D 4 .   ? -13.206 -4.279  -10.686 1.00 20.18 ? 369 HOH A O     1 
HETATM 1031 O O     . HOH D 4 .   ? 13.703  9.818   11.077  1.00 18.02 ? 370 HOH A O     1 
HETATM 1032 O O     . HOH D 4 .   ? -8.175  12.394  -6.278  1.00 24.16 ? 371 HOH A O     1 
HETATM 1033 O O     . HOH D 4 .   ? -20.440 0.424   -3.851  1.00 24.50 ? 372 HOH A O     1 
HETATM 1034 O O     . HOH D 4 .   ? -15.225 -1.002  -17.830 1.00 21.35 ? 373 HOH A O     1 
HETATM 1035 O O     . HOH D 4 .   ? -17.831 -1.762  -18.694 1.00 25.66 ? 374 HOH A O     1 
HETATM 1036 O O     . HOH D 4 .   ? -13.078 -10.917 -2.166  1.00 26.70 ? 375 HOH A O     1 
HETATM 1037 O O     . HOH D 4 .   ? -8.700  7.991   8.005   1.00 26.13 ? 376 HOH A O     1 
HETATM 1038 O O     . HOH D 4 .   ? 15.648  -8.824  -0.364  1.00 33.30 ? 377 HOH A O     1 
HETATM 1039 O O     . HOH D 4 .   ? -19.742 8.355   -6.547  1.00 26.47 ? 378 HOH A O     1 
HETATM 1040 O O     . HOH D 4 .   ? 9.490   1.729   -4.981  1.00 20.00 ? 379 HOH A O     1 
HETATM 1041 O O     . HOH D 4 .   ? 16.014  0.055   13.257  1.00 31.34 ? 380 HOH A O     1 
HETATM 1042 O O     . HOH D 4 .   ? -10.356 -11.076 -0.706  1.00 21.85 ? 381 HOH A O     1 
HETATM 1043 O O     . HOH D 4 .   ? 12.795  5.769   4.272   1.00 17.93 ? 382 HOH A O     1 
HETATM 1044 O O     . HOH D 4 .   ? -16.331 1.128   0.189   1.00 24.79 ? 383 HOH A O     1 
HETATM 1045 O O     . HOH D 4 .   ? 3.933   4.539   -10.380 1.00 30.92 ? 384 HOH A O     1 
HETATM 1046 O O     . HOH D 4 .   ? 3.432   7.940   -2.760  1.00 39.38 ? 385 HOH A O     1 
HETATM 1047 O O     . HOH D 4 .   ? 14.599  2.389   12.862  1.00 23.89 ? 386 HOH A O     1 
HETATM 1048 O O     . HOH D 4 .   ? 4.273   -12.465 6.089   1.00 19.34 ? 387 HOH A O     1 
HETATM 1049 O O     . HOH D 4 .   ? -16.680 -12.874 -0.304  1.00 31.03 ? 388 HOH A O     1 
HETATM 1050 O O     . HOH D 4 .   ? -21.300 -0.436  -1.129  1.00 25.50 ? 389 HOH A O     1 
HETATM 1051 O O     . HOH D 4 .   ? -6.760  11.028  -2.898  1.00 21.18 ? 390 HOH A O     1 
HETATM 1052 O O     . HOH D 4 .   ? 3.783   4.534   -6.094  1.00 21.53 ? 391 HOH A O     1 
HETATM 1053 O O     . HOH D 4 .   ? 16.517  -7.665  -7.148  1.00 32.67 ? 392 HOH A O     1 
HETATM 1054 O O     . HOH D 4 .   ? -3.379  -9.351  13.579  1.00 23.39 ? 393 HOH A O     1 
HETATM 1055 O O     . HOH D 4 .   ? 3.847   10.935  6.268   1.00 20.44 ? 394 HOH A O     1 
HETATM 1056 O O     . HOH D 4 .   ? 16.328  -10.674 -3.090  1.00 36.16 ? 395 HOH A O     1 
HETATM 1057 O O     . HOH D 4 .   ? -20.005 -3.237  1.462   1.00 27.84 ? 396 HOH A O     1 
HETATM 1058 O O     . HOH D 4 .   ? 12.507  -7.691  9.654   1.00 23.20 ? 397 HOH A O     1 
HETATM 1059 O O     . HOH D 4 .   ? -5.855  4.601   14.658  1.00 29.44 ? 398 HOH A O     1 
HETATM 1060 O O     . HOH D 4 .   ? 15.406  -5.221  8.671   1.00 22.34 ? 399 HOH A O     1 
HETATM 1061 O O     . HOH D 4 .   ? -10.406 -6.743  -12.315 1.00 28.50 ? 400 HOH A O     1 
HETATM 1062 O O     . HOH D 4 .   ? 4.667   5.649   8.775   1.00 20.39 ? 401 HOH A O     1 
HETATM 1063 O O     . HOH D 4 .   ? -18.560 10.317  -3.393  1.00 29.77 ? 402 HOH A O     1 
HETATM 1064 O O     . HOH D 4 .   ? 13.588  -9.030  -7.241  1.00 34.89 ? 403 HOH A O     1 
HETATM 1065 O O     . HOH D 4 .   ? 1.865   -13.980 5.745   1.00 22.08 ? 404 HOH A O     1 
HETATM 1066 O O     . HOH D 4 .   ? 1.395   4.747   16.008  1.00 25.80 ? 405 HOH A O     1 
HETATM 1067 O O     . HOH D 4 .   ? 12.731  6.759   1.723   1.00 26.67 ? 406 HOH A O     1 
HETATM 1068 O O     . HOH D 4 .   ? 9.279   -0.519  17.376  1.00 23.70 ? 407 HOH A O     1 
HETATM 1069 O O     . HOH D 4 .   ? -19.403 1.376   0.493   1.00 29.74 ? 408 HOH A O     1 
HETATM 1070 O O     . HOH D 4 .   ? 2.363   13.143  7.562   1.00 25.54 ? 409 HOH A O     1 
HETATM 1071 O O     . HOH D 4 .   ? 9.920   -8.162  11.374  1.00 23.92 ? 410 HOH A O     1 
HETATM 1072 O O     . HOH D 4 .   ? -14.603 4.382   -3.053  1.00 17.42 ? 411 HOH A O     1 
HETATM 1073 O O     . HOH D 4 .   ? 16.353  -1.771  -6.023  1.00 30.66 ? 412 HOH A O     1 
HETATM 1074 O O     . HOH D 4 .   ? 23.358  3.543   5.494   1.00 28.80 ? 413 HOH A O     1 
HETATM 1075 O O     . HOH D 4 .   ? 5.808   -7.200  16.646  1.00 28.51 ? 414 HOH A O     1 
HETATM 1076 O O     . HOH D 4 .   ? 12.195  -2.465  -9.509  1.00 24.14 ? 415 HOH A O     1 
HETATM 1077 O O     . HOH D 4 .   ? -12.823 -1.190  -8.258  1.00 15.70 ? 416 HOH A O     1 
HETATM 1078 O O     . HOH D 4 .   ? -11.590 6.759   7.085   1.00 28.95 ? 417 HOH A O     1 
HETATM 1079 O O     . HOH D 4 .   ? -22.022 -6.712  -0.636  1.00 29.22 ? 418 HOH A O     1 
HETATM 1080 O O     . HOH D 4 .   ? -10.859 -13.444 1.000   1.00 31.88 ? 419 HOH A O     1 
HETATM 1081 O O     . HOH D 4 .   ? 11.682  -0.885  -7.154  1.00 24.80 ? 420 HOH A O     1 
HETATM 1082 O O     . HOH D 4 .   ? 16.743  -9.600  2.005   1.00 30.88 ? 421 HOH A O     1 
HETATM 1083 O O     . HOH D 4 .   ? -22.315 -2.908  -0.056  1.00 29.00 ? 422 HOH A O     1 
HETATM 1084 O O     . HOH D 4 .   ? -8.381  8.427   4.026   1.00 22.70 ? 423 HOH A O     1 
HETATM 1085 O O     . HOH D 4 .   ? -14.443 -5.746  -12.921 1.00 28.32 ? 424 HOH A O     1 
HETATM 1086 O O     . HOH D 4 .   ? -8.997  -9.024  -11.354 1.00 28.81 ? 425 HOH A O     1 
HETATM 1087 O O     . HOH D 4 .   ? 20.025  -5.449  2.489   1.00 26.58 ? 426 HOH A O     1 
HETATM 1088 O O     . HOH D 4 .   ? -19.440 -8.089  4.047   1.00 24.14 ? 427 HOH A O     1 
HETATM 1089 O O     . HOH D 4 .   ? 16.305  -4.188  5.331   1.00 22.09 ? 428 HOH A O     1 
HETATM 1090 O O     . HOH D 4 .   ? -22.547 -8.651  -3.647  1.00 25.19 ? 429 HOH A O     1 
HETATM 1091 O O     . HOH D 4 .   ? 15.081  -6.637  6.046   1.00 25.88 ? 430 HOH A O     1 
HETATM 1092 O O     . HOH D 4 .   ? -0.947  -3.492  -11.614 1.00 16.36 ? 431 HOH A O     1 
HETATM 1093 O O     . HOH D 4 .   ? 8.042   3.297   -8.128  1.00 31.51 ? 432 HOH A O     1 
HETATM 1094 O O     . HOH D 4 .   ? -5.068  10.753  8.873   1.00 24.24 ? 433 HOH A O     1 
HETATM 1095 O O     . HOH D 4 .   ? -11.868 3.421   0.839   1.00 18.29 ? 434 HOH A O     1 
HETATM 1096 O O     . HOH D 4 .   ? 14.710  -9.225  4.124   1.00 28.36 ? 435 HOH A O     1 
HETATM 1097 O O     . HOH D 4 .   ? -23.089 -11.191 1.334   1.00 37.77 ? 436 HOH A O     1 
HETATM 1098 O O     . HOH D 4 .   ? -18.458 6.360   -1.342  1.00 31.45 ? 437 HOH A O     1 
HETATM 1099 O O     . HOH D 4 .   ? -9.305  -9.836  -14.201 1.00 42.03 ? 438 HOH A O     1 
HETATM 1100 O O     . HOH D 4 .   ? -0.314  -16.739 3.763   1.00 31.83 ? 439 HOH A O     1 
HETATM 1101 O O     . HOH D 4 .   ? -21.755 -6.113  3.259   1.00 28.93 ? 440 HOH A O     1 
HETATM 1102 O O     . HOH D 4 .   ? -10.470 10.674  4.075   1.00 32.41 ? 441 HOH A O     1 
HETATM 1103 O O     . HOH D 4 .   ? 6.379   -2.373  -11.784 1.00 19.03 ? 442 HOH A O     1 
HETATM 1104 O O     . HOH D 4 .   ? 1.489   6.609   -12.420 1.00 24.74 ? 443 HOH A O     1 
HETATM 1105 O O     . HOH D 4 .   ? 4.028   5.849   -14.082 1.00 26.52 ? 444 HOH A O     1 
HETATM 1106 O O     . HOH D 4 .   ? 8.488   4.555   -5.709  1.00 35.75 ? 445 HOH A O     1 
HETATM 1107 O O     . HOH D 4 .   ? 11.027  -4.763  14.010  1.00 25.90 ? 446 HOH A O     1 
HETATM 1108 O O     . HOH D 4 .   ? 3.157   5.903   21.116  1.00 50.19 ? 447 HOH A O     1 
HETATM 1109 O O     . HOH D 4 .   ? 1.458   -1.464  16.266  1.00 23.65 ? 448 HOH A O     1 
HETATM 1110 O O     . HOH D 4 .   ? -11.095 4.515   13.631  1.00 31.27 ? 449 HOH A O     1 
HETATM 1111 O O     . HOH D 4 .   ? 0.657   4.145   -11.799 1.00 19.91 ? 450 HOH A O     1 
HETATM 1112 O O     . HOH D 4 .   ? 1.618   6.004   -8.994  1.00 34.68 ? 451 HOH A O     1 
HETATM 1113 O O     . HOH D 4 .   ? -6.826  -5.632  12.659  1.00 22.51 ? 452 HOH A O     1 
HETATM 1114 O O     . HOH D 4 .   ? -15.032 -14.187 3.188   1.00 30.75 ? 453 HOH A O     1 
HETATM 1115 O O     . HOH D 4 .   ? -6.083  -0.836  17.329  1.00 29.69 ? 454 HOH A O     1 
HETATM 1116 O O     . HOH D 4 .   ? 4.880   -1.093  -16.494 1.00 27.24 ? 455 HOH A O     1 
HETATM 1117 O O     . HOH D 4 .   ? -3.938  11.867  1.060   1.00 32.12 ? 456 HOH A O     1 
HETATM 1118 O O     . HOH D 4 .   ? -6.253  12.077  5.145   1.00 34.22 ? 457 HOH A O     1 
HETATM 1119 O O     . HOH D 4 .   ? -5.385  -2.629  -19.438 1.00 30.76 ? 458 HOH A O     1 
HETATM 1120 O O     . HOH D 4 .   ? -4.884  13.293  7.460   1.00 35.33 ? 459 HOH A O     1 
HETATM 1121 O O     . HOH D 4 .   ? -6.227  -4.748  -17.947 1.00 25.35 ? 460 HOH A O     1 
HETATM 1122 O O     . HOH D 4 .   ? -10.825 -11.617 -7.326  1.00 27.07 ? 461 HOH A O     1 
HETATM 1123 O O     . HOH D 4 .   ? 13.431  -11.919 -2.389  1.00 40.98 ? 462 HOH A O     1 
HETATM 1124 O O     . HOH D 4 .   ? 7.722   2.395   -12.115 1.00 28.27 ? 463 HOH A O     1 
HETATM 1125 O O     . HOH D 4 .   ? -11.481 -3.849  -19.223 1.00 28.07 ? 464 HOH A O     1 
HETATM 1126 O O     . HOH D 4 .   ? -11.019 13.098  3.124   1.00 37.11 ? 465 HOH A O     1 
HETATM 1127 O O     . HOH D 4 .   ? 6.821   -1.942  18.468  1.00 25.25 ? 466 HOH A O     1 
HETATM 1128 O O     . HOH D 4 .   ? -17.593 -12.425 -3.319  1.00 35.69 ? 467 HOH A O     1 
HETATM 1129 O O     . HOH D 4 .   ? -19.968 -7.898  7.350   1.00 33.70 ? 468 HOH A O     1 
HETATM 1130 O O     . HOH D 4 .   ? -10.546 7.373   12.727  1.00 33.29 ? 469 HOH A O     1 
HETATM 1131 O O     . HOH D 4 .   ? -11.837 15.388  4.807   1.00 37.55 ? 470 HOH A O     1 
HETATM 1132 O O     . HOH D 4 .   ? 20.907  -5.994  -2.017  1.00 28.50 ? 471 HOH A O     1 
HETATM 1133 O O     . HOH D 4 .   ? -13.738 -11.686 -4.863  1.00 29.73 ? 472 HOH A O     1 
HETATM 1134 O O     . HOH D 4 .   ? 11.118  -2.674  18.418  1.00 31.57 ? 473 HOH A O     1 
HETATM 1135 O O     . HOH D 4 .   ? 1.605   8.624   -10.036 1.00 28.41 ? 474 HOH A O     1 
HETATM 1136 O O     . HOH D 4 .   ? -8.375  6.226   14.242  1.00 29.98 ? 475 HOH A O     1 
HETATM 1137 O O     . HOH D 4 .   ? 0.289   12.393  -0.757  1.00 24.21 ? 476 HOH A O     1 
HETATM 1138 O O     . HOH D 4 .   ? -15.930 10.744  -0.001  1.00 34.58 ? 477 HOH A O     1 
HETATM 1139 O O     . HOH D 4 .   ? 23.184  -2.512  8.856   1.00 54.16 ? 478 HOH A O     1 
HETATM 1140 O O     . HOH D 4 .   ? -17.891 4.556   0.758   1.00 39.02 ? 479 HOH A O     1 
HETATM 1141 O O     . HOH D 4 .   ? 7.044   -2.150  -15.096 1.00 35.34 ? 480 HOH A O     1 
HETATM 1142 O O     . HOH D 4 .   ? -18.666 5.076   3.345   1.00 42.70 ? 481 HOH A O     1 
HETATM 1143 O O     . HOH D 4 .   ? -2.610  -6.596  -9.263  1.00 8.98  ? 482 HOH A O     1 
HETATM 1144 O O     . HOH D 4 .   ? -9.745  -10.259 3.372   1.00 17.47 ? 483 HOH A O     1 
HETATM 1145 O O     . HOH D 4 .   ? -21.491 5.308   2.607   1.00 44.89 ? 484 HOH A O     1 
HETATM 1146 O O     . HOH D 4 .   ? -5.440  -5.823  -12.224 1.00 15.28 ? 485 HOH A O     1 
HETATM 1147 O O     . HOH D 4 .   ? -19.075 2.525   -2.400  1.00 25.22 ? 486 HOH A O     1 
HETATM 1148 O O     . HOH D 4 .   ? 8.339   -8.519  -1.541  1.00 15.17 ? 487 HOH A O     1 
HETATM 1149 O O     . HOH D 4 .   ? -7.924  -11.331 -2.128  1.00 14.57 ? 488 HOH A O     1 
HETATM 1150 O O     . HOH D 4 .   ? 9.113   -0.971  -5.886  1.00 17.64 ? 489 HOH A O     1 
HETATM 1151 O O     . HOH D 4 .   ? -0.364  2.405   17.783  1.00 40.65 ? 490 HOH A O     1 
HETATM 1152 O O     . HOH D 4 .   ? 7.978   -0.318  -10.822 1.00 21.81 ? 491 HOH A O     1 
HETATM 1153 O O     . HOH D 4 .   ? -12.292 -13.683 3.649   1.00 28.97 ? 492 HOH A O     1 
HETATM 1154 O O     . HOH D 4 .   ? 1.898   10.102  -1.615  1.00 26.06 ? 493 HOH A O     1 
HETATM 1155 O O     . HOH D 4 .   ? 3.713   6.419   16.988  1.00 23.90 ? 494 HOH A O     1 
HETATM 1156 O O     . HOH D 4 .   ? 10.311  -6.992  -13.499 1.00 31.87 ? 495 HOH A O     1 
HETATM 1157 O O     . HOH D 4 .   ? -6.092  -8.488  -11.717 1.00 18.88 ? 496 HOH A O     1 
HETATM 1158 O O     . HOH D 4 .   ? -7.288  11.366  10.264  1.00 32.31 ? 497 HOH A O     1 
HETATM 1159 O O     . HOH D 4 .   ? -8.106  -5.349  -13.186 1.00 20.79 ? 498 HOH A O     1 
HETATM 1160 O O     . HOH D 4 .   ? -13.947 4.633   -0.423  1.00 21.68 ? 499 HOH A O     1 
HETATM 1161 O O     . HOH D 4 .   ? 10.586  -1.499  -11.653 1.00 31.01 ? 500 HOH A O     1 
HETATM 1162 O O     . HOH D 4 .   ? -4.349  13.668  3.241   1.00 34.92 ? 501 HOH A O     1 
HETATM 1163 O O     . HOH D 4 .   ? -13.131 -14.165 -5.150  1.00 41.75 ? 502 HOH A O     1 
HETATM 1164 O O     . HOH D 4 .   ? 9.559   7.532   14.408  1.00 45.79 ? 503 HOH A O     1 
HETATM 1165 O O     . HOH D 4 .   ? -8.237  -4.430  -16.028 1.00 21.20 ? 504 HOH A O     1 
HETATM 1166 O O     . HOH D 4 .   ? -4.199  -6.295  -16.793 1.00 24.99 ? 505 HOH A O     1 
HETATM 1167 O O     . HOH D 4 .   ? -14.479 7.285   0.514   1.00 29.04 ? 506 HOH A O     1 
HETATM 1168 O O     . HOH D 4 .   ? -19.197 -10.618 -5.217  1.00 45.86 ? 507 HOH A O     1 
HETATM 1169 O O     . HOH D 4 .   ? 2.197   8.627   16.093  1.00 23.02 ? 508 HOH A O     1 
HETATM 1170 O O     . HOH D 4 .   ? -14.723 -13.903 -7.961  1.00 39.78 ? 509 HOH A O     1 
HETATM 1171 O O     . HOH D 4 .   ? -11.806 8.148   0.755   1.00 25.23 ? 510 HOH A O     1 
HETATM 1172 O O     . HOH D 4 .   ? 2.594   2.723   -4.168  1.00 19.08 ? 511 HOH A O     1 
HETATM 1173 O O     . HOH D 4 .   ? 6.250   4.970   -4.307  1.00 25.18 ? 512 HOH A O     1 
HETATM 1174 O O     . HOH D 4 .   ? -10.602 10.242  -3.291  1.00 21.82 ? 513 HOH A O     1 
HETATM 1175 O O     . HOH D 4 .   ? -12.507 9.915   -1.459  1.00 28.54 ? 514 HOH A O     1 
HETATM 1176 O O     . HOH D 4 .   ? -20.393 5.042   -3.345  1.00 27.03 ? 515 HOH A O     1 
HETATM 1177 O O     . HOH D 4 .   ? -2.014  14.791  4.090   1.00 53.11 ? 516 HOH A O     1 
HETATM 1178 O O     . HOH D 4 .   ? -13.687 -7.717  -9.115  1.00 24.08 ? 517 HOH A O     1 
HETATM 1179 O O     . HOH D 4 .   ? -6.095  12.897  -4.724  1.00 31.92 ? 518 HOH A O     1 
HETATM 1180 O O     . HOH D 4 .   ? 7.126   -5.004  16.734  1.00 36.18 ? 519 HOH A O     1 
HETATM 1181 O O     . HOH D 4 .   ? -12.812 0.064   -10.516 1.00 16.01 ? 520 HOH A O     1 
HETATM 1182 O O     . HOH D 4 .   ? 17.740  0.308   -4.340  1.00 28.14 ? 521 HOH A O     1 
HETATM 1183 O O     . HOH D 4 .   ? -11.967 3.868   7.194   1.00 21.38 ? 522 HOH A O     1 
HETATM 1184 O O     . HOH D 4 .   ? 12.560  -5.938  11.766  1.00 32.02 ? 523 HOH A O     1 
HETATM 1185 O O     . HOH D 4 .   ? 22.101  6.557   0.347   1.00 26.57 ? 524 HOH A O     1 
HETATM 1186 O O     . HOH D 4 .   ? -6.996  -9.515  -8.987  1.00 23.92 ? 525 HOH A O     1 
HETATM 1187 O O     . HOH D 4 .   ? -10.791 12.810  -6.890  1.00 25.33 ? 526 HOH A O     1 
HETATM 1188 O O     . HOH D 4 .   ? -23.939 -7.801  -6.753  1.00 37.41 ? 527 HOH A O     1 
HETATM 1189 O O     . HOH D 4 .   ? -18.895 -7.932  -17.731 1.00 32.76 ? 528 HOH A O     1 
HETATM 1190 O O     . HOH D 4 .   ? 14.826  2.212   -5.974  1.00 26.07 ? 529 HOH A O     1 
HETATM 1191 O O     . HOH D 4 .   ? 20.027  -0.477  7.278   1.00 27.90 ? 530 HOH A O     1 
HETATM 1192 O O     . HOH D 4 .   ? 6.672   4.074   -1.897  1.00 16.49 ? 531 HOH A O     1 
HETATM 1193 O O     . HOH D 4 .   ? -10.980 -9.386  -9.200  1.00 29.84 ? 532 HOH A O     1 
HETATM 1194 O O     . HOH D 4 .   ? -13.128 -2.285  -16.830 1.00 21.19 ? 533 HOH A O     1 
HETATM 1195 O O     . HOH D 4 .   ? 17.720  8.000   -1.976  1.00 25.53 ? 534 HOH A O     1 
HETATM 1196 O O     . HOH D 4 .   ? 8.367   -7.130  14.711  1.00 22.68 ? 535 HOH A O     1 
HETATM 1197 O O     . HOH D 4 .   ? 8.842   9.114   -5.297  1.00 31.71 ? 536 HOH A O     1 
HETATM 1198 O O     . HOH D 4 .   ? 9.950   5.708   1.002   1.00 26.86 ? 537 HOH A O     1 
HETATM 1199 O O     . HOH D 4 .   ? -11.518 -7.363  3.688   1.00 26.26 ? 538 HOH A O     1 
HETATM 1200 O O     . HOH D 4 .   ? 9.164   -10.151 13.544  1.00 31.73 ? 539 HOH A O     1 
HETATM 1201 O O     . HOH D 4 .   ? 4.946   8.421   -6.956  1.00 29.53 ? 540 HOH A O     1 
HETATM 1202 O O     . HOH D 4 .   ? 12.008  -9.573  7.286   1.00 50.93 ? 541 HOH A O     1 
HETATM 1203 O O     . HOH D 4 .   ? -2.171  12.170  10.824  1.00 30.24 ? 542 HOH A O     1 
HETATM 1204 O O     . HOH D 4 .   ? -10.949 -4.327  -16.379 1.00 21.56 ? 543 HOH A O     1 
HETATM 1205 O O     . HOH D 4 .   ? 22.021  9.521   0.740   1.00 25.43 ? 544 HOH A O     1 
HETATM 1206 O O     . HOH D 4 .   ? 20.762  -0.042  9.654   1.00 38.84 ? 545 HOH A O     1 
HETATM 1207 O O     . HOH D 4 .   ? -20.611 -13.984 -3.010  1.00 45.42 ? 546 HOH A O     1 
HETATM 1208 O O     . HOH D 4 .   ? 14.921  -8.492  7.864   1.00 33.57 ? 547 HOH A O     1 
HETATM 1209 O O     . HOH D 4 .   ? 10.409  6.212   -6.278  1.00 44.86 ? 548 HOH A O     1 
HETATM 1210 O O     . HOH D 4 .   ? 4.466   -7.275  -13.858 1.00 28.24 ? 549 HOH A O     1 
HETATM 1211 O O     . HOH D 4 .   ? -16.829 -15.186 -3.799  1.00 35.04 ? 550 HOH A O     1 
HETATM 1212 O O     . HOH D 4 .   ? 7.609   -6.869  -12.756 1.00 34.23 ? 551 HOH A O     1 
HETATM 1213 O O     . HOH D 4 .   ? 8.017   -4.190  -13.350 1.00 31.01 ? 552 HOH A O     1 
HETATM 1214 O O     . HOH D 4 .   ? -1.173  11.463  1.421   1.00 38.20 ? 553 HOH A O     1 
HETATM 1215 O O     . HOH D 4 .   ? -3.784  9.042   2.208   1.00 32.65 ? 554 HOH A O     1 
HETATM 1216 O O     . HOH D 4 .   ? 4.928   8.118   10.210  1.00 24.08 ? 555 HOH A O     1 
HETATM 1217 O O     . HOH D 4 .   ? -19.697 -1.146  -11.105 1.00 18.94 ? 556 HOH A O     1 
HETATM 1218 O O     . HOH D 4 .   ? 7.079   -11.412 9.393   1.00 25.17 ? 557 HOH A O     1 
HETATM 1219 O O     . HOH D 4 .   ? -23.446 -9.323  -0.821  1.00 28.81 ? 558 HOH A O     1 
HETATM 1220 O O     . HOH D 4 .   ? 0.759   -0.253  18.969  1.00 38.53 ? 559 HOH A O     1 
HETATM 1221 O O     . HOH D 4 .   ? -12.365 -10.882 4.548   1.00 24.68 ? 560 HOH A O     1 
HETATM 1222 O O     . HOH D 4 .   ? 0.007   -4.818  -18.952 1.00 31.83 ? 561 HOH A O     1 
HETATM 1223 O O     . HOH D 4 .   ? -0.257  -1.400  -19.668 1.00 16.11 ? 562 HOH A O     1 
HETATM 1224 O O     . HOH D 4 .   ? -2.189  -3.016  -20.345 1.00 33.09 ? 563 HOH A O     1 
HETATM 1225 O O     . HOH D 4 .   ? -2.613  -5.905  -19.024 1.00 33.13 ? 564 HOH A O     1 
HETATM 1226 O O     . HOH D 4 .   ? -16.531 -7.129  -9.312  1.00 27.44 ? 565 HOH A O     1 
HETATM 1227 O O     . HOH D 4 .   ? -18.753 -6.381  -7.902  1.00 27.18 ? 566 HOH A O     1 
HETATM 1228 O O     . HOH D 4 .   ? 5.255   -15.543 9.388   1.00 38.52 ? 567 HOH A O     1 
HETATM 1229 O O     . HOH D 4 .   ? -14.409 -14.410 0.509   1.00 37.41 ? 568 HOH A O     1 
HETATM 1230 O O     . HOH D 4 .   ? 20.093  1.222   -1.690  1.00 28.21 ? 569 HOH A O     1 
HETATM 1231 O O     . HOH D 4 .   ? -2.910  6.028   -4.102  1.00 18.81 ? 570 HOH A O     1 
HETATM 1232 O O     . HOH D 4 .   ? 3.843   -13.066 10.716  1.00 23.94 ? 571 HOH A O     1 
HETATM 1233 O O     . HOH D 4 .   ? 10.103  -6.766  -1.004  1.00 24.48 ? 572 HOH A O     1 
# 
loop_
_pdbx_poly_seq_scheme.asym_id 
_pdbx_poly_seq_scheme.entity_id 
_pdbx_poly_seq_scheme.seq_id 
_pdbx_poly_seq_scheme.mon_id 
_pdbx_poly_seq_scheme.ndb_seq_num 
_pdbx_poly_seq_scheme.pdb_seq_num 
_pdbx_poly_seq_scheme.auth_seq_num 
_pdbx_poly_seq_scheme.pdb_mon_id 
_pdbx_poly_seq_scheme.auth_mon_id 
_pdbx_poly_seq_scheme.pdb_strand_id 
_pdbx_poly_seq_scheme.pdb_ins_code 
_pdbx_poly_seq_scheme.hetero 
A 1 1   SER 1   1   1   SER SER A . n 
A 1 2   LEU 2   2   2   LEU LEU A . n 
A 1 3   LEU 3   3   3   LEU LEU A . n 
A 1 4   GLU 4   4   4   GLU GLU A . n 
A 1 5   PHE 5   5   5   PHE PHE A . n 
A 1 6   GLY 6   6   6   GLY GLY A . n 
A 1 7   LYS 7   7   7   LYS LYS A . n 
A 1 8   MET 8   8   8   MET MET A . n 
A 1 9   ILE 9   9   9   ILE ILE A . n 
A 1 10  LEU 10  10  10  LEU LEU A . n 
A 1 11  GLU 11  11  11  GLU GLU A . n 
A 1 12  GLU 12  12  12  GLU GLU A . n 
A 1 13  THR 13  13  13  THR THR A . n 
A 1 14  GLY 14  14  14  GLY GLY A . n 
A 1 15  LYS 15  16  16  LYS LYS A . n 
A 1 16  LEU 16  17  17  LEU LEU A . n 
A 1 17  ALA 17  18  18  ALA ALA A . n 
A 1 18  ILE 18  19  19  ILE ILE A . n 
A 1 19  PRO 19  20  20  PRO PRO A . n 
A 1 20  SER 20  21  21  SER SER A . n 
A 1 21  TYR 21  22  22  TYR TYR A . n 
A 1 22  SER 22  23  23  SER SER A . n 
A 1 23  SER 23  24  24  SER SER A . n 
A 1 24  TYR 24  25  25  TYR TYR A . n 
A 1 25  GLY 25  26  26  GLY GLY A . n 
A 1 26  CYS 26  27  27  CYS CYS A . n 
A 1 27  TYR 27  28  28  TYR TYR A . n 
A 1 28  CYS 28  29  29  CYS CYS A . n 
A 1 29  GLY 29  30  30  GLY GLY A . n 
A 1 30  TRP 30  31  31  TRP TRP A . n 
A 1 31  GLY 31  32  32  GLY GLY A . n 
A 1 32  GLY 32  33  33  GLY GLY A . n 
A 1 33  LYS 33  34  34  LYS LYS A . n 
A 1 34  GLY 34  35  35  GLY GLY A . n 
A 1 35  THR 35  36  36  THR THR A . n 
A 1 36  PRO 36  37  37  PRO PRO A . n 
A 1 37  LYS 37  38  38  LYS LYS A . n 
A 1 38  ASP 38  39  39  ASP ASP A . n 
A 1 39  ALA 39  40  40  ALA ALA A . n 
A 1 40  THR 40  41  41  THR THR A . n 
A 1 41  ASP 41  42  42  ASP ASP A . n 
A 1 42  ARG 42  43  43  ARG ARG A . n 
A 1 43  CYS 43  44  44  CYS CYS A . n 
A 1 44  CYS 44  45  45  CYS CYS A . n 
A 1 45  PHE 45  46  46  PHE PHE A . n 
A 1 46  VAL 46  47  47  VAL VAL A . n 
A 1 47  HIS 47  48  48  HIS HIS A . n 
A 1 48  ASP 48  49  49  ASP ASP A . n 
A 1 49  CYS 49  50  50  CYS CYS A . n 
A 1 50  CYS 50  51  51  CYS CYS A . n 
A 1 51  TYR 51  52  52  TYR TYR A . n 
A 1 52  GLY 52  53  53  GLY GLY A . n 
A 1 53  ASN 53  54  54  ASN ASN A . n 
A 1 54  LEU 54  55  55  LEU LEU A . n 
A 1 55  PRO 55  56  56  PRO PRO A . n 
A 1 56  ASP 56  59  59  ASP ASP A . n 
A 1 57  CYS 57  61  61  CYS CYS A . n 
A 1 58  ASN 58  67  67  ASN ASN A . n 
A 1 59  PRO 59  68  68  PRO PRO A . n 
A 1 60  LYS 60  69  69  LYS LYS A . n 
A 1 61  SER 61  70  70  SER SER A . n 
A 1 62  ASP 62  71  71  ASP ASP A . n 
A 1 63  ARG 63  72  72  ARG ARG A . n 
A 1 64  TYR 64  73  73  TYR TYR A . n 
A 1 65  LYS 65  74  74  LYS LYS A . n 
A 1 66  TYR 66  75  75  TYR TYR A . n 
A 1 67  LYS 67  76  76  LYS LYS A . n 
A 1 68  ARG 68  77  77  ARG ARG A . n 
A 1 69  VAL 69  78  78  VAL VAL A . n 
A 1 70  ASN 70  79  79  ASN ASN A . n 
A 1 71  GLY 71  80  80  GLY GLY A . n 
A 1 72  ALA 72  81  81  ALA ALA A . n 
A 1 73  ILE 73  82  82  ILE ILE A . n 
A 1 74  VAL 74  83  83  VAL VAL A . n 
A 1 75  CYS 75  84  84  CYS CYS A . n 
A 1 76  GLU 76  85  85  GLU GLU A . n 
A 1 77  LYS 77  86  86  LYS LYS A . n 
A 1 78  GLY 78  88  88  GLY GLY A . n 
A 1 79  THR 79  89  89  THR THR A . n 
A 1 80  SER 80  90  90  SER SER A . n 
A 1 81  CYS 81  91  91  CYS CYS A . n 
A 1 82  GLU 82  92  92  GLU GLU A . n 
A 1 83  ASN 83  93  93  ASN ASN A . n 
A 1 84  ARG 84  94  94  ARG ARG A . n 
A 1 85  ILE 85  95  95  ILE ILE A . n 
A 1 86  CYS 86  96  96  CYS CYS A . n 
A 1 87  GLU 87  97  97  GLU GLU A . n 
A 1 88  CYS 88  98  98  CYS CYS A . n 
A 1 89  ASP 89  99  99  ASP ASP A . n 
A 1 90  LYS 90  100 100 LYS LYS A . n 
A 1 91  ALA 91  101 101 ALA ALA A . n 
A 1 92  ALA 92  102 102 ALA ALA A . n 
A 1 93  ALA 93  103 103 ALA ALA A . n 
A 1 94  ILE 94  104 104 ILE ILE A . n 
A 1 95  CYS 95  105 105 CYS CYS A . n 
A 1 96  PHE 96  106 106 PHE PHE A . n 
A 1 97  ARG 97  107 107 ARG ARG A . n 
A 1 98  GLN 98  108 108 GLN GLN A . n 
A 1 99  ASN 99  109 109 ASN ASN A . n 
A 1 100 LEU 100 110 110 LEU LEU A . n 
A 1 101 ASN 101 111 111 ASN ASN A . n 
A 1 102 THR 102 112 112 THR THR A . n 
A 1 103 TYR 103 113 113 TYR TYR A . n 
A 1 104 SER 104 114 114 SER SER A . n 
A 1 105 LYS 105 115 115 LYS LYS A . n 
A 1 106 LYS 106 116 116 LYS LYS A . n 
A 1 107 TYR 107 117 117 TYR TYR A . n 
A 1 108 MET 108 118 118 MET MET A . n 
A 1 109 LEU 109 119 119 LEU LEU A . n 
A 1 110 TYR 110 120 120 TYR TYR A . n 
A 1 111 PRO 111 121 121 PRO PRO A . n 
A 1 112 ASP 112 122 122 ASP ASP A . n 
A 1 113 PHE 113 124 124 PHE PHE A . n 
A 1 114 LEU 114 125 125 LEU LEU A . n 
A 1 115 CYS 115 126 126 CYS CYS A . n 
A 1 116 LYS 116 127 127 LYS LYS A . n 
A 1 117 GLY 117 128 128 GLY GLY A . n 
A 1 118 GLU 118 129 129 GLU GLU A . n 
A 1 119 LEU 119 130 130 LEU LEU A . n 
A 1 120 LYS 120 131 131 LYS LYS A . n 
A 1 121 CYS 121 133 133 CYS CYS A . n 
# 
loop_
_pdbx_nonpoly_scheme.asym_id 
_pdbx_nonpoly_scheme.entity_id 
_pdbx_nonpoly_scheme.mon_id 
_pdbx_nonpoly_scheme.ndb_seq_num 
_pdbx_nonpoly_scheme.pdb_seq_num 
_pdbx_nonpoly_scheme.auth_seq_num 
_pdbx_nonpoly_scheme.pdb_mon_id 
_pdbx_nonpoly_scheme.auth_mon_id 
_pdbx_nonpoly_scheme.pdb_strand_id 
_pdbx_nonpoly_scheme.pdb_ins_code 
B 2 SO4 1   201 1   SO4 SO4 A . 
C 3 HC4 1   202 1   HC4 HC4 A . 
D 4 HOH 1   301 1   HOH HOH A . 
D 4 HOH 2   302 2   HOH HOH A . 
D 4 HOH 3   303 3   HOH HOH A . 
D 4 HOH 4   304 4   HOH HOH A . 
D 4 HOH 5   305 5   HOH HOH A . 
D 4 HOH 6   306 6   HOH HOH A . 
D 4 HOH 7   307 7   HOH HOH A . 
D 4 HOH 8   308 8   HOH HOH A . 
D 4 HOH 9   309 9   HOH HOH A . 
D 4 HOH 10  310 10  HOH HOH A . 
D 4 HOH 11  311 11  HOH HOH A . 
D 4 HOH 12  312 12  HOH HOH A . 
D 4 HOH 13  313 13  HOH HOH A . 
D 4 HOH 14  314 14  HOH HOH A . 
D 4 HOH 15  315 15  HOH HOH A . 
D 4 HOH 16  316 16  HOH HOH A . 
D 4 HOH 17  317 17  HOH HOH A . 
D 4 HOH 18  318 18  HOH HOH A . 
D 4 HOH 19  319 19  HOH HOH A . 
D 4 HOH 20  320 20  HOH HOH A . 
D 4 HOH 21  321 21  HOH HOH A . 
D 4 HOH 22  322 22  HOH HOH A . 
D 4 HOH 23  323 23  HOH HOH A . 
D 4 HOH 24  324 24  HOH HOH A . 
D 4 HOH 25  325 25  HOH HOH A . 
D 4 HOH 26  326 26  HOH HOH A . 
D 4 HOH 27  327 27  HOH HOH A . 
D 4 HOH 28  328 28  HOH HOH A . 
D 4 HOH 29  329 29  HOH HOH A . 
D 4 HOH 30  330 30  HOH HOH A . 
D 4 HOH 31  331 31  HOH HOH A . 
D 4 HOH 32  332 32  HOH HOH A . 
D 4 HOH 33  333 33  HOH HOH A . 
D 4 HOH 34  334 34  HOH HOH A . 
D 4 HOH 35  335 35  HOH HOH A . 
D 4 HOH 36  336 36  HOH HOH A . 
D 4 HOH 37  337 37  HOH HOH A . 
D 4 HOH 38  338 38  HOH HOH A . 
D 4 HOH 39  339 39  HOH HOH A . 
D 4 HOH 40  340 40  HOH HOH A . 
D 4 HOH 41  341 41  HOH HOH A . 
D 4 HOH 42  342 42  HOH HOH A . 
D 4 HOH 43  343 43  HOH HOH A . 
D 4 HOH 44  344 44  HOH HOH A . 
D 4 HOH 45  345 45  HOH HOH A . 
D 4 HOH 46  346 46  HOH HOH A . 
D 4 HOH 47  347 47  HOH HOH A . 
D 4 HOH 48  348 48  HOH HOH A . 
D 4 HOH 49  349 49  HOH HOH A . 
D 4 HOH 50  350 50  HOH HOH A . 
D 4 HOH 51  351 51  HOH HOH A . 
D 4 HOH 52  352 52  HOH HOH A . 
D 4 HOH 53  353 53  HOH HOH A . 
D 4 HOH 54  354 54  HOH HOH A . 
D 4 HOH 55  355 55  HOH HOH A . 
D 4 HOH 56  356 56  HOH HOH A . 
D 4 HOH 57  357 57  HOH HOH A . 
D 4 HOH 58  358 58  HOH HOH A . 
D 4 HOH 59  359 59  HOH HOH A . 
D 4 HOH 60  360 60  HOH HOH A . 
D 4 HOH 61  361 61  HOH HOH A . 
D 4 HOH 62  362 62  HOH HOH A . 
D 4 HOH 63  363 63  HOH HOH A . 
D 4 HOH 64  364 64  HOH HOH A . 
D 4 HOH 65  365 65  HOH HOH A . 
D 4 HOH 66  366 66  HOH HOH A . 
D 4 HOH 67  367 67  HOH HOH A . 
D 4 HOH 68  368 68  HOH HOH A . 
D 4 HOH 69  369 69  HOH HOH A . 
D 4 HOH 70  370 70  HOH HOH A . 
D 4 HOH 71  371 71  HOH HOH A . 
D 4 HOH 72  372 72  HOH HOH A . 
D 4 HOH 73  373 73  HOH HOH A . 
D 4 HOH 74  374 74  HOH HOH A . 
D 4 HOH 75  375 75  HOH HOH A . 
D 4 HOH 76  376 76  HOH HOH A . 
D 4 HOH 77  377 77  HOH HOH A . 
D 4 HOH 78  378 78  HOH HOH A . 
D 4 HOH 79  379 79  HOH HOH A . 
D 4 HOH 80  380 80  HOH HOH A . 
D 4 HOH 81  381 81  HOH HOH A . 
D 4 HOH 82  382 82  HOH HOH A . 
D 4 HOH 83  383 83  HOH HOH A . 
D 4 HOH 84  384 84  HOH HOH A . 
D 4 HOH 85  385 85  HOH HOH A . 
D 4 HOH 86  386 86  HOH HOH A . 
D 4 HOH 87  387 87  HOH HOH A . 
D 4 HOH 88  388 88  HOH HOH A . 
D 4 HOH 89  389 89  HOH HOH A . 
D 4 HOH 90  390 90  HOH HOH A . 
D 4 HOH 91  391 92  HOH HOH A . 
D 4 HOH 92  392 93  HOH HOH A . 
D 4 HOH 93  393 94  HOH HOH A . 
D 4 HOH 94  394 95  HOH HOH A . 
D 4 HOH 95  395 96  HOH HOH A . 
D 4 HOH 96  396 97  HOH HOH A . 
D 4 HOH 97  397 98  HOH HOH A . 
D 4 HOH 98  398 99  HOH HOH A . 
D 4 HOH 99  399 100 HOH HOH A . 
D 4 HOH 100 400 101 HOH HOH A . 
D 4 HOH 101 401 102 HOH HOH A . 
D 4 HOH 102 402 103 HOH HOH A . 
D 4 HOH 103 403 104 HOH HOH A . 
D 4 HOH 104 404 105 HOH HOH A . 
D 4 HOH 105 405 106 HOH HOH A . 
D 4 HOH 106 406 108 HOH HOH A . 
D 4 HOH 107 407 109 HOH HOH A . 
D 4 HOH 108 408 110 HOH HOH A . 
D 4 HOH 109 409 111 HOH HOH A . 
D 4 HOH 110 410 112 HOH HOH A . 
D 4 HOH 111 411 113 HOH HOH A . 
D 4 HOH 112 412 114 HOH HOH A . 
D 4 HOH 113 413 115 HOH HOH A . 
D 4 HOH 114 414 116 HOH HOH A . 
D 4 HOH 115 415 117 HOH HOH A . 
D 4 HOH 116 416 118 HOH HOH A . 
D 4 HOH 117 417 119 HOH HOH A . 
D 4 HOH 118 418 121 HOH HOH A . 
D 4 HOH 119 419 122 HOH HOH A . 
D 4 HOH 120 420 123 HOH HOH A . 
D 4 HOH 121 421 124 HOH HOH A . 
D 4 HOH 122 422 126 HOH HOH A . 
D 4 HOH 123 423 127 HOH HOH A . 
D 4 HOH 124 424 128 HOH HOH A . 
D 4 HOH 125 425 129 HOH HOH A . 
D 4 HOH 126 426 130 HOH HOH A . 
D 4 HOH 127 427 132 HOH HOH A . 
D 4 HOH 128 428 133 HOH HOH A . 
D 4 HOH 129 429 134 HOH HOH A . 
D 4 HOH 130 430 136 HOH HOH A . 
D 4 HOH 131 431 137 HOH HOH A . 
D 4 HOH 132 432 138 HOH HOH A . 
D 4 HOH 133 433 139 HOH HOH A . 
D 4 HOH 134 434 141 HOH HOH A . 
D 4 HOH 135 435 142 HOH HOH A . 
D 4 HOH 136 436 143 HOH HOH A . 
D 4 HOH 137 437 144 HOH HOH A . 
D 4 HOH 138 438 146 HOH HOH A . 
D 4 HOH 139 439 148 HOH HOH A . 
D 4 HOH 140 440 150 HOH HOH A . 
D 4 HOH 141 441 151 HOH HOH A . 
D 4 HOH 142 442 152 HOH HOH A . 
D 4 HOH 143 443 154 HOH HOH A . 
D 4 HOH 144 444 155 HOH HOH A . 
D 4 HOH 145 445 158 HOH HOH A . 
D 4 HOH 146 446 159 HOH HOH A . 
D 4 HOH 147 447 160 HOH HOH A . 
D 4 HOH 148 448 161 HOH HOH A . 
D 4 HOH 149 449 162 HOH HOH A . 
D 4 HOH 150 450 163 HOH HOH A . 
D 4 HOH 151 451 164 HOH HOH A . 
D 4 HOH 152 452 165 HOH HOH A . 
D 4 HOH 153 453 167 HOH HOH A . 
D 4 HOH 154 454 168 HOH HOH A . 
D 4 HOH 155 455 169 HOH HOH A . 
D 4 HOH 156 456 170 HOH HOH A . 
D 4 HOH 157 457 171 HOH HOH A . 
D 4 HOH 158 458 173 HOH HOH A . 
D 4 HOH 159 459 175 HOH HOH A . 
D 4 HOH 160 460 176 HOH HOH A . 
D 4 HOH 161 461 177 HOH HOH A . 
D 4 HOH 162 462 179 HOH HOH A . 
D 4 HOH 163 463 181 HOH HOH A . 
D 4 HOH 164 464 182 HOH HOH A . 
D 4 HOH 165 465 183 HOH HOH A . 
D 4 HOH 166 466 185 HOH HOH A . 
D 4 HOH 167 467 186 HOH HOH A . 
D 4 HOH 168 468 187 HOH HOH A . 
D 4 HOH 169 469 188 HOH HOH A . 
D 4 HOH 170 470 189 HOH HOH A . 
D 4 HOH 171 471 190 HOH HOH A . 
D 4 HOH 172 472 191 HOH HOH A . 
D 4 HOH 173 473 192 HOH HOH A . 
D 4 HOH 174 474 193 HOH HOH A . 
D 4 HOH 175 475 194 HOH HOH A . 
D 4 HOH 176 476 195 HOH HOH A . 
D 4 HOH 177 477 196 HOH HOH A . 
D 4 HOH 178 478 197 HOH HOH A . 
D 4 HOH 179 479 198 HOH HOH A . 
D 4 HOH 180 480 199 HOH HOH A . 
D 4 HOH 181 481 200 HOH HOH A . 
D 4 HOH 182 482 203 HOH HOH A . 
D 4 HOH 183 483 204 HOH HOH A . 
D 4 HOH 184 484 205 HOH HOH A . 
D 4 HOH 185 485 206 HOH HOH A . 
D 4 HOH 186 486 207 HOH HOH A . 
D 4 HOH 187 487 208 HOH HOH A . 
D 4 HOH 188 488 209 HOH HOH A . 
D 4 HOH 189 489 210 HOH HOH A . 
D 4 HOH 190 490 211 HOH HOH A . 
D 4 HOH 191 491 212 HOH HOH A . 
D 4 HOH 192 492 213 HOH HOH A . 
D 4 HOH 193 493 214 HOH HOH A . 
D 4 HOH 194 494 215 HOH HOH A . 
D 4 HOH 195 495 216 HOH HOH A . 
D 4 HOH 196 496 218 HOH HOH A . 
D 4 HOH 197 497 220 HOH HOH A . 
D 4 HOH 198 498 221 HOH HOH A . 
D 4 HOH 199 499 222 HOH HOH A . 
D 4 HOH 200 500 223 HOH HOH A . 
D 4 HOH 201 501 225 HOH HOH A . 
D 4 HOH 202 502 227 HOH HOH A . 
D 4 HOH 203 503 228 HOH HOH A . 
D 4 HOH 204 504 229 HOH HOH A . 
D 4 HOH 205 505 230 HOH HOH A . 
D 4 HOH 206 506 231 HOH HOH A . 
D 4 HOH 207 507 232 HOH HOH A . 
D 4 HOH 208 508 235 HOH HOH A . 
D 4 HOH 209 509 238 HOH HOH A . 
D 4 HOH 210 510 239 HOH HOH A . 
D 4 HOH 211 511 243 HOH HOH A . 
D 4 HOH 212 512 244 HOH HOH A . 
D 4 HOH 213 513 245 HOH HOH A . 
D 4 HOH 214 514 246 HOH HOH A . 
D 4 HOH 215 515 248 HOH HOH A . 
D 4 HOH 216 516 249 HOH HOH A . 
D 4 HOH 217 517 250 HOH HOH A . 
D 4 HOH 218 518 251 HOH HOH A . 
D 4 HOH 219 519 252 HOH HOH A . 
D 4 HOH 220 520 253 HOH HOH A . 
D 4 HOH 221 521 254 HOH HOH A . 
D 4 HOH 222 522 255 HOH HOH A . 
D 4 HOH 223 523 256 HOH HOH A . 
D 4 HOH 224 524 257 HOH HOH A . 
D 4 HOH 225 525 260 HOH HOH A . 
D 4 HOH 226 526 263 HOH HOH A . 
D 4 HOH 227 527 264 HOH HOH A . 
D 4 HOH 228 528 265 HOH HOH A . 
D 4 HOH 229 529 266 HOH HOH A . 
D 4 HOH 230 530 267 HOH HOH A . 
D 4 HOH 231 531 268 HOH HOH A . 
D 4 HOH 232 532 269 HOH HOH A . 
D 4 HOH 233 533 271 HOH HOH A . 
D 4 HOH 234 534 272 HOH HOH A . 
D 4 HOH 235 535 273 HOH HOH A . 
D 4 HOH 236 536 274 HOH HOH A . 
D 4 HOH 237 537 275 HOH HOH A . 
D 4 HOH 238 538 278 HOH HOH A . 
D 4 HOH 239 539 279 HOH HOH A . 
D 4 HOH 240 540 281 HOH HOH A . 
D 4 HOH 241 541 282 HOH HOH A . 
D 4 HOH 242 542 283 HOH HOH A . 
D 4 HOH 243 543 284 HOH HOH A . 
D 4 HOH 244 544 286 HOH HOH A . 
D 4 HOH 245 545 287 HOH HOH A . 
D 4 HOH 246 546 288 HOH HOH A . 
D 4 HOH 247 547 289 HOH HOH A . 
D 4 HOH 248 548 290 HOH HOH A . 
D 4 HOH 249 549 291 HOH HOH A . 
D 4 HOH 250 550 293 HOH HOH A . 
D 4 HOH 251 551 294 HOH HOH A . 
D 4 HOH 252 552 295 HOH HOH A . 
D 4 HOH 253 553 297 HOH HOH A . 
D 4 HOH 254 554 298 HOH HOH A . 
D 4 HOH 255 555 299 HOH HOH A . 
D 4 HOH 256 556 300 HOH HOH A . 
D 4 HOH 257 557 301 HOH HOH A . 
D 4 HOH 258 558 302 HOH HOH A . 
D 4 HOH 259 559 304 HOH HOH A . 
D 4 HOH 260 560 305 HOH HOH A . 
D 4 HOH 261 561 306 HOH HOH A . 
D 4 HOH 262 562 307 HOH HOH A . 
D 4 HOH 263 563 308 HOH HOH A . 
D 4 HOH 264 564 309 HOH HOH A . 
D 4 HOH 265 565 310 HOH HOH A . 
D 4 HOH 266 566 311 HOH HOH A . 
D 4 HOH 267 567 312 HOH HOH A . 
D 4 HOH 268 568 313 HOH HOH A . 
D 4 HOH 269 569 314 HOH HOH A . 
D 4 HOH 270 570 315 HOH HOH A . 
D 4 HOH 271 571 316 HOH HOH A . 
D 4 HOH 272 572 317 HOH HOH A . 
# 
_pdbx_struct_assembly.id                   1 
_pdbx_struct_assembly.details              author_and_software_defined_assembly 
_pdbx_struct_assembly.method_details       PISA 
_pdbx_struct_assembly.oligomeric_details   monomeric 
_pdbx_struct_assembly.oligomeric_count     1 
# 
_pdbx_struct_assembly_gen.assembly_id       1 
_pdbx_struct_assembly_gen.oper_expression   1 
_pdbx_struct_assembly_gen.asym_id_list      A,B,C,D 
# 
_pdbx_struct_oper_list.id                   1 
_pdbx_struct_oper_list.type                 'identity operation' 
_pdbx_struct_oper_list.name                 1_555 
_pdbx_struct_oper_list.symmetry_operation   x,y,z 
_pdbx_struct_oper_list.matrix[1][1]         1.0000000000 
_pdbx_struct_oper_list.matrix[1][2]         0.0000000000 
_pdbx_struct_oper_list.matrix[1][3]         0.0000000000 
_pdbx_struct_oper_list.vector[1]            0.0000000000 
_pdbx_struct_oper_list.matrix[2][1]         0.0000000000 
_pdbx_struct_oper_list.matrix[2][2]         1.0000000000 
_pdbx_struct_oper_list.matrix[2][3]         0.0000000000 
_pdbx_struct_oper_list.vector[2]            0.0000000000 
_pdbx_struct_oper_list.matrix[3][1]         0.0000000000 
_pdbx_struct_oper_list.matrix[3][2]         0.0000000000 
_pdbx_struct_oper_list.matrix[3][3]         1.0000000000 
_pdbx_struct_oper_list.vector[3]            0.0000000000 
# 
loop_
_pdbx_audit_revision_history.ordinal 
_pdbx_audit_revision_history.data_content_type 
_pdbx_audit_revision_history.major_revision 
_pdbx_audit_revision_history.minor_revision 
_pdbx_audit_revision_history.revision_date 
1 'Structure model' 1 0 2014-06-18 
2 'Structure model' 1 1 2015-01-28 
3 'Structure model' 1 2 2023-11-08 
# 
_pdbx_audit_revision_details.ordinal             1 
_pdbx_audit_revision_details.revision_ordinal    1 
_pdbx_audit_revision_details.data_content_type   'Structure model' 
_pdbx_audit_revision_details.provider            repository 
_pdbx_audit_revision_details.type                'Initial release' 
_pdbx_audit_revision_details.description         ? 
_pdbx_audit_revision_details.details             ? 
# 
loop_
_pdbx_audit_revision_group.ordinal 
_pdbx_audit_revision_group.revision_ordinal 
_pdbx_audit_revision_group.data_content_type 
_pdbx_audit_revision_group.group 
1 2 'Structure model' 'Database references'    
2 2 'Structure model' 'Structure summary'      
3 3 'Structure model' 'Data collection'        
4 3 'Structure model' 'Database references'    
5 3 'Structure model' 'Derived calculations'   
6 3 'Structure model' 'Refinement description' 
# 
loop_
_pdbx_audit_revision_category.ordinal 
_pdbx_audit_revision_category.revision_ordinal 
_pdbx_audit_revision_category.data_content_type 
_pdbx_audit_revision_category.category 
1 3 'Structure model' chem_comp_atom                
2 3 'Structure model' chem_comp_bond                
3 3 'Structure model' database_2                    
4 3 'Structure model' pdbx_initial_refinement_model 
5 3 'Structure model' struct_site                   
# 
loop_
_pdbx_audit_revision_item.ordinal 
_pdbx_audit_revision_item.revision_ordinal 
_pdbx_audit_revision_item.data_content_type 
_pdbx_audit_revision_item.item 
1 3 'Structure model' '_database_2.pdbx_DOI'                
2 3 'Structure model' '_database_2.pdbx_database_accession' 
3 3 'Structure model' '_struct_site.pdbx_auth_asym_id'      
4 3 'Structure model' '_struct_site.pdbx_auth_comp_id'      
5 3 'Structure model' '_struct_site.pdbx_auth_seq_id'       
# 
loop_
_software.name 
_software.classification 
_software.version 
_software.citation_id 
_software.pdbx_ordinal 
HKL-2000 'data collection' .        ? 1 
AMoRE    phasing           .        ? 2 
REFMAC   refinement        5.6.0117 ? 3 
HKL-2000 'data reduction'  .        ? 4 
HKL-2000 'data scaling'    .        ? 5 
# 
loop_
_pdbx_validate_rmsd_bond.id 
_pdbx_validate_rmsd_bond.PDB_model_num 
_pdbx_validate_rmsd_bond.auth_atom_id_1 
_pdbx_validate_rmsd_bond.auth_asym_id_1 
_pdbx_validate_rmsd_bond.auth_comp_id_1 
_pdbx_validate_rmsd_bond.auth_seq_id_1 
_pdbx_validate_rmsd_bond.PDB_ins_code_1 
_pdbx_validate_rmsd_bond.label_alt_id_1 
_pdbx_validate_rmsd_bond.auth_atom_id_2 
_pdbx_validate_rmsd_bond.auth_asym_id_2 
_pdbx_validate_rmsd_bond.auth_comp_id_2 
_pdbx_validate_rmsd_bond.auth_seq_id_2 
_pdbx_validate_rmsd_bond.PDB_ins_code_2 
_pdbx_validate_rmsd_bond.label_alt_id_2 
_pdbx_validate_rmsd_bond.bond_value 
_pdbx_validate_rmsd_bond.bond_target_value 
_pdbx_validate_rmsd_bond.bond_deviation 
_pdbx_validate_rmsd_bond.bond_standard_deviation 
_pdbx_validate_rmsd_bond.linker_flag 
1 1 CD A GLU 12  ? ? OE2 A GLU 12  ? ? 1.153 1.252 -0.099 0.011 N 
2 1 C  A GLY 14  ? ? N   A LYS 16  ? ? 1.576 1.336 0.240  0.023 Y 
3 1 C  A PRO 56  ? ? N   A ASP 59  ? ? 1.550 1.336 0.214  0.023 Y 
4 1 C  A ASP 59  ? ? N   A CYS 61  ? ? 1.551 1.336 0.215  0.023 Y 
5 1 C  A CYS 61  ? ? N   A ASN 67  ? ? 1.527 1.336 0.191  0.023 Y 
6 1 C  A LYS 86  ? ? N   A GLY 88  ? ? 1.640 1.336 0.304  0.023 Y 
7 1 CB A SER 90  ? ? OG  A SER 90  ? ? 1.320 1.418 -0.098 0.013 N 
8 1 C  A ASP 122 ? ? N   A PHE 124 ? ? 1.480 1.336 0.144  0.023 Y 
9 1 C  A LYS 131 ? ? N   A CYS 133 ? ? 1.645 1.336 0.309  0.023 Y 
# 
loop_
_pdbx_validate_rmsd_angle.id 
_pdbx_validate_rmsd_angle.PDB_model_num 
_pdbx_validate_rmsd_angle.auth_atom_id_1 
_pdbx_validate_rmsd_angle.auth_asym_id_1 
_pdbx_validate_rmsd_angle.auth_comp_id_1 
_pdbx_validate_rmsd_angle.auth_seq_id_1 
_pdbx_validate_rmsd_angle.PDB_ins_code_1 
_pdbx_validate_rmsd_angle.label_alt_id_1 
_pdbx_validate_rmsd_angle.auth_atom_id_2 
_pdbx_validate_rmsd_angle.auth_asym_id_2 
_pdbx_validate_rmsd_angle.auth_comp_id_2 
_pdbx_validate_rmsd_angle.auth_seq_id_2 
_pdbx_validate_rmsd_angle.PDB_ins_code_2 
_pdbx_validate_rmsd_angle.label_alt_id_2 
_pdbx_validate_rmsd_angle.auth_atom_id_3 
_pdbx_validate_rmsd_angle.auth_asym_id_3 
_pdbx_validate_rmsd_angle.auth_comp_id_3 
_pdbx_validate_rmsd_angle.auth_seq_id_3 
_pdbx_validate_rmsd_angle.PDB_ins_code_3 
_pdbx_validate_rmsd_angle.label_alt_id_3 
_pdbx_validate_rmsd_angle.angle_value 
_pdbx_validate_rmsd_angle.angle_target_value 
_pdbx_validate_rmsd_angle.angle_deviation 
_pdbx_validate_rmsd_angle.angle_standard_deviation 
_pdbx_validate_rmsd_angle.linker_flag 
1 1 CA A LEU 2   ? ? CB A LEU 2   ? ? CG  A LEU 2   ? ? 138.74 115.30 23.44 2.30 N 
2 1 CB A ASP 59  ? ? CG A ASP 59  ? ? OD2 A ASP 59  ? ? 112.75 118.30 -5.55 0.90 N 
3 1 NE A ARG 72  ? ? CZ A ARG 72  ? ? NH1 A ARG 72  ? ? 115.17 120.30 -5.13 0.50 N 
4 1 NE A ARG 107 ? ? CZ A ARG 107 ? ? NH1 A ARG 107 ? ? 115.76 120.30 -4.54 0.50 N 
# 
_pdbx_validate_torsion.id              1 
_pdbx_validate_torsion.PDB_model_num   1 
_pdbx_validate_torsion.auth_comp_id    SER 
_pdbx_validate_torsion.auth_asym_id    A 
_pdbx_validate_torsion.auth_seq_id     24 
_pdbx_validate_torsion.PDB_ins_code    ? 
_pdbx_validate_torsion.label_alt_id    ? 
_pdbx_validate_torsion.phi             -140.70 
_pdbx_validate_torsion.psi             37.06 
# 
loop_
_pdbx_validate_polymer_linkage.id 
_pdbx_validate_polymer_linkage.PDB_model_num 
_pdbx_validate_polymer_linkage.auth_atom_id_1 
_pdbx_validate_polymer_linkage.auth_asym_id_1 
_pdbx_validate_polymer_linkage.auth_comp_id_1 
_pdbx_validate_polymer_linkage.auth_seq_id_1 
_pdbx_validate_polymer_linkage.PDB_ins_code_1 
_pdbx_validate_polymer_linkage.label_alt_id_1 
_pdbx_validate_polymer_linkage.auth_atom_id_2 
_pdbx_validate_polymer_linkage.auth_asym_id_2 
_pdbx_validate_polymer_linkage.auth_comp_id_2 
_pdbx_validate_polymer_linkage.auth_seq_id_2 
_pdbx_validate_polymer_linkage.PDB_ins_code_2 
_pdbx_validate_polymer_linkage.label_alt_id_2 
_pdbx_validate_polymer_linkage.dist 
1 1 C A LYS 86  ? ? N A GLY 88  ? ? 1.64 
2 1 C A LYS 131 ? ? N A CYS 133 ? ? 1.65 
# 
loop_
_chem_comp_atom.comp_id 
_chem_comp_atom.atom_id 
_chem_comp_atom.type_symbol 
_chem_comp_atom.pdbx_aromatic_flag 
_chem_comp_atom.pdbx_stereo_config 
_chem_comp_atom.pdbx_ordinal 
ALA N      N N N 1   
ALA CA     C N S 2   
ALA C      C N N 3   
ALA O      O N N 4   
ALA CB     C N N 5   
ALA OXT    O N N 6   
ALA H      H N N 7   
ALA H2     H N N 8   
ALA HA     H N N 9   
ALA HB1    H N N 10  
ALA HB2    H N N 11  
ALA HB3    H N N 12  
ALA HXT    H N N 13  
ARG N      N N N 14  
ARG CA     C N S 15  
ARG C      C N N 16  
ARG O      O N N 17  
ARG CB     C N N 18  
ARG CG     C N N 19  
ARG CD     C N N 20  
ARG NE     N N N 21  
ARG CZ     C N N 22  
ARG NH1    N N N 23  
ARG NH2    N N N 24  
ARG OXT    O N N 25  
ARG H      H N N 26  
ARG H2     H N N 27  
ARG HA     H N N 28  
ARG HB2    H N N 29  
ARG HB3    H N N 30  
ARG HG2    H N N 31  
ARG HG3    H N N 32  
ARG HD2    H N N 33  
ARG HD3    H N N 34  
ARG HE     H N N 35  
ARG HH11   H N N 36  
ARG HH12   H N N 37  
ARG HH21   H N N 38  
ARG HH22   H N N 39  
ARG HXT    H N N 40  
ASN N      N N N 41  
ASN CA     C N S 42  
ASN C      C N N 43  
ASN O      O N N 44  
ASN CB     C N N 45  
ASN CG     C N N 46  
ASN OD1    O N N 47  
ASN ND2    N N N 48  
ASN OXT    O N N 49  
ASN H      H N N 50  
ASN H2     H N N 51  
ASN HA     H N N 52  
ASN HB2    H N N 53  
ASN HB3    H N N 54  
ASN HD21   H N N 55  
ASN HD22   H N N 56  
ASN HXT    H N N 57  
ASP N      N N N 58  
ASP CA     C N S 59  
ASP C      C N N 60  
ASP O      O N N 61  
ASP CB     C N N 62  
ASP CG     C N N 63  
ASP OD1    O N N 64  
ASP OD2    O N N 65  
ASP OXT    O N N 66  
ASP H      H N N 67  
ASP H2     H N N 68  
ASP HA     H N N 69  
ASP HB2    H N N 70  
ASP HB3    H N N 71  
ASP HD2    H N N 72  
ASP HXT    H N N 73  
CYS N      N N N 74  
CYS CA     C N R 75  
CYS C      C N N 76  
CYS O      O N N 77  
CYS CB     C N N 78  
CYS SG     S N N 79  
CYS OXT    O N N 80  
CYS H      H N N 81  
CYS H2     H N N 82  
CYS HA     H N N 83  
CYS HB2    H N N 84  
CYS HB3    H N N 85  
CYS HG     H N N 86  
CYS HXT    H N N 87  
GLN N      N N N 88  
GLN CA     C N S 89  
GLN C      C N N 90  
GLN O      O N N 91  
GLN CB     C N N 92  
GLN CG     C N N 93  
GLN CD     C N N 94  
GLN OE1    O N N 95  
GLN NE2    N N N 96  
GLN OXT    O N N 97  
GLN H      H N N 98  
GLN H2     H N N 99  
GLN HA     H N N 100 
GLN HB2    H N N 101 
GLN HB3    H N N 102 
GLN HG2    H N N 103 
GLN HG3    H N N 104 
GLN HE21   H N N 105 
GLN HE22   H N N 106 
GLN HXT    H N N 107 
GLU N      N N N 108 
GLU CA     C N S 109 
GLU C      C N N 110 
GLU O      O N N 111 
GLU CB     C N N 112 
GLU CG     C N N 113 
GLU CD     C N N 114 
GLU OE1    O N N 115 
GLU OE2    O N N 116 
GLU OXT    O N N 117 
GLU H      H N N 118 
GLU H2     H N N 119 
GLU HA     H N N 120 
GLU HB2    H N N 121 
GLU HB3    H N N 122 
GLU HG2    H N N 123 
GLU HG3    H N N 124 
GLU HE2    H N N 125 
GLU HXT    H N N 126 
GLY N      N N N 127 
GLY CA     C N N 128 
GLY C      C N N 129 
GLY O      O N N 130 
GLY OXT    O N N 131 
GLY H      H N N 132 
GLY H2     H N N 133 
GLY HA2    H N N 134 
GLY HA3    H N N 135 
GLY HXT    H N N 136 
HC4 C1     C N N 137 
HC4 O1     O N N 138 
HC4 O2     O N N 139 
HC4 C2     C N N 140 
HC4 C3     C N N 141 
HC4 "C1'"  C Y N 142 
HC4 "C2'"  C Y N 143 
HC4 "C3'"  C Y N 144 
HC4 "C4'"  C Y N 145 
HC4 "C5'"  C Y N 146 
HC4 "C6'"  C Y N 147 
HC4 "O4'"  O N N 148 
HC4 HO2    H N N 149 
HC4 H2     H N N 150 
HC4 H3     H N N 151 
HC4 "H2'"  H N N 152 
HC4 "H3'"  H N N 153 
HC4 "H5'"  H N N 154 
HC4 "H6'"  H N N 155 
HC4 "HO4'" H N N 156 
HIS N      N N N 157 
HIS CA     C N S 158 
HIS C      C N N 159 
HIS O      O N N 160 
HIS CB     C N N 161 
HIS CG     C Y N 162 
HIS ND1    N Y N 163 
HIS CD2    C Y N 164 
HIS CE1    C Y N 165 
HIS NE2    N Y N 166 
HIS OXT    O N N 167 
HIS H      H N N 168 
HIS H2     H N N 169 
HIS HA     H N N 170 
HIS HB2    H N N 171 
HIS HB3    H N N 172 
HIS HD1    H N N 173 
HIS HD2    H N N 174 
HIS HE1    H N N 175 
HIS HE2    H N N 176 
HIS HXT    H N N 177 
HOH O      O N N 178 
HOH H1     H N N 179 
HOH H2     H N N 180 
ILE N      N N N 181 
ILE CA     C N S 182 
ILE C      C N N 183 
ILE O      O N N 184 
ILE CB     C N S 185 
ILE CG1    C N N 186 
ILE CG2    C N N 187 
ILE CD1    C N N 188 
ILE OXT    O N N 189 
ILE H      H N N 190 
ILE H2     H N N 191 
ILE HA     H N N 192 
ILE HB     H N N 193 
ILE HG12   H N N 194 
ILE HG13   H N N 195 
ILE HG21   H N N 196 
ILE HG22   H N N 197 
ILE HG23   H N N 198 
ILE HD11   H N N 199 
ILE HD12   H N N 200 
ILE HD13   H N N 201 
ILE HXT    H N N 202 
LEU N      N N N 203 
LEU CA     C N S 204 
LEU C      C N N 205 
LEU O      O N N 206 
LEU CB     C N N 207 
LEU CG     C N N 208 
LEU CD1    C N N 209 
LEU CD2    C N N 210 
LEU OXT    O N N 211 
LEU H      H N N 212 
LEU H2     H N N 213 
LEU HA     H N N 214 
LEU HB2    H N N 215 
LEU HB3    H N N 216 
LEU HG     H N N 217 
LEU HD11   H N N 218 
LEU HD12   H N N 219 
LEU HD13   H N N 220 
LEU HD21   H N N 221 
LEU HD22   H N N 222 
LEU HD23   H N N 223 
LEU HXT    H N N 224 
LYS N      N N N 225 
LYS CA     C N S 226 
LYS C      C N N 227 
LYS O      O N N 228 
LYS CB     C N N 229 
LYS CG     C N N 230 
LYS CD     C N N 231 
LYS CE     C N N 232 
LYS NZ     N N N 233 
LYS OXT    O N N 234 
LYS H      H N N 235 
LYS H2     H N N 236 
LYS HA     H N N 237 
LYS HB2    H N N 238 
LYS HB3    H N N 239 
LYS HG2    H N N 240 
LYS HG3    H N N 241 
LYS HD2    H N N 242 
LYS HD3    H N N 243 
LYS HE2    H N N 244 
LYS HE3    H N N 245 
LYS HZ1    H N N 246 
LYS HZ2    H N N 247 
LYS HZ3    H N N 248 
LYS HXT    H N N 249 
MET N      N N N 250 
MET CA     C N S 251 
MET C      C N N 252 
MET O      O N N 253 
MET CB     C N N 254 
MET CG     C N N 255 
MET SD     S N N 256 
MET CE     C N N 257 
MET OXT    O N N 258 
MET H      H N N 259 
MET H2     H N N 260 
MET HA     H N N 261 
MET HB2    H N N 262 
MET HB3    H N N 263 
MET HG2    H N N 264 
MET HG3    H N N 265 
MET HE1    H N N 266 
MET HE2    H N N 267 
MET HE3    H N N 268 
MET HXT    H N N 269 
PHE N      N N N 270 
PHE CA     C N S 271 
PHE C      C N N 272 
PHE O      O N N 273 
PHE CB     C N N 274 
PHE CG     C Y N 275 
PHE CD1    C Y N 276 
PHE CD2    C Y N 277 
PHE CE1    C Y N 278 
PHE CE2    C Y N 279 
PHE CZ     C Y N 280 
PHE OXT    O N N 281 
PHE H      H N N 282 
PHE H2     H N N 283 
PHE HA     H N N 284 
PHE HB2    H N N 285 
PHE HB3    H N N 286 
PHE HD1    H N N 287 
PHE HD2    H N N 288 
PHE HE1    H N N 289 
PHE HE2    H N N 290 
PHE HZ     H N N 291 
PHE HXT    H N N 292 
PRO N      N N N 293 
PRO CA     C N S 294 
PRO C      C N N 295 
PRO O      O N N 296 
PRO CB     C N N 297 
PRO CG     C N N 298 
PRO CD     C N N 299 
PRO OXT    O N N 300 
PRO H      H N N 301 
PRO HA     H N N 302 
PRO HB2    H N N 303 
PRO HB3    H N N 304 
PRO HG2    H N N 305 
PRO HG3    H N N 306 
PRO HD2    H N N 307 
PRO HD3    H N N 308 
PRO HXT    H N N 309 
SER N      N N N 310 
SER CA     C N S 311 
SER C      C N N 312 
SER O      O N N 313 
SER CB     C N N 314 
SER OG     O N N 315 
SER OXT    O N N 316 
SER H      H N N 317 
SER H2     H N N 318 
SER HA     H N N 319 
SER HB2    H N N 320 
SER HB3    H N N 321 
SER HG     H N N 322 
SER HXT    H N N 323 
SO4 S      S N N 324 
SO4 O1     O N N 325 
SO4 O2     O N N 326 
SO4 O3     O N N 327 
SO4 O4     O N N 328 
THR N      N N N 329 
THR CA     C N S 330 
THR C      C N N 331 
THR O      O N N 332 
THR CB     C N R 333 
THR OG1    O N N 334 
THR CG2    C N N 335 
THR OXT    O N N 336 
THR H      H N N 337 
THR H2     H N N 338 
THR HA     H N N 339 
THR HB     H N N 340 
THR HG1    H N N 341 
THR HG21   H N N 342 
THR HG22   H N N 343 
THR HG23   H N N 344 
THR HXT    H N N 345 
TRP N      N N N 346 
TRP CA     C N S 347 
TRP C      C N N 348 
TRP O      O N N 349 
TRP CB     C N N 350 
TRP CG     C Y N 351 
TRP CD1    C Y N 352 
TRP CD2    C Y N 353 
TRP NE1    N Y N 354 
TRP CE2    C Y N 355 
TRP CE3    C Y N 356 
TRP CZ2    C Y N 357 
TRP CZ3    C Y N 358 
TRP CH2    C Y N 359 
TRP OXT    O N N 360 
TRP H      H N N 361 
TRP H2     H N N 362 
TRP HA     H N N 363 
TRP HB2    H N N 364 
TRP HB3    H N N 365 
TRP HD1    H N N 366 
TRP HE1    H N N 367 
TRP HE3    H N N 368 
TRP HZ2    H N N 369 
TRP HZ3    H N N 370 
TRP HH2    H N N 371 
TRP HXT    H N N 372 
TYR N      N N N 373 
TYR CA     C N S 374 
TYR C      C N N 375 
TYR O      O N N 376 
TYR CB     C N N 377 
TYR CG     C Y N 378 
TYR CD1    C Y N 379 
TYR CD2    C Y N 380 
TYR CE1    C Y N 381 
TYR CE2    C Y N 382 
TYR CZ     C Y N 383 
TYR OH     O N N 384 
TYR OXT    O N N 385 
TYR H      H N N 386 
TYR H2     H N N 387 
TYR HA     H N N 388 
TYR HB2    H N N 389 
TYR HB3    H N N 390 
TYR HD1    H N N 391 
TYR HD2    H N N 392 
TYR HE1    H N N 393 
TYR HE2    H N N 394 
TYR HH     H N N 395 
TYR HXT    H N N 396 
VAL N      N N N 397 
VAL CA     C N S 398 
VAL C      C N N 399 
VAL O      O N N 400 
VAL CB     C N N 401 
VAL CG1    C N N 402 
VAL CG2    C N N 403 
VAL OXT    O N N 404 
VAL H      H N N 405 
VAL H2     H N N 406 
VAL HA     H N N 407 
VAL HB     H N N 408 
VAL HG11   H N N 409 
VAL HG12   H N N 410 
VAL HG13   H N N 411 
VAL HG21   H N N 412 
VAL HG22   H N N 413 
VAL HG23   H N N 414 
VAL HXT    H N N 415 
# 
loop_
_chem_comp_bond.comp_id 
_chem_comp_bond.atom_id_1 
_chem_comp_bond.atom_id_2 
_chem_comp_bond.value_order 
_chem_comp_bond.pdbx_aromatic_flag 
_chem_comp_bond.pdbx_stereo_config 
_chem_comp_bond.pdbx_ordinal 
ALA N     CA     sing N N 1   
ALA N     H      sing N N 2   
ALA N     H2     sing N N 3   
ALA CA    C      sing N N 4   
ALA CA    CB     sing N N 5   
ALA CA    HA     sing N N 6   
ALA C     O      doub N N 7   
ALA C     OXT    sing N N 8   
ALA CB    HB1    sing N N 9   
ALA CB    HB2    sing N N 10  
ALA CB    HB3    sing N N 11  
ALA OXT   HXT    sing N N 12  
ARG N     CA     sing N N 13  
ARG N     H      sing N N 14  
ARG N     H2     sing N N 15  
ARG CA    C      sing N N 16  
ARG CA    CB     sing N N 17  
ARG CA    HA     sing N N 18  
ARG C     O      doub N N 19  
ARG C     OXT    sing N N 20  
ARG CB    CG     sing N N 21  
ARG CB    HB2    sing N N 22  
ARG CB    HB3    sing N N 23  
ARG CG    CD     sing N N 24  
ARG CG    HG2    sing N N 25  
ARG CG    HG3    sing N N 26  
ARG CD    NE     sing N N 27  
ARG CD    HD2    sing N N 28  
ARG CD    HD3    sing N N 29  
ARG NE    CZ     sing N N 30  
ARG NE    HE     sing N N 31  
ARG CZ    NH1    sing N N 32  
ARG CZ    NH2    doub N N 33  
ARG NH1   HH11   sing N N 34  
ARG NH1   HH12   sing N N 35  
ARG NH2   HH21   sing N N 36  
ARG NH2   HH22   sing N N 37  
ARG OXT   HXT    sing N N 38  
ASN N     CA     sing N N 39  
ASN N     H      sing N N 40  
ASN N     H2     sing N N 41  
ASN CA    C      sing N N 42  
ASN CA    CB     sing N N 43  
ASN CA    HA     sing N N 44  
ASN C     O      doub N N 45  
ASN C     OXT    sing N N 46  
ASN CB    CG     sing N N 47  
ASN CB    HB2    sing N N 48  
ASN CB    HB3    sing N N 49  
ASN CG    OD1    doub N N 50  
ASN CG    ND2    sing N N 51  
ASN ND2   HD21   sing N N 52  
ASN ND2   HD22   sing N N 53  
ASN OXT   HXT    sing N N 54  
ASP N     CA     sing N N 55  
ASP N     H      sing N N 56  
ASP N     H2     sing N N 57  
ASP CA    C      sing N N 58  
ASP CA    CB     sing N N 59  
ASP CA    HA     sing N N 60  
ASP C     O      doub N N 61  
ASP C     OXT    sing N N 62  
ASP CB    CG     sing N N 63  
ASP CB    HB2    sing N N 64  
ASP CB    HB3    sing N N 65  
ASP CG    OD1    doub N N 66  
ASP CG    OD2    sing N N 67  
ASP OD2   HD2    sing N N 68  
ASP OXT   HXT    sing N N 69  
CYS N     CA     sing N N 70  
CYS N     H      sing N N 71  
CYS N     H2     sing N N 72  
CYS CA    C      sing N N 73  
CYS CA    CB     sing N N 74  
CYS CA    HA     sing N N 75  
CYS C     O      doub N N 76  
CYS C     OXT    sing N N 77  
CYS CB    SG     sing N N 78  
CYS CB    HB2    sing N N 79  
CYS CB    HB3    sing N N 80  
CYS SG    HG     sing N N 81  
CYS OXT   HXT    sing N N 82  
GLN N     CA     sing N N 83  
GLN N     H      sing N N 84  
GLN N     H2     sing N N 85  
GLN CA    C      sing N N 86  
GLN CA    CB     sing N N 87  
GLN CA    HA     sing N N 88  
GLN C     O      doub N N 89  
GLN C     OXT    sing N N 90  
GLN CB    CG     sing N N 91  
GLN CB    HB2    sing N N 92  
GLN CB    HB3    sing N N 93  
GLN CG    CD     sing N N 94  
GLN CG    HG2    sing N N 95  
GLN CG    HG3    sing N N 96  
GLN CD    OE1    doub N N 97  
GLN CD    NE2    sing N N 98  
GLN NE2   HE21   sing N N 99  
GLN NE2   HE22   sing N N 100 
GLN OXT   HXT    sing N N 101 
GLU N     CA     sing N N 102 
GLU N     H      sing N N 103 
GLU N     H2     sing N N 104 
GLU CA    C      sing N N 105 
GLU CA    CB     sing N N 106 
GLU CA    HA     sing N N 107 
GLU C     O      doub N N 108 
GLU C     OXT    sing N N 109 
GLU CB    CG     sing N N 110 
GLU CB    HB2    sing N N 111 
GLU CB    HB3    sing N N 112 
GLU CG    CD     sing N N 113 
GLU CG    HG2    sing N N 114 
GLU CG    HG3    sing N N 115 
GLU CD    OE1    doub N N 116 
GLU CD    OE2    sing N N 117 
GLU OE2   HE2    sing N N 118 
GLU OXT   HXT    sing N N 119 
GLY N     CA     sing N N 120 
GLY N     H      sing N N 121 
GLY N     H2     sing N N 122 
GLY CA    C      sing N N 123 
GLY CA    HA2    sing N N 124 
GLY CA    HA3    sing N N 125 
GLY C     O      doub N N 126 
GLY C     OXT    sing N N 127 
GLY OXT   HXT    sing N N 128 
HC4 C1    O1     doub N N 129 
HC4 C1    O2     sing N N 130 
HC4 C1    C2     sing N N 131 
HC4 O2    HO2    sing N N 132 
HC4 C2    C3     doub N E 133 
HC4 C2    H2     sing N N 134 
HC4 C3    "C1'"  sing N N 135 
HC4 C3    H3     sing N N 136 
HC4 "C1'" "C2'"  doub Y N 137 
HC4 "C1'" "C6'"  sing Y N 138 
HC4 "C2'" "C3'"  sing Y N 139 
HC4 "C2'" "H2'"  sing N N 140 
HC4 "C3'" "C4'"  doub Y N 141 
HC4 "C3'" "H3'"  sing N N 142 
HC4 "C4'" "C5'"  sing Y N 143 
HC4 "C4'" "O4'"  sing N N 144 
HC4 "C5'" "C6'"  doub Y N 145 
HC4 "C5'" "H5'"  sing N N 146 
HC4 "C6'" "H6'"  sing N N 147 
HC4 "O4'" "HO4'" sing N N 148 
HIS N     CA     sing N N 149 
HIS N     H      sing N N 150 
HIS N     H2     sing N N 151 
HIS CA    C      sing N N 152 
HIS CA    CB     sing N N 153 
HIS CA    HA     sing N N 154 
HIS C     O      doub N N 155 
HIS C     OXT    sing N N 156 
HIS CB    CG     sing N N 157 
HIS CB    HB2    sing N N 158 
HIS CB    HB3    sing N N 159 
HIS CG    ND1    sing Y N 160 
HIS CG    CD2    doub Y N 161 
HIS ND1   CE1    doub Y N 162 
HIS ND1   HD1    sing N N 163 
HIS CD2   NE2    sing Y N 164 
HIS CD2   HD2    sing N N 165 
HIS CE1   NE2    sing Y N 166 
HIS CE1   HE1    sing N N 167 
HIS NE2   HE2    sing N N 168 
HIS OXT   HXT    sing N N 169 
HOH O     H1     sing N N 170 
HOH O     H2     sing N N 171 
ILE N     CA     sing N N 172 
ILE N     H      sing N N 173 
ILE N     H2     sing N N 174 
ILE CA    C      sing N N 175 
ILE CA    CB     sing N N 176 
ILE CA    HA     sing N N 177 
ILE C     O      doub N N 178 
ILE C     OXT    sing N N 179 
ILE CB    CG1    sing N N 180 
ILE CB    CG2    sing N N 181 
ILE CB    HB     sing N N 182 
ILE CG1   CD1    sing N N 183 
ILE CG1   HG12   sing N N 184 
ILE CG1   HG13   sing N N 185 
ILE CG2   HG21   sing N N 186 
ILE CG2   HG22   sing N N 187 
ILE CG2   HG23   sing N N 188 
ILE CD1   HD11   sing N N 189 
ILE CD1   HD12   sing N N 190 
ILE CD1   HD13   sing N N 191 
ILE OXT   HXT    sing N N 192 
LEU N     CA     sing N N 193 
LEU N     H      sing N N 194 
LEU N     H2     sing N N 195 
LEU CA    C      sing N N 196 
LEU CA    CB     sing N N 197 
LEU CA    HA     sing N N 198 
LEU C     O      doub N N 199 
LEU C     OXT    sing N N 200 
LEU CB    CG     sing N N 201 
LEU CB    HB2    sing N N 202 
LEU CB    HB3    sing N N 203 
LEU CG    CD1    sing N N 204 
LEU CG    CD2    sing N N 205 
LEU CG    HG     sing N N 206 
LEU CD1   HD11   sing N N 207 
LEU CD1   HD12   sing N N 208 
LEU CD1   HD13   sing N N 209 
LEU CD2   HD21   sing N N 210 
LEU CD2   HD22   sing N N 211 
LEU CD2   HD23   sing N N 212 
LEU OXT   HXT    sing N N 213 
LYS N     CA     sing N N 214 
LYS N     H      sing N N 215 
LYS N     H2     sing N N 216 
LYS CA    C      sing N N 217 
LYS CA    CB     sing N N 218 
LYS CA    HA     sing N N 219 
LYS C     O      doub N N 220 
LYS C     OXT    sing N N 221 
LYS CB    CG     sing N N 222 
LYS CB    HB2    sing N N 223 
LYS CB    HB3    sing N N 224 
LYS CG    CD     sing N N 225 
LYS CG    HG2    sing N N 226 
LYS CG    HG3    sing N N 227 
LYS CD    CE     sing N N 228 
LYS CD    HD2    sing N N 229 
LYS CD    HD3    sing N N 230 
LYS CE    NZ     sing N N 231 
LYS CE    HE2    sing N N 232 
LYS CE    HE3    sing N N 233 
LYS NZ    HZ1    sing N N 234 
LYS NZ    HZ2    sing N N 235 
LYS NZ    HZ3    sing N N 236 
LYS OXT   HXT    sing N N 237 
MET N     CA     sing N N 238 
MET N     H      sing N N 239 
MET N     H2     sing N N 240 
MET CA    C      sing N N 241 
MET CA    CB     sing N N 242 
MET CA    HA     sing N N 243 
MET C     O      doub N N 244 
MET C     OXT    sing N N 245 
MET CB    CG     sing N N 246 
MET CB    HB2    sing N N 247 
MET CB    HB3    sing N N 248 
MET CG    SD     sing N N 249 
MET CG    HG2    sing N N 250 
MET CG    HG3    sing N N 251 
MET SD    CE     sing N N 252 
MET CE    HE1    sing N N 253 
MET CE    HE2    sing N N 254 
MET CE    HE3    sing N N 255 
MET OXT   HXT    sing N N 256 
PHE N     CA     sing N N 257 
PHE N     H      sing N N 258 
PHE N     H2     sing N N 259 
PHE CA    C      sing N N 260 
PHE CA    CB     sing N N 261 
PHE CA    HA     sing N N 262 
PHE C     O      doub N N 263 
PHE C     OXT    sing N N 264 
PHE CB    CG     sing N N 265 
PHE CB    HB2    sing N N 266 
PHE CB    HB3    sing N N 267 
PHE CG    CD1    doub Y N 268 
PHE CG    CD2    sing Y N 269 
PHE CD1   CE1    sing Y N 270 
PHE CD1   HD1    sing N N 271 
PHE CD2   CE2    doub Y N 272 
PHE CD2   HD2    sing N N 273 
PHE CE1   CZ     doub Y N 274 
PHE CE1   HE1    sing N N 275 
PHE CE2   CZ     sing Y N 276 
PHE CE2   HE2    sing N N 277 
PHE CZ    HZ     sing N N 278 
PHE OXT   HXT    sing N N 279 
PRO N     CA     sing N N 280 
PRO N     CD     sing N N 281 
PRO N     H      sing N N 282 
PRO CA    C      sing N N 283 
PRO CA    CB     sing N N 284 
PRO CA    HA     sing N N 285 
PRO C     O      doub N N 286 
PRO C     OXT    sing N N 287 
PRO CB    CG     sing N N 288 
PRO CB    HB2    sing N N 289 
PRO CB    HB3    sing N N 290 
PRO CG    CD     sing N N 291 
PRO CG    HG2    sing N N 292 
PRO CG    HG3    sing N N 293 
PRO CD    HD2    sing N N 294 
PRO CD    HD3    sing N N 295 
PRO OXT   HXT    sing N N 296 
SER N     CA     sing N N 297 
SER N     H      sing N N 298 
SER N     H2     sing N N 299 
SER CA    C      sing N N 300 
SER CA    CB     sing N N 301 
SER CA    HA     sing N N 302 
SER C     O      doub N N 303 
SER C     OXT    sing N N 304 
SER CB    OG     sing N N 305 
SER CB    HB2    sing N N 306 
SER CB    HB3    sing N N 307 
SER OG    HG     sing N N 308 
SER OXT   HXT    sing N N 309 
SO4 S     O1     doub N N 310 
SO4 S     O2     doub N N 311 
SO4 S     O3     sing N N 312 
SO4 S     O4     sing N N 313 
THR N     CA     sing N N 314 
THR N     H      sing N N 315 
THR N     H2     sing N N 316 
THR CA    C      sing N N 317 
THR CA    CB     sing N N 318 
THR CA    HA     sing N N 319 
THR C     O      doub N N 320 
THR C     OXT    sing N N 321 
THR CB    OG1    sing N N 322 
THR CB    CG2    sing N N 323 
THR CB    HB     sing N N 324 
THR OG1   HG1    sing N N 325 
THR CG2   HG21   sing N N 326 
THR CG2   HG22   sing N N 327 
THR CG2   HG23   sing N N 328 
THR OXT   HXT    sing N N 329 
TRP N     CA     sing N N 330 
TRP N     H      sing N N 331 
TRP N     H2     sing N N 332 
TRP CA    C      sing N N 333 
TRP CA    CB     sing N N 334 
TRP CA    HA     sing N N 335 
TRP C     O      doub N N 336 
TRP C     OXT    sing N N 337 
TRP CB    CG     sing N N 338 
TRP CB    HB2    sing N N 339 
TRP CB    HB3    sing N N 340 
TRP CG    CD1    doub Y N 341 
TRP CG    CD2    sing Y N 342 
TRP CD1   NE1    sing Y N 343 
TRP CD1   HD1    sing N N 344 
TRP CD2   CE2    doub Y N 345 
TRP CD2   CE3    sing Y N 346 
TRP NE1   CE2    sing Y N 347 
TRP NE1   HE1    sing N N 348 
TRP CE2   CZ2    sing Y N 349 
TRP CE3   CZ3    doub Y N 350 
TRP CE3   HE3    sing N N 351 
TRP CZ2   CH2    doub Y N 352 
TRP CZ2   HZ2    sing N N 353 
TRP CZ3   CH2    sing Y N 354 
TRP CZ3   HZ3    sing N N 355 
TRP CH2   HH2    sing N N 356 
TRP OXT   HXT    sing N N 357 
TYR N     CA     sing N N 358 
TYR N     H      sing N N 359 
TYR N     H2     sing N N 360 
TYR CA    C      sing N N 361 
TYR CA    CB     sing N N 362 
TYR CA    HA     sing N N 363 
TYR C     O      doub N N 364 
TYR C     OXT    sing N N 365 
TYR CB    CG     sing N N 366 
TYR CB    HB2    sing N N 367 
TYR CB    HB3    sing N N 368 
TYR CG    CD1    doub Y N 369 
TYR CG    CD2    sing Y N 370 
TYR CD1   CE1    sing Y N 371 
TYR CD1   HD1    sing N N 372 
TYR CD2   CE2    doub Y N 373 
TYR CD2   HD2    sing N N 374 
TYR CE1   CZ     doub Y N 375 
TYR CE1   HE1    sing N N 376 
TYR CE2   CZ     sing Y N 377 
TYR CE2   HE2    sing N N 378 
TYR CZ    OH     sing N N 379 
TYR OH    HH     sing N N 380 
TYR OXT   HXT    sing N N 381 
VAL N     CA     sing N N 382 
VAL N     H      sing N N 383 
VAL N     H2     sing N N 384 
VAL CA    C      sing N N 385 
VAL CA    CB     sing N N 386 
VAL CA    HA     sing N N 387 
VAL C     O      doub N N 388 
VAL C     OXT    sing N N 389 
VAL CB    CG1    sing N N 390 
VAL CB    CG2    sing N N 391 
VAL CB    HB     sing N N 392 
VAL CG1   HG11   sing N N 393 
VAL CG1   HG12   sing N N 394 
VAL CG1   HG13   sing N N 395 
VAL CG2   HG21   sing N N 396 
VAL CG2   HG22   sing N N 397 
VAL CG2   HG23   sing N N 398 
VAL OXT   HXT    sing N N 399 
# 
loop_
_pdbx_entity_nonpoly.entity_id 
_pdbx_entity_nonpoly.name 
_pdbx_entity_nonpoly.comp_id 
2 'SULFATE ION'             SO4 
3 
;4'-HYDROXYCINNAMIC ACID
;
HC4 
4 water                     HOH 
# 
_pdbx_initial_refinement_model.id               1 
_pdbx_initial_refinement_model.entity_id_list   ? 
_pdbx_initial_refinement_model.type             'experimental model' 
_pdbx_initial_refinement_model.source_name      PDB 
_pdbx_initial_refinement_model.accession_code   1FB2 
_pdbx_initial_refinement_model.details          ? 
# 
